data_1CWT
# 
_entry.id   1CWT 
# 
_audit_conform.dict_name       mmcif_pdbx.dic 
_audit_conform.dict_version    5.385 
_audit_conform.dict_location   http://mmcif.pdb.org/dictionaries/ascii/mmcif_pdbx.dic 
# 
loop_
_database_2.database_id 
_database_2.database_code 
_database_2.pdbx_database_accession 
_database_2.pdbx_DOI 
PDB   1CWT         pdb_00001cwt 10.2210/pdb1cwt/pdb 
RCSB  RCSB009590   ?            ?                   
WWPDB D_1000009590 ?            ?                   
# 
loop_
_pdbx_audit_revision_history.ordinal 
_pdbx_audit_revision_history.data_content_type 
_pdbx_audit_revision_history.major_revision 
_pdbx_audit_revision_history.minor_revision 
_pdbx_audit_revision_history.revision_date 
1 'Structure model' 1 0 2000-08-30 
2 'Structure model' 1 1 2008-04-27 
3 'Structure model' 1 2 2011-07-13 
4 'Structure model' 1 3 2024-02-07 
# 
_pdbx_audit_revision_details.ordinal             1 
_pdbx_audit_revision_details.revision_ordinal    1 
_pdbx_audit_revision_details.data_content_type   'Structure model' 
_pdbx_audit_revision_details.provider            repository 
_pdbx_audit_revision_details.type                'Initial release' 
_pdbx_audit_revision_details.description         ? 
_pdbx_audit_revision_details.details             ? 
# 
loop_
_pdbx_audit_revision_group.ordinal 
_pdbx_audit_revision_group.revision_ordinal 
_pdbx_audit_revision_group.data_content_type 
_pdbx_audit_revision_group.group 
1 2 'Structure model' 'Version format compliance' 
2 3 'Structure model' 'Version format compliance' 
3 4 'Structure model' 'Data collection'           
4 4 'Structure model' 'Database references'       
5 4 'Structure model' 'Derived calculations'      
# 
loop_
_pdbx_audit_revision_category.ordinal 
_pdbx_audit_revision_category.revision_ordinal 
_pdbx_audit_revision_category.data_content_type 
_pdbx_audit_revision_category.category 
1 4 'Structure model' chem_comp_atom 
2 4 'Structure model' chem_comp_bond 
3 4 'Structure model' database_2     
4 4 'Structure model' struct_conn    
5 4 'Structure model' struct_site    
# 
loop_
_pdbx_audit_revision_item.ordinal 
_pdbx_audit_revision_item.revision_ordinal 
_pdbx_audit_revision_item.data_content_type 
_pdbx_audit_revision_item.item 
1  4 'Structure model' '_database_2.pdbx_DOI'                
2  4 'Structure model' '_database_2.pdbx_database_accession' 
3  4 'Structure model' '_struct_conn.ptnr1_auth_comp_id'     
4  4 'Structure model' '_struct_conn.ptnr1_auth_seq_id'      
5  4 'Structure model' '_struct_conn.ptnr1_label_asym_id'    
6  4 'Structure model' '_struct_conn.ptnr1_label_atom_id'    
7  4 'Structure model' '_struct_conn.ptnr1_label_comp_id'    
8  4 'Structure model' '_struct_conn.ptnr1_label_seq_id'     
9  4 'Structure model' '_struct_conn.ptnr2_auth_comp_id'     
10 4 'Structure model' '_struct_conn.ptnr2_auth_seq_id'      
11 4 'Structure model' '_struct_conn.ptnr2_label_asym_id'    
12 4 'Structure model' '_struct_conn.ptnr2_label_atom_id'    
13 4 'Structure model' '_struct_conn.ptnr2_label_comp_id'    
14 4 'Structure model' '_struct_conn.ptnr2_label_seq_id'     
15 4 'Structure model' '_struct_site.pdbx_auth_asym_id'      
16 4 'Structure model' '_struct_site.pdbx_auth_comp_id'      
17 4 'Structure model' '_struct_site.pdbx_auth_seq_id'       
# 
_pdbx_database_status.status_code                     REL 
_pdbx_database_status.entry_id                        1CWT 
_pdbx_database_status.recvd_initial_deposition_date   1999-08-26 
_pdbx_database_status.deposit_site                    RCSB 
_pdbx_database_status.process_site                    RCSB 
_pdbx_database_status.SG_entry                        . 
_pdbx_database_status.pdb_format_compatible           Y 
_pdbx_database_status.status_code_mr                  ? 
_pdbx_database_status.status_code_sf                  ? 
_pdbx_database_status.status_code_cs                  ? 
_pdbx_database_status.status_code_nmr_data            ? 
_pdbx_database_status.methods_development_category    ? 
# 
loop_
_pdbx_database_related.db_name 
_pdbx_database_related.db_id 
_pdbx_database_related.details 
_pdbx_database_related.content_type 
PDB 1QB0 'HIGH RESOLUTION STRUCTURE OF HUMAN CDC25B CATALYTIC DOMAIN'                                       unspecified 
PDB 1CWR 'ROOM TEMPERATURE STRUCTURE OF THE HUMAN CDC25B CATALYTIC DOMAIN WITHOUT OXYANION IN ACTIVE SITE.' unspecified 
PDB 1CWS 'ROOM TEMPERATURE STRUCTURE OF THE HUMAN CDC25B CATALYTIC DOMAIN WITH TUNGSTATE IN ACTIVE SITE.'   unspecified 
# 
loop_
_audit_author.name 
_audit_author.pdbx_ordinal 
'Watenpaugh, K.D.' 1 
'Reynolds, R.A.'   2 
# 
_citation.id                        primary 
_citation.title                     
'Crystal structure of the catalytic subunit of Cdc25B required for G2/M phase transition of the cell cycle.' 
_citation.journal_abbrev            J.Mol.Biol. 
_citation.journal_volume            293 
_citation.page_first                559 
_citation.page_last                 568 
_citation.year                      1999 
_citation.journal_id_ASTM           JMOBAK 
_citation.country                   UK 
_citation.journal_id_ISSN           0022-2836 
_citation.journal_id_CSD            0070 
_citation.book_publisher            ? 
_citation.pdbx_database_id_PubMed   10543950 
_citation.pdbx_database_id_DOI      10.1006/jmbi.1999.3168 
# 
loop_
_citation_author.citation_id 
_citation_author.name 
_citation_author.ordinal 
_citation_author.identifier_ORCID 
primary 'Reynolds, R.A.'   1 ? 
primary 'Yem, A.W.'        2 ? 
primary 'Wolfe, C.L.'      3 ? 
primary 'Deibel Jr., M.R.' 4 ? 
primary 'Chidester, C.G.'  5 ? 
primary 'Watenpaugh, K.D.' 6 ? 
# 
loop_
_entity.id 
_entity.type 
_entity.src_method 
_entity.pdbx_description 
_entity.formula_weight 
_entity.pdbx_number_of_molecules 
_entity.pdbx_ec 
_entity.pdbx_mutation 
_entity.pdbx_fragment 
_entity.details 
1 polymer     man 'CDC25 B-TYPE TYROSINE PHOSPHATASE' 21032.115 1   ? ? 'CATALYTIC DOMAIN' ? 
2 non-polymer syn 'SULFATE ION'                       96.063    2   ? ? ?                  ? 
3 non-polymer syn 'CHLORIDE ION'                      35.453    1   ? ? ?                  ? 
4 non-polymer syn 'METHYL MERCURY ION'                215.625   1   ? ? ?                  ? 
5 water       nat water                               18.015    130 ? ? ?                  ? 
# 
_entity_name_com.entity_id   1 
_entity_name_com.name        'M-PHASE INDUCER PHOSPHATASE 2 (CDC25B)' 
# 
_entity_poly.entity_id                      1 
_entity_poly.type                           'polypeptide(L)' 
_entity_poly.nstd_linkage                   no 
_entity_poly.nstd_monomer                   no 
_entity_poly.pdbx_seq_one_letter_code       
;DHRELIGDYSKAFLLQTVDGKHQDLKYISPETMVALLTGKFSNIVDKFVIVDCRYPYEYEGGHIKTAVNLPLERDAESFL
LKSPIAPCSLDKRVILIFHCEFSSERGPRMCRFIRERDRAVNDYPSLYYPEMYILKGGYKEFFPQHPNFCEPQDYRPMNH
EAFKDELKTFRLKTRSWA
;
_entity_poly.pdbx_seq_one_letter_code_can   
;DHRELIGDYSKAFLLQTVDGKHQDLKYISPETMVALLTGKFSNIVDKFVIVDCRYPYEYEGGHIKTAVNLPLERDAESFL
LKSPIAPCSLDKRVILIFHCEFSSERGPRMCRFIRERDRAVNDYPSLYYPEMYILKGGYKEFFPQHPNFCEPQDYRPMNH
EAFKDELKTFRLKTRSWA
;
_entity_poly.pdbx_strand_id                 A 
_entity_poly.pdbx_target_identifier         ? 
# 
loop_
_pdbx_entity_nonpoly.entity_id 
_pdbx_entity_nonpoly.name 
_pdbx_entity_nonpoly.comp_id 
2 'SULFATE ION'        SO4 
3 'CHLORIDE ION'       CL  
4 'METHYL MERCURY ION' MMC 
5 water                HOH 
# 
loop_
_entity_poly_seq.entity_id 
_entity_poly_seq.num 
_entity_poly_seq.mon_id 
_entity_poly_seq.hetero 
1 1   ASP n 
1 2   HIS n 
1 3   ARG n 
1 4   GLU n 
1 5   LEU n 
1 6   ILE n 
1 7   GLY n 
1 8   ASP n 
1 9   TYR n 
1 10  SER n 
1 11  LYS n 
1 12  ALA n 
1 13  PHE n 
1 14  LEU n 
1 15  LEU n 
1 16  GLN n 
1 17  THR n 
1 18  VAL n 
1 19  ASP n 
1 20  GLY n 
1 21  LYS n 
1 22  HIS n 
1 23  GLN n 
1 24  ASP n 
1 25  LEU n 
1 26  LYS n 
1 27  TYR n 
1 28  ILE n 
1 29  SER n 
1 30  PRO n 
1 31  GLU n 
1 32  THR n 
1 33  MET n 
1 34  VAL n 
1 35  ALA n 
1 36  LEU n 
1 37  LEU n 
1 38  THR n 
1 39  GLY n 
1 40  LYS n 
1 41  PHE n 
1 42  SER n 
1 43  ASN n 
1 44  ILE n 
1 45  VAL n 
1 46  ASP n 
1 47  LYS n 
1 48  PHE n 
1 49  VAL n 
1 50  ILE n 
1 51  VAL n 
1 52  ASP n 
1 53  CYS n 
1 54  ARG n 
1 55  TYR n 
1 56  PRO n 
1 57  TYR n 
1 58  GLU n 
1 59  TYR n 
1 60  GLU n 
1 61  GLY n 
1 62  GLY n 
1 63  HIS n 
1 64  ILE n 
1 65  LYS n 
1 66  THR n 
1 67  ALA n 
1 68  VAL n 
1 69  ASN n 
1 70  LEU n 
1 71  PRO n 
1 72  LEU n 
1 73  GLU n 
1 74  ARG n 
1 75  ASP n 
1 76  ALA n 
1 77  GLU n 
1 78  SER n 
1 79  PHE n 
1 80  LEU n 
1 81  LEU n 
1 82  LYS n 
1 83  SER n 
1 84  PRO n 
1 85  ILE n 
1 86  ALA n 
1 87  PRO n 
1 88  CYS n 
1 89  SER n 
1 90  LEU n 
1 91  ASP n 
1 92  LYS n 
1 93  ARG n 
1 94  VAL n 
1 95  ILE n 
1 96  LEU n 
1 97  ILE n 
1 98  PHE n 
1 99  HIS n 
1 100 CYS n 
1 101 GLU n 
1 102 PHE n 
1 103 SER n 
1 104 SER n 
1 105 GLU n 
1 106 ARG n 
1 107 GLY n 
1 108 PRO n 
1 109 ARG n 
1 110 MET n 
1 111 CYS n 
1 112 ARG n 
1 113 PHE n 
1 114 ILE n 
1 115 ARG n 
1 116 GLU n 
1 117 ARG n 
1 118 ASP n 
1 119 ARG n 
1 120 ALA n 
1 121 VAL n 
1 122 ASN n 
1 123 ASP n 
1 124 TYR n 
1 125 PRO n 
1 126 SER n 
1 127 LEU n 
1 128 TYR n 
1 129 TYR n 
1 130 PRO n 
1 131 GLU n 
1 132 MET n 
1 133 TYR n 
1 134 ILE n 
1 135 LEU n 
1 136 LYS n 
1 137 GLY n 
1 138 GLY n 
1 139 TYR n 
1 140 LYS n 
1 141 GLU n 
1 142 PHE n 
1 143 PHE n 
1 144 PRO n 
1 145 GLN n 
1 146 HIS n 
1 147 PRO n 
1 148 ASN n 
1 149 PHE n 
1 150 CYS n 
1 151 GLU n 
1 152 PRO n 
1 153 GLN n 
1 154 ASP n 
1 155 TYR n 
1 156 ARG n 
1 157 PRO n 
1 158 MET n 
1 159 ASN n 
1 160 HIS n 
1 161 GLU n 
1 162 ALA n 
1 163 PHE n 
1 164 LYS n 
1 165 ASP n 
1 166 GLU n 
1 167 LEU n 
1 168 LYS n 
1 169 THR n 
1 170 PHE n 
1 171 ARG n 
1 172 LEU n 
1 173 LYS n 
1 174 THR n 
1 175 ARG n 
1 176 SER n 
1 177 TRP n 
1 178 ALA n 
# 
_entity_src_gen.entity_id                          1 
_entity_src_gen.pdbx_src_id                        1 
_entity_src_gen.pdbx_alt_source_flag               sample 
_entity_src_gen.pdbx_seq_type                      ? 
_entity_src_gen.pdbx_beg_seq_num                   ? 
_entity_src_gen.pdbx_end_seq_num                   ? 
_entity_src_gen.gene_src_common_name               human 
_entity_src_gen.gene_src_genus                     Homo 
_entity_src_gen.pdbx_gene_src_gene                 CDC25B 
_entity_src_gen.gene_src_species                   ? 
_entity_src_gen.gene_src_strain                    ? 
_entity_src_gen.gene_src_tissue                    ? 
_entity_src_gen.gene_src_tissue_fraction           ? 
_entity_src_gen.gene_src_details                   ? 
_entity_src_gen.pdbx_gene_src_fragment             ? 
_entity_src_gen.pdbx_gene_src_scientific_name      'Homo sapiens' 
_entity_src_gen.pdbx_gene_src_ncbi_taxonomy_id     9606 
_entity_src_gen.pdbx_gene_src_variant              ? 
_entity_src_gen.pdbx_gene_src_cell_line            ? 
_entity_src_gen.pdbx_gene_src_atcc                 ? 
_entity_src_gen.pdbx_gene_src_organ                ? 
_entity_src_gen.pdbx_gene_src_organelle            ? 
_entity_src_gen.pdbx_gene_src_cell                 ? 
_entity_src_gen.pdbx_gene_src_cellular_location    CYTOPLASM 
_entity_src_gen.host_org_common_name               ? 
_entity_src_gen.pdbx_host_org_scientific_name      'Escherichia coli' 
_entity_src_gen.pdbx_host_org_ncbi_taxonomy_id     562 
_entity_src_gen.host_org_genus                     Escherichia 
_entity_src_gen.pdbx_host_org_gene                 ? 
_entity_src_gen.pdbx_host_org_organ                ? 
_entity_src_gen.host_org_species                   ? 
_entity_src_gen.pdbx_host_org_tissue               ? 
_entity_src_gen.pdbx_host_org_tissue_fraction      ? 
_entity_src_gen.pdbx_host_org_strain               JM109 
_entity_src_gen.pdbx_host_org_variant              ? 
_entity_src_gen.pdbx_host_org_cell_line            ? 
_entity_src_gen.pdbx_host_org_atcc                 ? 
_entity_src_gen.pdbx_host_org_culture_collection   ? 
_entity_src_gen.pdbx_host_org_cell                 ? 
_entity_src_gen.pdbx_host_org_organelle            ? 
_entity_src_gen.pdbx_host_org_cellular_location    ? 
_entity_src_gen.pdbx_host_org_vector_type          ? 
_entity_src_gen.pdbx_host_org_vector               XL1-BLUE 
_entity_src_gen.host_org_details                   ? 
_entity_src_gen.expression_system_id               ? 
_entity_src_gen.plasmid_name                       ? 
_entity_src_gen.plasmid_details                    ? 
_entity_src_gen.pdbx_description                   ? 
# 
loop_
_chem_comp.id 
_chem_comp.type 
_chem_comp.mon_nstd_flag 
_chem_comp.name 
_chem_comp.pdbx_synonyms 
_chem_comp.formula 
_chem_comp.formula_weight 
ALA 'L-peptide linking' y ALANINE              ? 'C3 H7 N O2'     89.093  
ARG 'L-peptide linking' y ARGININE             ? 'C6 H15 N4 O2 1' 175.209 
ASN 'L-peptide linking' y ASPARAGINE           ? 'C4 H8 N2 O3'    132.118 
ASP 'L-peptide linking' y 'ASPARTIC ACID'      ? 'C4 H7 N O4'     133.103 
CL  non-polymer         . 'CHLORIDE ION'       ? 'Cl -1'          35.453  
CYS 'L-peptide linking' y CYSTEINE             ? 'C3 H7 N O2 S'   121.158 
GLN 'L-peptide linking' y GLUTAMINE            ? 'C5 H10 N2 O3'   146.144 
GLU 'L-peptide linking' y 'GLUTAMIC ACID'      ? 'C5 H9 N O4'     147.129 
GLY 'peptide linking'   y GLYCINE              ? 'C2 H5 N O2'     75.067  
HIS 'L-peptide linking' y HISTIDINE            ? 'C6 H10 N3 O2 1' 156.162 
HOH non-polymer         . WATER                ? 'H2 O'           18.015  
ILE 'L-peptide linking' y ISOLEUCINE           ? 'C6 H13 N O2'    131.173 
LEU 'L-peptide linking' y LEUCINE              ? 'C6 H13 N O2'    131.173 
LYS 'L-peptide linking' y LYSINE               ? 'C6 H15 N2 O2 1' 147.195 
MET 'L-peptide linking' y METHIONINE           ? 'C5 H11 N O2 S'  149.211 
MMC non-polymer         . 'METHYL MERCURY ION' ? 'C H3 Hg 1'      215.625 
PHE 'L-peptide linking' y PHENYLALANINE        ? 'C9 H11 N O2'    165.189 
PRO 'L-peptide linking' y PROLINE              ? 'C5 H9 N O2'     115.130 
SER 'L-peptide linking' y SERINE               ? 'C3 H7 N O3'     105.093 
SO4 non-polymer         . 'SULFATE ION'        ? 'O4 S -2'        96.063  
THR 'L-peptide linking' y THREONINE            ? 'C4 H9 N O3'     119.119 
TRP 'L-peptide linking' y TRYPTOPHAN           ? 'C11 H12 N2 O2'  204.225 
TYR 'L-peptide linking' y TYROSINE             ? 'C9 H11 N O3'    181.189 
VAL 'L-peptide linking' y VALINE               ? 'C5 H11 N O2'    117.146 
# 
loop_
_pdbx_poly_seq_scheme.asym_id 
_pdbx_poly_seq_scheme.entity_id 
_pdbx_poly_seq_scheme.seq_id 
_pdbx_poly_seq_scheme.mon_id 
_pdbx_poly_seq_scheme.ndb_seq_num 
_pdbx_poly_seq_scheme.pdb_seq_num 
_pdbx_poly_seq_scheme.auth_seq_num 
_pdbx_poly_seq_scheme.pdb_mon_id 
_pdbx_poly_seq_scheme.auth_mon_id 
_pdbx_poly_seq_scheme.pdb_strand_id 
_pdbx_poly_seq_scheme.pdb_ins_code 
_pdbx_poly_seq_scheme.hetero 
A 1 1   ASP 1   374 374 ASP ASP A . n 
A 1 2   HIS 2   375 375 HIS HIS A . n 
A 1 3   ARG 3   376 376 ARG ARG A . n 
A 1 4   GLU 4   377 377 GLU GLU A . n 
A 1 5   LEU 5   378 378 LEU LEU A . n 
A 1 6   ILE 6   379 379 ILE ILE A . n 
A 1 7   GLY 7   380 380 GLY GLY A . n 
A 1 8   ASP 8   381 381 ASP ASP A . n 
A 1 9   TYR 9   382 382 TYR TYR A . n 
A 1 10  SER 10  383 383 SER SER A . n 
A 1 11  LYS 11  384 384 LYS LYS A . n 
A 1 12  ALA 12  385 385 ALA ALA A . n 
A 1 13  PHE 13  386 386 PHE PHE A . n 
A 1 14  LEU 14  387 387 LEU LEU A . n 
A 1 15  LEU 15  388 388 LEU LEU A . n 
A 1 16  GLN 16  389 389 GLN GLN A . n 
A 1 17  THR 17  390 390 THR THR A . n 
A 1 18  VAL 18  391 391 VAL VAL A . n 
A 1 19  ASP 19  392 392 ASP ASP A . n 
A 1 20  GLY 20  393 393 GLY GLY A . n 
A 1 21  LYS 21  394 394 LYS LYS A . n 
A 1 22  HIS 22  395 395 HIS HIS A . n 
A 1 23  GLN 23  396 396 GLN GLN A . n 
A 1 24  ASP 24  397 397 ASP ASP A . n 
A 1 25  LEU 25  398 398 LEU LEU A . n 
A 1 26  LYS 26  399 399 LYS LYS A . n 
A 1 27  TYR 27  400 400 TYR TYR A . n 
A 1 28  ILE 28  401 401 ILE ILE A . n 
A 1 29  SER 29  402 402 SER SER A . n 
A 1 30  PRO 30  403 403 PRO PRO A . n 
A 1 31  GLU 31  404 404 GLU GLU A . n 
A 1 32  THR 32  405 405 THR THR A . n 
A 1 33  MET 33  406 406 MET MET A . n 
A 1 34  VAL 34  407 407 VAL VAL A . n 
A 1 35  ALA 35  408 408 ALA ALA A . n 
A 1 36  LEU 36  409 409 LEU LEU A . n 
A 1 37  LEU 37  410 410 LEU LEU A . n 
A 1 38  THR 38  411 411 THR THR A . n 
A 1 39  GLY 39  412 412 GLY GLY A . n 
A 1 40  LYS 40  413 413 LYS LYS A . n 
A 1 41  PHE 41  414 414 PHE PHE A . n 
A 1 42  SER 42  415 415 SER SER A . n 
A 1 43  ASN 43  416 416 ASN ASN A . n 
A 1 44  ILE 44  417 417 ILE ILE A . n 
A 1 45  VAL 45  418 418 VAL VAL A . n 
A 1 46  ASP 46  419 419 ASP ASP A . n 
A 1 47  LYS 47  420 420 LYS LYS A . n 
A 1 48  PHE 48  421 421 PHE PHE A . n 
A 1 49  VAL 49  422 422 VAL VAL A . n 
A 1 50  ILE 50  423 423 ILE ILE A . n 
A 1 51  VAL 51  424 424 VAL VAL A . n 
A 1 52  ASP 52  425 425 ASP ASP A . n 
A 1 53  CYS 53  426 426 CYS CYS A . n 
A 1 54  ARG 54  427 427 ARG ARG A . n 
A 1 55  TYR 55  428 428 TYR TYR A . n 
A 1 56  PRO 56  429 429 PRO PRO A . n 
A 1 57  TYR 57  430 430 TYR TYR A . n 
A 1 58  GLU 58  431 431 GLU GLU A . n 
A 1 59  TYR 59  432 432 TYR TYR A . n 
A 1 60  GLU 60  433 433 GLU GLU A . n 
A 1 61  GLY 61  434 434 GLY GLY A . n 
A 1 62  GLY 62  435 435 GLY GLY A . n 
A 1 63  HIS 63  436 436 HIS HIS A . n 
A 1 64  ILE 64  437 437 ILE ILE A . n 
A 1 65  LYS 65  438 438 LYS LYS A . n 
A 1 66  THR 66  439 439 THR THR A . n 
A 1 67  ALA 67  440 440 ALA ALA A . n 
A 1 68  VAL 68  441 441 VAL VAL A . n 
A 1 69  ASN 69  442 442 ASN ASN A . n 
A 1 70  LEU 70  443 443 LEU LEU A . n 
A 1 71  PRO 71  444 444 PRO PRO A . n 
A 1 72  LEU 72  445 445 LEU LEU A . n 
A 1 73  GLU 73  446 446 GLU GLU A . n 
A 1 74  ARG 74  447 447 ARG ARG A . n 
A 1 75  ASP 75  448 448 ASP ASP A . n 
A 1 76  ALA 76  449 449 ALA ALA A . n 
A 1 77  GLU 77  450 450 GLU GLU A . n 
A 1 78  SER 78  451 451 SER SER A . n 
A 1 79  PHE 79  452 452 PHE PHE A . n 
A 1 80  LEU 80  453 453 LEU LEU A . n 
A 1 81  LEU 81  454 454 LEU LEU A . n 
A 1 82  LYS 82  455 455 LYS LYS A . n 
A 1 83  SER 83  456 456 SER SER A . n 
A 1 84  PRO 84  457 457 PRO PRO A . n 
A 1 85  ILE 85  458 458 ILE ILE A . n 
A 1 86  ALA 86  459 459 ALA ALA A . n 
A 1 87  PRO 87  460 460 PRO PRO A . n 
A 1 88  CYS 88  461 461 CYS CYS A . n 
A 1 89  SER 89  462 462 SER SER A . n 
A 1 90  LEU 90  463 463 LEU LEU A . n 
A 1 91  ASP 91  464 464 ASP ASP A . n 
A 1 92  LYS 92  465 465 LYS LYS A . n 
A 1 93  ARG 93  466 466 ARG ARG A . n 
A 1 94  VAL 94  467 467 VAL VAL A . n 
A 1 95  ILE 95  468 468 ILE ILE A . n 
A 1 96  LEU 96  469 469 LEU LEU A . n 
A 1 97  ILE 97  470 470 ILE ILE A . n 
A 1 98  PHE 98  471 471 PHE PHE A . n 
A 1 99  HIS 99  472 472 HIS HIS A . n 
A 1 100 CYS 100 473 473 CYS CYS A . n 
A 1 101 GLU 101 474 474 GLU GLU A . n 
A 1 102 PHE 102 475 475 PHE PHE A . n 
A 1 103 SER 103 476 476 SER SER A . n 
A 1 104 SER 104 477 477 SER SER A . n 
A 1 105 GLU 105 478 478 GLU GLU A . n 
A 1 106 ARG 106 479 479 ARG ARG A . n 
A 1 107 GLY 107 480 480 GLY GLY A . n 
A 1 108 PRO 108 481 481 PRO PRO A . n 
A 1 109 ARG 109 482 482 ARG ARG A . n 
A 1 110 MET 110 483 483 MET MET A . n 
A 1 111 CYS 111 484 484 CYS CYS A . n 
A 1 112 ARG 112 485 485 ARG ARG A . n 
A 1 113 PHE 113 486 486 PHE PHE A . n 
A 1 114 ILE 114 487 487 ILE ILE A . n 
A 1 115 ARG 115 488 488 ARG ARG A . n 
A 1 116 GLU 116 489 489 GLU GLU A . n 
A 1 117 ARG 117 490 490 ARG ARG A . n 
A 1 118 ASP 118 491 491 ASP ASP A . n 
A 1 119 ARG 119 492 492 ARG ARG A . n 
A 1 120 ALA 120 493 493 ALA ALA A . n 
A 1 121 VAL 121 494 494 VAL VAL A . n 
A 1 122 ASN 122 495 495 ASN ASN A . n 
A 1 123 ASP 123 496 496 ASP ASP A . n 
A 1 124 TYR 124 497 497 TYR TYR A . n 
A 1 125 PRO 125 498 498 PRO PRO A . n 
A 1 126 SER 126 499 499 SER SER A . n 
A 1 127 LEU 127 500 500 LEU LEU A . n 
A 1 128 TYR 128 501 501 TYR TYR A . n 
A 1 129 TYR 129 502 502 TYR TYR A . n 
A 1 130 PRO 130 503 503 PRO PRO A . n 
A 1 131 GLU 131 504 504 GLU GLU A . n 
A 1 132 MET 132 505 505 MET MET A . n 
A 1 133 TYR 133 506 506 TYR TYR A . n 
A 1 134 ILE 134 507 507 ILE ILE A . n 
A 1 135 LEU 135 508 508 LEU LEU A . n 
A 1 136 LYS 136 509 509 LYS LYS A . n 
A 1 137 GLY 137 510 510 GLY GLY A . n 
A 1 138 GLY 138 511 511 GLY GLY A . n 
A 1 139 TYR 139 512 512 TYR TYR A . n 
A 1 140 LYS 140 513 513 LYS LYS A . n 
A 1 141 GLU 141 514 514 GLU GLU A . n 
A 1 142 PHE 142 515 515 PHE PHE A . n 
A 1 143 PHE 143 516 516 PHE PHE A . n 
A 1 144 PRO 144 517 517 PRO PRO A . n 
A 1 145 GLN 145 518 518 GLN GLN A . n 
A 1 146 HIS 146 519 519 HIS HIS A . n 
A 1 147 PRO 147 520 520 PRO PRO A . n 
A 1 148 ASN 148 521 521 ASN ASN A . n 
A 1 149 PHE 149 522 522 PHE PHE A . n 
A 1 150 CYS 150 523 523 CYS CYS A . n 
A 1 151 GLU 151 524 524 GLU GLU A . n 
A 1 152 PRO 152 525 525 PRO PRO A . n 
A 1 153 GLN 153 526 526 GLN GLN A . n 
A 1 154 ASP 154 527 527 ASP ASP A . n 
A 1 155 TYR 155 528 528 TYR TYR A . n 
A 1 156 ARG 156 529 529 ARG ARG A . n 
A 1 157 PRO 157 530 530 PRO PRO A . n 
A 1 158 MET 158 531 531 MET MET A . n 
A 1 159 ASN 159 532 532 ASN ASN A . n 
A 1 160 HIS 160 533 533 HIS HIS A . n 
A 1 161 GLU 161 534 534 GLU GLU A . n 
A 1 162 ALA 162 535 535 ALA ALA A . n 
A 1 163 PHE 163 536 536 PHE PHE A . n 
A 1 164 LYS 164 537 537 LYS LYS A . n 
A 1 165 ASP 165 538 538 ASP ASP A . n 
A 1 166 GLU 166 539 539 GLU GLU A . n 
A 1 167 LEU 167 540 540 LEU LEU A . n 
A 1 168 LYS 168 541 541 LYS LYS A . n 
A 1 169 THR 169 542 542 THR THR A . n 
A 1 170 PHE 170 543 543 PHE PHE A . n 
A 1 171 ARG 171 544 544 ARG ARG A . n 
A 1 172 LEU 172 545 545 LEU LEU A . n 
A 1 173 LYS 173 546 546 LYS LYS A . n 
A 1 174 THR 174 547 547 THR THR A . n 
A 1 175 ARG 175 548 548 ARG ARG A . n 
A 1 176 SER 176 549 549 SER SER A . n 
A 1 177 TRP 177 550 550 TRP TRP A . n 
A 1 178 ALA 178 551 551 ALA ALA A . n 
# 
loop_
_pdbx_nonpoly_scheme.asym_id 
_pdbx_nonpoly_scheme.entity_id 
_pdbx_nonpoly_scheme.mon_id 
_pdbx_nonpoly_scheme.ndb_seq_num 
_pdbx_nonpoly_scheme.pdb_seq_num 
_pdbx_nonpoly_scheme.auth_seq_num 
_pdbx_nonpoly_scheme.pdb_mon_id 
_pdbx_nonpoly_scheme.auth_mon_id 
_pdbx_nonpoly_scheme.pdb_strand_id 
_pdbx_nonpoly_scheme.pdb_ins_code 
B 2 SO4 1   552 401 SO4 SO4 A . 
C 2 SO4 1   553 402 SO4 SO4 A . 
D 3 CL  1   554 403 CL  CL  A . 
E 4 MMC 1   4   4   MMC HGC A . 
F 5 HOH 1   555 1   HOH HOH A . 
F 5 HOH 2   556 2   HOH HOH A . 
F 5 HOH 3   557 3   HOH HOH A . 
F 5 HOH 4   558 4   HOH HOH A . 
F 5 HOH 5   559 5   HOH HOH A . 
F 5 HOH 6   560 6   HOH HOH A . 
F 5 HOH 7   561 7   HOH HOH A . 
F 5 HOH 8   562 8   HOH HOH A . 
F 5 HOH 9   563 9   HOH HOH A . 
F 5 HOH 10  564 10  HOH HOH A . 
F 5 HOH 11  565 11  HOH HOH A . 
F 5 HOH 12  566 12  HOH HOH A . 
F 5 HOH 13  567 13  HOH HOH A . 
F 5 HOH 14  568 14  HOH HOH A . 
F 5 HOH 15  569 15  HOH HOH A . 
F 5 HOH 16  570 16  HOH HOH A . 
F 5 HOH 17  571 17  HOH HOH A . 
F 5 HOH 18  572 18  HOH HOH A . 
F 5 HOH 19  573 19  HOH HOH A . 
F 5 HOH 20  574 20  HOH HOH A . 
F 5 HOH 21  575 21  HOH HOH A . 
F 5 HOH 22  576 22  HOH HOH A . 
F 5 HOH 23  577 23  HOH HOH A . 
F 5 HOH 24  578 24  HOH HOH A . 
F 5 HOH 25  579 25  HOH HOH A . 
F 5 HOH 26  580 26  HOH HOH A . 
F 5 HOH 27  581 27  HOH HOH A . 
F 5 HOH 28  582 28  HOH HOH A . 
F 5 HOH 29  583 29  HOH HOH A . 
F 5 HOH 30  584 30  HOH HOH A . 
F 5 HOH 31  585 31  HOH HOH A . 
F 5 HOH 32  586 32  HOH HOH A . 
F 5 HOH 33  587 33  HOH HOH A . 
F 5 HOH 34  588 34  HOH HOH A . 
F 5 HOH 35  589 35  HOH HOH A . 
F 5 HOH 36  590 36  HOH HOH A . 
F 5 HOH 37  591 37  HOH HOH A . 
F 5 HOH 38  592 38  HOH HOH A . 
F 5 HOH 39  593 39  HOH HOH A . 
F 5 HOH 40  594 40  HOH HOH A . 
F 5 HOH 41  595 41  HOH HOH A . 
F 5 HOH 42  596 42  HOH HOH A . 
F 5 HOH 43  597 43  HOH HOH A . 
F 5 HOH 44  598 44  HOH HOH A . 
F 5 HOH 45  599 45  HOH HOH A . 
F 5 HOH 46  600 46  HOH HOH A . 
F 5 HOH 47  601 47  HOH HOH A . 
F 5 HOH 48  602 48  HOH HOH A . 
F 5 HOH 49  603 49  HOH HOH A . 
F 5 HOH 50  604 50  HOH HOH A . 
F 5 HOH 51  605 51  HOH HOH A . 
F 5 HOH 52  606 52  HOH HOH A . 
F 5 HOH 53  607 53  HOH HOH A . 
F 5 HOH 54  608 54  HOH HOH A . 
F 5 HOH 55  609 55  HOH HOH A . 
F 5 HOH 56  610 56  HOH HOH A . 
F 5 HOH 57  611 57  HOH HOH A . 
F 5 HOH 58  612 58  HOH HOH A . 
F 5 HOH 59  613 59  HOH HOH A . 
F 5 HOH 60  614 60  HOH HOH A . 
F 5 HOH 61  615 61  HOH HOH A . 
F 5 HOH 62  616 62  HOH HOH A . 
F 5 HOH 63  617 63  HOH HOH A . 
F 5 HOH 64  618 64  HOH HOH A . 
F 5 HOH 65  619 65  HOH HOH A . 
F 5 HOH 66  620 66  HOH HOH A . 
F 5 HOH 67  621 67  HOH HOH A . 
F 5 HOH 68  622 68  HOH HOH A . 
F 5 HOH 69  623 69  HOH HOH A . 
F 5 HOH 70  624 70  HOH HOH A . 
F 5 HOH 71  625 71  HOH HOH A . 
F 5 HOH 72  626 72  HOH HOH A . 
F 5 HOH 73  627 73  HOH HOH A . 
F 5 HOH 74  628 74  HOH HOH A . 
F 5 HOH 75  629 75  HOH HOH A . 
F 5 HOH 76  630 76  HOH HOH A . 
F 5 HOH 77  631 77  HOH HOH A . 
F 5 HOH 78  632 78  HOH HOH A . 
F 5 HOH 79  633 79  HOH HOH A . 
F 5 HOH 80  634 80  HOH HOH A . 
F 5 HOH 81  635 81  HOH HOH A . 
F 5 HOH 82  636 82  HOH HOH A . 
F 5 HOH 83  637 83  HOH HOH A . 
F 5 HOH 84  638 84  HOH HOH A . 
F 5 HOH 85  639 85  HOH HOH A . 
F 5 HOH 86  640 86  HOH HOH A . 
F 5 HOH 87  641 87  HOH HOH A . 
F 5 HOH 88  642 88  HOH HOH A . 
F 5 HOH 89  643 89  HOH HOH A . 
F 5 HOH 90  644 90  HOH HOH A . 
F 5 HOH 91  645 91  HOH HOH A . 
F 5 HOH 92  646 92  HOH HOH A . 
F 5 HOH 93  647 93  HOH HOH A . 
F 5 HOH 94  648 94  HOH HOH A . 
F 5 HOH 95  649 95  HOH HOH A . 
F 5 HOH 96  650 96  HOH HOH A . 
F 5 HOH 97  651 97  HOH HOH A . 
F 5 HOH 98  652 98  HOH HOH A . 
F 5 HOH 99  653 99  HOH HOH A . 
F 5 HOH 100 654 100 HOH HOH A . 
F 5 HOH 101 655 101 HOH HOH A . 
F 5 HOH 102 656 102 HOH HOH A . 
F 5 HOH 103 657 103 HOH HOH A . 
F 5 HOH 104 658 104 HOH HOH A . 
F 5 HOH 105 659 105 HOH HOH A . 
F 5 HOH 106 660 106 HOH HOH A . 
F 5 HOH 107 661 107 HOH HOH A . 
F 5 HOH 108 662 108 HOH HOH A . 
F 5 HOH 109 663 109 HOH HOH A . 
F 5 HOH 110 664 110 HOH HOH A . 
F 5 HOH 111 665 111 HOH HOH A . 
F 5 HOH 112 666 112 HOH HOH A . 
F 5 HOH 113 667 113 HOH HOH A . 
F 5 HOH 114 668 114 HOH HOH A . 
F 5 HOH 115 669 115 HOH HOH A . 
F 5 HOH 116 670 116 HOH HOH A . 
F 5 HOH 117 671 117 HOH HOH A . 
F 5 HOH 118 672 118 HOH HOH A . 
F 5 HOH 119 673 119 HOH HOH A . 
F 5 HOH 120 674 120 HOH HOH A . 
F 5 HOH 121 675 121 HOH HOH A . 
F 5 HOH 122 676 122 HOH HOH A . 
F 5 HOH 123 677 123 HOH HOH A . 
F 5 HOH 124 678 124 HOH HOH A . 
F 5 HOH 125 679 125 HOH HOH A . 
F 5 HOH 126 680 126 HOH HOH A . 
F 5 HOH 127 681 127 HOH HOH A . 
F 5 HOH 128 682 128 HOH HOH A . 
F 5 HOH 129 683 129 HOH HOH A . 
F 5 HOH 130 684 130 HOH HOH A . 
# 
loop_
_pdbx_unobs_or_zero_occ_atoms.id 
_pdbx_unobs_or_zero_occ_atoms.PDB_model_num 
_pdbx_unobs_or_zero_occ_atoms.polymer_flag 
_pdbx_unobs_or_zero_occ_atoms.occupancy_flag 
_pdbx_unobs_or_zero_occ_atoms.auth_asym_id 
_pdbx_unobs_or_zero_occ_atoms.auth_comp_id 
_pdbx_unobs_or_zero_occ_atoms.auth_seq_id 
_pdbx_unobs_or_zero_occ_atoms.PDB_ins_code 
_pdbx_unobs_or_zero_occ_atoms.auth_atom_id 
_pdbx_unobs_or_zero_occ_atoms.label_alt_id 
_pdbx_unobs_or_zero_occ_atoms.label_asym_id 
_pdbx_unobs_or_zero_occ_atoms.label_comp_id 
_pdbx_unobs_or_zero_occ_atoms.label_seq_id 
_pdbx_unobs_or_zero_occ_atoms.label_atom_id 
1 1 Y 1 A ALA 551 ? CA ? A ALA 178 CA 
2 1 Y 1 A ALA 551 ? C  ? A ALA 178 C  
3 1 Y 1 A ALA 551 ? O  ? A ALA 178 O  
4 1 Y 1 A ALA 551 ? CB ? A ALA 178 CB 
# 
loop_
_software.name 
_software.classification 
_software.version 
_software.citation_id 
_software.pdbx_ordinal 
XTAL3.0   'model building' .        ? 1 
SHELXL-97 refinement       .        ? 2 
SADIE     'data reduction' .        ? 3 
SAINT     'data scaling'   .        ? 4 
XTAL      phasing          'V. 3.0' ? 5 
# 
_cell.entry_id           1CWT 
_cell.length_a           52.166 
_cell.length_b           72.378 
_cell.length_c           75.553 
_cell.angle_alpha        90.00 
_cell.angle_beta         90.00 
_cell.angle_gamma        90.00 
_cell.Z_PDB              4 
_cell.pdbx_unique_axis   ? 
# 
_symmetry.entry_id                         1CWT 
_symmetry.space_group_name_H-M             'P 21 21 21' 
_symmetry.pdbx_full_space_group_name_H-M   ? 
_symmetry.cell_setting                     ? 
_symmetry.Int_Tables_number                19 
# 
_exptl.entry_id          1CWT 
_exptl.method            'X-RAY DIFFRACTION' 
_exptl.crystals_number   1 
# 
_exptl_crystal.id                    1 
_exptl_crystal.density_meas          ? 
_exptl_crystal.density_Matthews      3.39 
_exptl_crystal.density_percent_sol   63.70 
_exptl_crystal.description           ? 
# 
_exptl_crystal_grow.crystal_id      1 
_exptl_crystal_grow.method          ? 
_exptl_crystal_grow.temp            ? 
_exptl_crystal_grow.temp_details    ? 
_exptl_crystal_grow.pH              9.0 
_exptl_crystal_grow.pdbx_details    
;4 MICROLITERS PROTEIN (10 MG/ ML IN 50 MM TRISHCL, CH(3)HGCL,1% BME AT PH 9.0) MIXED WITH 4 MICROLITERS WELL BUFFER (1.8 (NH4)2SO4, 0.5 M NACL, 0.1 M TRISHCL, 0.25 BME) AT 4 DEG. C
;
_exptl_crystal_grow.pdbx_pH_range   ? 
# 
_diffrn.id                     1 
_diffrn.ambient_temp           293.0 
_diffrn.ambient_temp_details   ? 
_diffrn.crystal_id             1 
# 
_diffrn_detector.diffrn_id              1 
_diffrn_detector.detector               'AREA DETECTOR' 
_diffrn_detector.type                   'SIEMENS HI-STAR' 
_diffrn_detector.pdbx_collection_date   1997-07-09 
_diffrn_detector.details                ? 
# 
_diffrn_radiation.diffrn_id                        1 
_diffrn_radiation.wavelength_id                    1 
_diffrn_radiation.pdbx_monochromatic_or_laue_m_l   M 
_diffrn_radiation.monochromator                    GRAPHITE 
_diffrn_radiation.pdbx_diffrn_protocol             'SINGLE WAVELENGTH' 
_diffrn_radiation.pdbx_scattering_type             x-ray 
# 
_diffrn_radiation_wavelength.id           1 
_diffrn_radiation_wavelength.wavelength   1.5418 
_diffrn_radiation_wavelength.wt           1.0 
# 
_diffrn_source.diffrn_id                   1 
_diffrn_source.source                      'ROTATING ANODE' 
_diffrn_source.type                        SIEMENS 
_diffrn_source.pdbx_synchrotron_site       ? 
_diffrn_source.pdbx_synchrotron_beamline   ? 
_diffrn_source.pdbx_wavelength             1.5418 
_diffrn_source.pdbx_wavelength_list        ? 
# 
_reflns.entry_id                     1CWT 
_reflns.observed_criterion_sigma_I   0.0 
_reflns.observed_criterion_sigma_F   ? 
_reflns.d_resolution_low             20.0 
_reflns.d_resolution_high            1.91 
_reflns.number_obs                   17378 
_reflns.number_all                   ? 
_reflns.percent_possible_obs         94.0 
_reflns.pdbx_Rmerge_I_obs            0.066 
_reflns.pdbx_Rsym_value              ? 
_reflns.pdbx_netI_over_sigmaI        28.5 
_reflns.B_iso_Wilson_estimate        ? 
_reflns.pdbx_redundancy              1.3 
_reflns.R_free_details               ? 
_reflns.limit_h_max                  ? 
_reflns.limit_h_min                  ? 
_reflns.limit_k_max                  ? 
_reflns.limit_k_min                  ? 
_reflns.limit_l_max                  ? 
_reflns.limit_l_min                  ? 
_reflns.observed_criterion_F_max     ? 
_reflns.observed_criterion_F_min     ? 
_reflns.pdbx_diffrn_id               1 
_reflns.pdbx_ordinal                 1 
# 
_reflns_shell.d_res_high             2.30 
_reflns_shell.d_res_low              2.40 
_reflns_shell.percent_possible_all   62.3 
_reflns_shell.Rmerge_I_obs           0.31 
_reflns_shell.pdbx_Rsym_value        ? 
_reflns_shell.meanI_over_sigI_obs    2.3 
_reflns_shell.pdbx_redundancy        ? 
_reflns_shell.percent_possible_obs   ? 
_reflns_shell.number_unique_all      ? 
_reflns_shell.pdbx_diffrn_id         ? 
_reflns_shell.pdbx_ordinal           1 
# 
_refine.entry_id                                 1CWT 
_refine.ls_number_reflns_obs                     ? 
_refine.ls_number_reflns_all                     11361 
_refine.pdbx_ls_sigma_I                          ? 
_refine.pdbx_ls_sigma_F                          4.0 
_refine.pdbx_data_cutoff_high_absF               ? 
_refine.pdbx_data_cutoff_low_absF                ? 
_refine.pdbx_data_cutoff_high_rms_absF           ? 
_refine.ls_d_res_low                             10.0 
_refine.ls_d_res_high                            2.30 
_refine.ls_percent_reflns_obs                    ? 
_refine.ls_R_factor_obs                          ? 
_refine.ls_R_factor_all                          0.168 
_refine.ls_R_factor_R_work                       ? 
_refine.ls_R_factor_R_free                       ? 
_refine.ls_R_factor_R_free_error                 ? 
_refine.ls_R_factor_R_free_error_details         ? 
_refine.ls_percent_reflns_R_free                 ? 
_refine.ls_number_reflns_R_free                  ? 
_refine.ls_number_parameters                     ? 
_refine.ls_number_restraints                     ? 
_refine.occupancy_min                            ? 
_refine.occupancy_max                            ? 
_refine.B_iso_mean                               ? 
_refine.aniso_B[1][1]                            ? 
_refine.aniso_B[2][2]                            ? 
_refine.aniso_B[3][3]                            ? 
_refine.aniso_B[1][2]                            ? 
_refine.aniso_B[1][3]                            ? 
_refine.aniso_B[2][3]                            ? 
_refine.solvent_model_details                    ? 
_refine.solvent_model_param_ksol                 ? 
_refine.solvent_model_param_bsol                 ? 
_refine.pdbx_ls_cross_valid_method               ? 
_refine.details                                  ? 
_refine.pdbx_starting_model                      ? 
_refine.pdbx_method_to_determine_struct          MIR 
_refine.pdbx_isotropic_thermal_model             ? 
_refine.pdbx_stereochemistry_target_values       'ENGH & HUBER' 
_refine.pdbx_stereochem_target_val_spec_case     ? 
_refine.pdbx_R_Free_selection_details            ? 
_refine.pdbx_overall_ESU_R                       ? 
_refine.pdbx_overall_ESU_R_Free                  ? 
_refine.overall_SU_ML                            ? 
_refine.overall_SU_B                             ? 
_refine.ls_redundancy_reflns_obs                 ? 
_refine.B_iso_min                                ? 
_refine.B_iso_max                                ? 
_refine.pdbx_refine_id                           'X-RAY DIFFRACTION' 
_refine.pdbx_diffrn_id                           1 
_refine.pdbx_TLS_residual_ADP_flag               ? 
_refine.correlation_coeff_Fo_to_Fc               ? 
_refine.correlation_coeff_Fo_to_Fc_free          ? 
_refine.pdbx_solvent_vdw_probe_radii             ? 
_refine.pdbx_solvent_ion_probe_radii             ? 
_refine.pdbx_solvent_shrinkage_radii             ? 
_refine.pdbx_overall_phase_error                 ? 
_refine.overall_SU_R_Cruickshank_DPI             ? 
_refine.pdbx_overall_SU_R_free_Cruickshank_DPI   ? 
_refine.pdbx_overall_SU_R_Blow_DPI               ? 
_refine.pdbx_overall_SU_R_free_Blow_DPI          ? 
# 
_refine_hist.pdbx_refine_id                   'X-RAY DIFFRACTION' 
_refine_hist.cycle_id                         LAST 
_refine_hist.pdbx_number_atoms_protein        1476 
_refine_hist.pdbx_number_atoms_nucleic_acid   0 
_refine_hist.pdbx_number_atoms_ligand         13 
_refine_hist.number_atoms_solvent             130 
_refine_hist.number_atoms_total               1619 
_refine_hist.d_res_high                       2.30 
_refine_hist.d_res_low                        10.0 
# 
_pdbx_refine.entry_id                                    1CWT 
_pdbx_refine.R_factor_all_no_cutoff                      0.168 
_pdbx_refine.R_factor_obs_no_cutoff                      ? 
_pdbx_refine.free_R_factor_no_cutoff                     ? 
_pdbx_refine.free_R_val_test_set_size_perc_no_cutoff     ? 
_pdbx_refine.free_R_val_test_set_ct_no_cutoff            ? 
_pdbx_refine.R_factor_all_4sig_cutoff                    0.146 
_pdbx_refine.R_factor_obs_4sig_cutoff                    ? 
_pdbx_refine.free_R_factor_4sig_cutoff                   0.194 
_pdbx_refine.free_R_val_test_set_size_perc_4sig_cutoff   5.00 
_pdbx_refine.free_R_val_test_set_ct_4sig_cutoff          472 
_pdbx_refine.number_reflns_obs_4sig_cutoff               8778 
_pdbx_refine.number_reflns_obs_no_cutoff                 ? 
_pdbx_refine.pdbx_refine_id                              'X-RAY DIFFRACTION' 
_pdbx_refine.free_R_error_no_cutoff                      ? 
# 
_struct.entry_id                  1CWT 
_struct.title                     'HUMAN CDC25B CATALYTIC DOMAIN WITH METHYL MERCURY' 
_struct.pdbx_model_details        ? 
_struct.pdbx_CASP_flag            ? 
_struct.pdbx_model_type_details   ? 
# 
_struct_keywords.entry_id        1CWT 
_struct_keywords.pdbx_keywords   'CELL CYCLE' 
_struct_keywords.text            
'HYDROLASE, CELL CYCLE PHOSPHATASE, DUAL SPECIFICITY PROTEIN PHOSPHATASE, CDC25, CDC25B, CELL CYCLE' 
# 
loop_
_struct_asym.id 
_struct_asym.pdbx_blank_PDB_chainid_flag 
_struct_asym.pdbx_modified 
_struct_asym.entity_id 
_struct_asym.details 
A N N 1 ? 
B N N 2 ? 
C N N 2 ? 
D N N 3 ? 
E N N 4 ? 
F N N 5 ? 
# 
_struct_ref.id                         1 
_struct_ref.db_name                    UNP 
_struct_ref.db_code                    MPIP2_HUMAN 
_struct_ref.entity_id                  1 
_struct_ref.pdbx_db_accession          P30305 
_struct_ref.pdbx_align_begin           ? 
_struct_ref.pdbx_seq_one_letter_code   ? 
_struct_ref.pdbx_db_isoform            ? 
# 
_struct_ref_seq.align_id                      1 
_struct_ref_seq.ref_id                        1 
_struct_ref_seq.pdbx_PDB_id_code              1CWT 
_struct_ref_seq.pdbx_strand_id                A 
_struct_ref_seq.seq_align_beg                 1 
_struct_ref_seq.pdbx_seq_align_beg_ins_code   ? 
_struct_ref_seq.seq_align_end                 178 
_struct_ref_seq.pdbx_seq_align_end_ins_code   ? 
_struct_ref_seq.pdbx_db_accession             P30305 
_struct_ref_seq.db_align_beg                  347 
_struct_ref_seq.pdbx_db_align_beg_ins_code    ? 
_struct_ref_seq.db_align_end                  524 
_struct_ref_seq.pdbx_db_align_end_ins_code    ? 
_struct_ref_seq.pdbx_auth_seq_align_beg       374 
_struct_ref_seq.pdbx_auth_seq_align_end       551 
# 
_pdbx_struct_assembly.id                   1 
_pdbx_struct_assembly.details              author_defined_assembly 
_pdbx_struct_assembly.method_details       ? 
_pdbx_struct_assembly.oligomeric_details   monomeric 
_pdbx_struct_assembly.oligomeric_count     1 
# 
_pdbx_struct_assembly_gen.assembly_id       1 
_pdbx_struct_assembly_gen.oper_expression   1 
_pdbx_struct_assembly_gen.asym_id_list      A,B,C,D,E,F 
# 
_pdbx_struct_oper_list.id                   1 
_pdbx_struct_oper_list.type                 'identity operation' 
_pdbx_struct_oper_list.name                 1_555 
_pdbx_struct_oper_list.symmetry_operation   x,y,z 
_pdbx_struct_oper_list.matrix[1][1]         1.0000000000 
_pdbx_struct_oper_list.matrix[1][2]         0.0000000000 
_pdbx_struct_oper_list.matrix[1][3]         0.0000000000 
_pdbx_struct_oper_list.vector[1]            0.0000000000 
_pdbx_struct_oper_list.matrix[2][1]         0.0000000000 
_pdbx_struct_oper_list.matrix[2][2]         1.0000000000 
_pdbx_struct_oper_list.matrix[2][3]         0.0000000000 
_pdbx_struct_oper_list.vector[2]            0.0000000000 
_pdbx_struct_oper_list.matrix[3][1]         0.0000000000 
_pdbx_struct_oper_list.matrix[3][2]         0.0000000000 
_pdbx_struct_oper_list.matrix[3][3]         1.0000000000 
_pdbx_struct_oper_list.vector[3]            0.0000000000 
# 
_struct_biol.id   1 
# 
loop_
_struct_conf.conf_type_id 
_struct_conf.id 
_struct_conf.pdbx_PDB_helix_id 
_struct_conf.beg_label_comp_id 
_struct_conf.beg_label_asym_id 
_struct_conf.beg_label_seq_id 
_struct_conf.pdbx_beg_PDB_ins_code 
_struct_conf.end_label_comp_id 
_struct_conf.end_label_asym_id 
_struct_conf.end_label_seq_id 
_struct_conf.pdbx_end_PDB_ins_code 
_struct_conf.beg_auth_comp_id 
_struct_conf.beg_auth_asym_id 
_struct_conf.beg_auth_seq_id 
_struct_conf.end_auth_comp_id 
_struct_conf.end_auth_asym_id 
_struct_conf.end_auth_seq_id 
_struct_conf.pdbx_PDB_helix_class 
_struct_conf.details 
_struct_conf.pdbx_PDB_helix_length 
HELX_P HELX_P1 1 ILE A 28  ? THR A 38  ? ILE A 401 THR A 411 1 ? 11 
HELX_P HELX_P2 2 PRO A 56  ? GLY A 61  ? PRO A 429 GLY A 434 1 ? 6  
HELX_P HELX_P3 3 GLU A 73  ? LEU A 81  ? GLU A 446 LEU A 454 1 ? 9  
HELX_P HELX_P4 4 GLU A 105 ? VAL A 121 ? GLU A 478 VAL A 494 1 ? 17 
HELX_P HELX_P5 5 GLY A 138 ? PHE A 142 ? GLY A 511 PHE A 515 1 ? 5  
HELX_P HELX_P6 6 GLU A 161 ? LYS A 173 ? GLU A 534 LYS A 546 1 ? 13 
# 
_struct_conf_type.id          HELX_P 
_struct_conf_type.criteria    ? 
_struct_conf_type.reference   ? 
# 
loop_
_struct_conn.id 
_struct_conn.conn_type_id 
_struct_conn.pdbx_leaving_atom_flag 
_struct_conn.pdbx_PDB_id 
_struct_conn.ptnr1_label_asym_id 
_struct_conn.ptnr1_label_comp_id 
_struct_conn.ptnr1_label_seq_id 
_struct_conn.ptnr1_label_atom_id 
_struct_conn.pdbx_ptnr1_label_alt_id 
_struct_conn.pdbx_ptnr1_PDB_ins_code 
_struct_conn.pdbx_ptnr1_standard_comp_id 
_struct_conn.ptnr1_symmetry 
_struct_conn.ptnr2_label_asym_id 
_struct_conn.ptnr2_label_comp_id 
_struct_conn.ptnr2_label_seq_id 
_struct_conn.ptnr2_label_atom_id 
_struct_conn.pdbx_ptnr2_label_alt_id 
_struct_conn.pdbx_ptnr2_PDB_ins_code 
_struct_conn.ptnr1_auth_asym_id 
_struct_conn.ptnr1_auth_comp_id 
_struct_conn.ptnr1_auth_seq_id 
_struct_conn.ptnr2_auth_asym_id 
_struct_conn.ptnr2_auth_comp_id 
_struct_conn.ptnr2_auth_seq_id 
_struct_conn.ptnr2_symmetry 
_struct_conn.pdbx_ptnr3_label_atom_id 
_struct_conn.pdbx_ptnr3_label_seq_id 
_struct_conn.pdbx_ptnr3_label_comp_id 
_struct_conn.pdbx_ptnr3_label_asym_id 
_struct_conn.pdbx_ptnr3_label_alt_id 
_struct_conn.pdbx_ptnr3_PDB_ins_code 
_struct_conn.details 
_struct_conn.pdbx_dist_value 
_struct_conn.pdbx_value_order 
_struct_conn.pdbx_role 
metalc1 metalc ? ? E MMC . HG ? ? ? 1_555 A CYS 111 SG ? ? A MMC 4 A CYS 484 1_555 ? ? ? ? ? ? ? 2.298 ? ? 
metalc2 metalc ? ? E MMC . HG ? ? ? 1_555 A CYS 111 O  ? ? A MMC 4 A CYS 484 1_555 ? ? ? ? ? ? ? 3.302 ? ? 
# 
_struct_conn_type.id          metalc 
_struct_conn_type.criteria    ? 
_struct_conn_type.reference   ? 
# 
loop_
_pdbx_struct_conn_angle.id 
_pdbx_struct_conn_angle.ptnr1_label_atom_id 
_pdbx_struct_conn_angle.ptnr1_label_alt_id 
_pdbx_struct_conn_angle.ptnr1_label_asym_id 
_pdbx_struct_conn_angle.ptnr1_label_comp_id 
_pdbx_struct_conn_angle.ptnr1_label_seq_id 
_pdbx_struct_conn_angle.ptnr1_auth_atom_id 
_pdbx_struct_conn_angle.ptnr1_auth_asym_id 
_pdbx_struct_conn_angle.ptnr1_auth_comp_id 
_pdbx_struct_conn_angle.ptnr1_auth_seq_id 
_pdbx_struct_conn_angle.ptnr1_PDB_ins_code 
_pdbx_struct_conn_angle.ptnr1_symmetry 
_pdbx_struct_conn_angle.ptnr2_label_atom_id 
_pdbx_struct_conn_angle.ptnr2_label_alt_id 
_pdbx_struct_conn_angle.ptnr2_label_asym_id 
_pdbx_struct_conn_angle.ptnr2_label_comp_id 
_pdbx_struct_conn_angle.ptnr2_label_seq_id 
_pdbx_struct_conn_angle.ptnr2_auth_atom_id 
_pdbx_struct_conn_angle.ptnr2_auth_asym_id 
_pdbx_struct_conn_angle.ptnr2_auth_comp_id 
_pdbx_struct_conn_angle.ptnr2_auth_seq_id 
_pdbx_struct_conn_angle.ptnr2_PDB_ins_code 
_pdbx_struct_conn_angle.ptnr2_symmetry 
_pdbx_struct_conn_angle.ptnr3_label_atom_id 
_pdbx_struct_conn_angle.ptnr3_label_alt_id 
_pdbx_struct_conn_angle.ptnr3_label_asym_id 
_pdbx_struct_conn_angle.ptnr3_label_comp_id 
_pdbx_struct_conn_angle.ptnr3_label_seq_id 
_pdbx_struct_conn_angle.ptnr3_auth_atom_id 
_pdbx_struct_conn_angle.ptnr3_auth_asym_id 
_pdbx_struct_conn_angle.ptnr3_auth_comp_id 
_pdbx_struct_conn_angle.ptnr3_auth_seq_id 
_pdbx_struct_conn_angle.ptnr3_PDB_ins_code 
_pdbx_struct_conn_angle.ptnr3_symmetry 
_pdbx_struct_conn_angle.value 
_pdbx_struct_conn_angle.value_esd 
1 SG ? A CYS 111 ? A CYS 484 ? 1_555 HG ? E MMC . ? A MMC 4 ? 1_555 C ? E MMC .   ? A MMC 4   ? 1_555 163.5 ? 
2 SG ? A CYS 111 ? A CYS 484 ? 1_555 HG ? E MMC . ? A MMC 4 ? 1_555 O ? A CYS 111 ? A CYS 484 ? 1_555 80.6  ? 
3 C  ? E MMC .   ? A MMC 4   ? 1_555 HG ? E MMC . ? A MMC 4 ? 1_555 O ? A CYS 111 ? A CYS 484 ? 1_555 111.6 ? 
# 
loop_
_struct_mon_prot_cis.pdbx_id 
_struct_mon_prot_cis.label_comp_id 
_struct_mon_prot_cis.label_seq_id 
_struct_mon_prot_cis.label_asym_id 
_struct_mon_prot_cis.label_alt_id 
_struct_mon_prot_cis.pdbx_PDB_ins_code 
_struct_mon_prot_cis.auth_comp_id 
_struct_mon_prot_cis.auth_seq_id 
_struct_mon_prot_cis.auth_asym_id 
_struct_mon_prot_cis.pdbx_label_comp_id_2 
_struct_mon_prot_cis.pdbx_label_seq_id_2 
_struct_mon_prot_cis.pdbx_label_asym_id_2 
_struct_mon_prot_cis.pdbx_PDB_ins_code_2 
_struct_mon_prot_cis.pdbx_auth_comp_id_2 
_struct_mon_prot_cis.pdbx_auth_seq_id_2 
_struct_mon_prot_cis.pdbx_auth_asym_id_2 
_struct_mon_prot_cis.pdbx_PDB_model_num 
_struct_mon_prot_cis.pdbx_omega_angle 
1 TYR 124 A . ? TYR 497 A PRO 125 A ? PRO 498 A 1 1.25  
2 GLU 151 A . ? GLU 524 A PRO 152 A ? PRO 525 A 1 -3.84 
# 
loop_
_struct_sheet.id 
_struct_sheet.type 
_struct_sheet.number_strands 
_struct_sheet.details 
A ? 5 ? 
B ? 2 ? 
# 
loop_
_struct_sheet_order.sheet_id 
_struct_sheet_order.range_id_1 
_struct_sheet_order.range_id_2 
_struct_sheet_order.offset 
_struct_sheet_order.sense 
A 1 2 ? parallel      
A 2 3 ? parallel      
A 3 4 ? parallel      
A 4 5 ? parallel      
B 1 2 ? anti-parallel 
# 
loop_
_struct_sheet_range.sheet_id 
_struct_sheet_range.id 
_struct_sheet_range.beg_label_comp_id 
_struct_sheet_range.beg_label_asym_id 
_struct_sheet_range.beg_label_seq_id 
_struct_sheet_range.pdbx_beg_PDB_ins_code 
_struct_sheet_range.end_label_comp_id 
_struct_sheet_range.end_label_asym_id 
_struct_sheet_range.end_label_seq_id 
_struct_sheet_range.pdbx_end_PDB_ins_code 
_struct_sheet_range.beg_auth_comp_id 
_struct_sheet_range.beg_auth_asym_id 
_struct_sheet_range.beg_auth_seq_id 
_struct_sheet_range.end_auth_comp_id 
_struct_sheet_range.end_auth_asym_id 
_struct_sheet_range.end_auth_seq_id 
A 1 TYR A 27  ? ILE A 28  ? TYR A 400 ILE A 401 
A 2 MET A 132 ? LEU A 135 ? MET A 505 LEU A 508 
A 3 ARG A 93  ? HIS A 99  ? ARG A 466 HIS A 472 
A 4 VAL A 45  ? ASP A 52  ? VAL A 418 ASP A 425 
A 5 VAL A 68  ? ASN A 69  ? VAL A 441 ASN A 442 
B 1 HIS A 63  ? ILE A 64  ? HIS A 436 ILE A 437 
B 2 CYS A 150 ? GLU A 151 ? CYS A 523 GLU A 524 
# 
loop_
_pdbx_struct_sheet_hbond.sheet_id 
_pdbx_struct_sheet_hbond.range_id_1 
_pdbx_struct_sheet_hbond.range_id_2 
_pdbx_struct_sheet_hbond.range_1_label_atom_id 
_pdbx_struct_sheet_hbond.range_1_label_comp_id 
_pdbx_struct_sheet_hbond.range_1_label_asym_id 
_pdbx_struct_sheet_hbond.range_1_label_seq_id 
_pdbx_struct_sheet_hbond.range_1_PDB_ins_code 
_pdbx_struct_sheet_hbond.range_1_auth_atom_id 
_pdbx_struct_sheet_hbond.range_1_auth_comp_id 
_pdbx_struct_sheet_hbond.range_1_auth_asym_id 
_pdbx_struct_sheet_hbond.range_1_auth_seq_id 
_pdbx_struct_sheet_hbond.range_2_label_atom_id 
_pdbx_struct_sheet_hbond.range_2_label_comp_id 
_pdbx_struct_sheet_hbond.range_2_label_asym_id 
_pdbx_struct_sheet_hbond.range_2_label_seq_id 
_pdbx_struct_sheet_hbond.range_2_PDB_ins_code 
_pdbx_struct_sheet_hbond.range_2_auth_atom_id 
_pdbx_struct_sheet_hbond.range_2_auth_comp_id 
_pdbx_struct_sheet_hbond.range_2_auth_asym_id 
_pdbx_struct_sheet_hbond.range_2_auth_seq_id 
A 1 2 N ILE A 28  ? N ILE A 401 O ILE A 134 ? O ILE A 507 
A 2 3 N TYR A 133 ? N TYR A 506 O LEU A 96  ? O LEU A 469 
A 3 4 O ARG A 93  ? O ARG A 466 N ASP A 46  ? N ASP A 419 
A 4 5 N ASP A 52  ? N ASP A 425 O VAL A 68  ? O VAL A 441 
B 1 2 O HIS A 63  ? O HIS A 436 N GLU A 151 ? N GLU A 524 
# 
loop_
_struct_site.id 
_struct_site.pdbx_evidence_code 
_struct_site.pdbx_auth_asym_id 
_struct_site.pdbx_auth_comp_id 
_struct_site.pdbx_auth_seq_id 
_struct_site.pdbx_auth_ins_code 
_struct_site.pdbx_num_residues 
_struct_site.details 
AC1 Software A SO4 552 ? 10 'BINDING SITE FOR RESIDUE SO4 A 552' 
AC2 Software A SO4 553 ? 4  'BINDING SITE FOR RESIDUE SO4 A 553' 
AC3 Software A CL  554 ? 3  'BINDING SITE FOR RESIDUE CL A 554'  
AC4 Software A MMC 4   ? 3  'BINDING SITE FOR RESIDUE MMC A 4'   
# 
loop_
_struct_site_gen.id 
_struct_site_gen.site_id 
_struct_site_gen.pdbx_num_res 
_struct_site_gen.label_comp_id 
_struct_site_gen.label_asym_id 
_struct_site_gen.label_seq_id 
_struct_site_gen.pdbx_auth_ins_code 
_struct_site_gen.auth_comp_id 
_struct_site_gen.auth_asym_id 
_struct_site_gen.auth_seq_id 
_struct_site_gen.label_atom_id 
_struct_site_gen.label_alt_id 
_struct_site_gen.symmetry 
_struct_site_gen.details 
1  AC1 10 CYS A 100 ? CYS A 473 . ? 1_555 ? 
2  AC1 10 GLU A 101 ? GLU A 474 . ? 1_555 ? 
3  AC1 10 PHE A 102 ? PHE A 475 . ? 1_555 ? 
4  AC1 10 SER A 103 ? SER A 476 . ? 1_555 ? 
5  AC1 10 SER A 104 ? SER A 477 . ? 1_555 ? 
6  AC1 10 GLU A 105 ? GLU A 478 . ? 1_555 ? 
7  AC1 10 ARG A 106 ? ARG A 479 . ? 1_555 ? 
8  AC1 10 HOH F .   ? HOH A 585 . ? 1_555 ? 
9  AC1 10 HOH F .   ? HOH A 624 . ? 1_555 ? 
10 AC1 10 HOH F .   ? HOH A 673 . ? 1_555 ? 
11 AC2 4  ARG A 115 ? ARG A 488 . ? 1_555 ? 
12 AC2 4  ARG A 119 ? ARG A 492 . ? 1_555 ? 
13 AC2 4  HOH F .   ? HOH A 598 . ? 1_555 ? 
14 AC2 4  HOH F .   ? HOH A 614 . ? 1_555 ? 
15 AC3 3  GLU A 73  ? GLU A 446 . ? 1_555 ? 
16 AC3 3  ARG A 175 ? ARG A 548 . ? 1_555 ? 
17 AC3 3  HOH F .   ? HOH A 579 . ? 1_555 ? 
18 AC4 3  LEU A 25  ? LEU A 398 . ? 1_555 ? 
19 AC4 3  CYS A 111 ? CYS A 484 . ? 1_555 ? 
20 AC4 3  MET A 132 ? MET A 505 . ? 1_555 ? 
# 
_pdbx_validate_rmsd_angle.id                         1 
_pdbx_validate_rmsd_angle.PDB_model_num              1 
_pdbx_validate_rmsd_angle.auth_atom_id_1             CD 
_pdbx_validate_rmsd_angle.auth_asym_id_1             A 
_pdbx_validate_rmsd_angle.auth_comp_id_1             ARG 
_pdbx_validate_rmsd_angle.auth_seq_id_1              488 
_pdbx_validate_rmsd_angle.PDB_ins_code_1             ? 
_pdbx_validate_rmsd_angle.label_alt_id_1             ? 
_pdbx_validate_rmsd_angle.auth_atom_id_2             NE 
_pdbx_validate_rmsd_angle.auth_asym_id_2             A 
_pdbx_validate_rmsd_angle.auth_comp_id_2             ARG 
_pdbx_validate_rmsd_angle.auth_seq_id_2              488 
_pdbx_validate_rmsd_angle.PDB_ins_code_2             ? 
_pdbx_validate_rmsd_angle.label_alt_id_2             ? 
_pdbx_validate_rmsd_angle.auth_atom_id_3             CZ 
_pdbx_validate_rmsd_angle.auth_asym_id_3             A 
_pdbx_validate_rmsd_angle.auth_comp_id_3             ARG 
_pdbx_validate_rmsd_angle.auth_seq_id_3              488 
_pdbx_validate_rmsd_angle.PDB_ins_code_3             ? 
_pdbx_validate_rmsd_angle.label_alt_id_3             ? 
_pdbx_validate_rmsd_angle.angle_value                132.05 
_pdbx_validate_rmsd_angle.angle_target_value         123.60 
_pdbx_validate_rmsd_angle.angle_deviation            8.45 
_pdbx_validate_rmsd_angle.angle_standard_deviation   1.40 
_pdbx_validate_rmsd_angle.linker_flag                N 
# 
loop_
_pdbx_validate_torsion.id 
_pdbx_validate_torsion.PDB_model_num 
_pdbx_validate_torsion.auth_comp_id 
_pdbx_validate_torsion.auth_asym_id 
_pdbx_validate_torsion.auth_seq_id 
_pdbx_validate_torsion.PDB_ins_code 
_pdbx_validate_torsion.label_alt_id 
_pdbx_validate_torsion.phi 
_pdbx_validate_torsion.psi 
1 1 THR A 439 ? ? 88.33   -15.11  
2 1 CYS A 473 ? ? -133.75 -136.52 
3 1 GLU A 478 ? ? -125.72 -61.91  
4 1 TRP A 550 ? ? -124.77 -86.60  
# 
loop_
_chem_comp_atom.comp_id 
_chem_comp_atom.atom_id 
_chem_comp_atom.type_symbol 
_chem_comp_atom.pdbx_aromatic_flag 
_chem_comp_atom.pdbx_stereo_config 
_chem_comp_atom.pdbx_ordinal 
ALA N    N  N N 1   
ALA CA   C  N S 2   
ALA C    C  N N 3   
ALA O    O  N N 4   
ALA CB   C  N N 5   
ALA OXT  O  N N 6   
ALA H    H  N N 7   
ALA H2   H  N N 8   
ALA HA   H  N N 9   
ALA HB1  H  N N 10  
ALA HB2  H  N N 11  
ALA HB3  H  N N 12  
ALA HXT  H  N N 13  
ARG N    N  N N 14  
ARG CA   C  N S 15  
ARG C    C  N N 16  
ARG O    O  N N 17  
ARG CB   C  N N 18  
ARG CG   C  N N 19  
ARG CD   C  N N 20  
ARG NE   N  N N 21  
ARG CZ   C  N N 22  
ARG NH1  N  N N 23  
ARG NH2  N  N N 24  
ARG OXT  O  N N 25  
ARG H    H  N N 26  
ARG H2   H  N N 27  
ARG HA   H  N N 28  
ARG HB2  H  N N 29  
ARG HB3  H  N N 30  
ARG HG2  H  N N 31  
ARG HG3  H  N N 32  
ARG HD2  H  N N 33  
ARG HD3  H  N N 34  
ARG HE   H  N N 35  
ARG HH11 H  N N 36  
ARG HH12 H  N N 37  
ARG HH21 H  N N 38  
ARG HH22 H  N N 39  
ARG HXT  H  N N 40  
ASN N    N  N N 41  
ASN CA   C  N S 42  
ASN C    C  N N 43  
ASN O    O  N N 44  
ASN CB   C  N N 45  
ASN CG   C  N N 46  
ASN OD1  O  N N 47  
ASN ND2  N  N N 48  
ASN OXT  O  N N 49  
ASN H    H  N N 50  
ASN H2   H  N N 51  
ASN HA   H  N N 52  
ASN HB2  H  N N 53  
ASN HB3  H  N N 54  
ASN HD21 H  N N 55  
ASN HD22 H  N N 56  
ASN HXT  H  N N 57  
ASP N    N  N N 58  
ASP CA   C  N S 59  
ASP C    C  N N 60  
ASP O    O  N N 61  
ASP CB   C  N N 62  
ASP CG   C  N N 63  
ASP OD1  O  N N 64  
ASP OD2  O  N N 65  
ASP OXT  O  N N 66  
ASP H    H  N N 67  
ASP H2   H  N N 68  
ASP HA   H  N N 69  
ASP HB2  H  N N 70  
ASP HB3  H  N N 71  
ASP HD2  H  N N 72  
ASP HXT  H  N N 73  
CL  CL   CL N N 74  
CYS N    N  N N 75  
CYS CA   C  N R 76  
CYS C    C  N N 77  
CYS O    O  N N 78  
CYS CB   C  N N 79  
CYS SG   S  N N 80  
CYS OXT  O  N N 81  
CYS H    H  N N 82  
CYS H2   H  N N 83  
CYS HA   H  N N 84  
CYS HB2  H  N N 85  
CYS HB3  H  N N 86  
CYS HG   H  N N 87  
CYS HXT  H  N N 88  
GLN N    N  N N 89  
GLN CA   C  N S 90  
GLN C    C  N N 91  
GLN O    O  N N 92  
GLN CB   C  N N 93  
GLN CG   C  N N 94  
GLN CD   C  N N 95  
GLN OE1  O  N N 96  
GLN NE2  N  N N 97  
GLN OXT  O  N N 98  
GLN H    H  N N 99  
GLN H2   H  N N 100 
GLN HA   H  N N 101 
GLN HB2  H  N N 102 
GLN HB3  H  N N 103 
GLN HG2  H  N N 104 
GLN HG3  H  N N 105 
GLN HE21 H  N N 106 
GLN HE22 H  N N 107 
GLN HXT  H  N N 108 
GLU N    N  N N 109 
GLU CA   C  N S 110 
GLU C    C  N N 111 
GLU O    O  N N 112 
GLU CB   C  N N 113 
GLU CG   C  N N 114 
GLU CD   C  N N 115 
GLU OE1  O  N N 116 
GLU OE2  O  N N 117 
GLU OXT  O  N N 118 
GLU H    H  N N 119 
GLU H2   H  N N 120 
GLU HA   H  N N 121 
GLU HB2  H  N N 122 
GLU HB3  H  N N 123 
GLU HG2  H  N N 124 
GLU HG3  H  N N 125 
GLU HE2  H  N N 126 
GLU HXT  H  N N 127 
GLY N    N  N N 128 
GLY CA   C  N N 129 
GLY C    C  N N 130 
GLY O    O  N N 131 
GLY OXT  O  N N 132 
GLY H    H  N N 133 
GLY H2   H  N N 134 
GLY HA2  H  N N 135 
GLY HA3  H  N N 136 
GLY HXT  H  N N 137 
HIS N    N  N N 138 
HIS CA   C  N S 139 
HIS C    C  N N 140 
HIS O    O  N N 141 
HIS CB   C  N N 142 
HIS CG   C  Y N 143 
HIS ND1  N  Y N 144 
HIS CD2  C  Y N 145 
HIS CE1  C  Y N 146 
HIS NE2  N  Y N 147 
HIS OXT  O  N N 148 
HIS H    H  N N 149 
HIS H2   H  N N 150 
HIS HA   H  N N 151 
HIS HB2  H  N N 152 
HIS HB3  H  N N 153 
HIS HD1  H  N N 154 
HIS HD2  H  N N 155 
HIS HE1  H  N N 156 
HIS HE2  H  N N 157 
HIS HXT  H  N N 158 
HOH O    O  N N 159 
HOH H1   H  N N 160 
HOH H2   H  N N 161 
ILE N    N  N N 162 
ILE CA   C  N S 163 
ILE C    C  N N 164 
ILE O    O  N N 165 
ILE CB   C  N S 166 
ILE CG1  C  N N 167 
ILE CG2  C  N N 168 
ILE CD1  C  N N 169 
ILE OXT  O  N N 170 
ILE H    H  N N 171 
ILE H2   H  N N 172 
ILE HA   H  N N 173 
ILE HB   H  N N 174 
ILE HG12 H  N N 175 
ILE HG13 H  N N 176 
ILE HG21 H  N N 177 
ILE HG22 H  N N 178 
ILE HG23 H  N N 179 
ILE HD11 H  N N 180 
ILE HD12 H  N N 181 
ILE HD13 H  N N 182 
ILE HXT  H  N N 183 
LEU N    N  N N 184 
LEU CA   C  N S 185 
LEU C    C  N N 186 
LEU O    O  N N 187 
LEU CB   C  N N 188 
LEU CG   C  N N 189 
LEU CD1  C  N N 190 
LEU CD2  C  N N 191 
LEU OXT  O  N N 192 
LEU H    H  N N 193 
LEU H2   H  N N 194 
LEU HA   H  N N 195 
LEU HB2  H  N N 196 
LEU HB3  H  N N 197 
LEU HG   H  N N 198 
LEU HD11 H  N N 199 
LEU HD12 H  N N 200 
LEU HD13 H  N N 201 
LEU HD21 H  N N 202 
LEU HD22 H  N N 203 
LEU HD23 H  N N 204 
LEU HXT  H  N N 205 
LYS N    N  N N 206 
LYS CA   C  N S 207 
LYS C    C  N N 208 
LYS O    O  N N 209 
LYS CB   C  N N 210 
LYS CG   C  N N 211 
LYS CD   C  N N 212 
LYS CE   C  N N 213 
LYS NZ   N  N N 214 
LYS OXT  O  N N 215 
LYS H    H  N N 216 
LYS H2   H  N N 217 
LYS HA   H  N N 218 
LYS HB2  H  N N 219 
LYS HB3  H  N N 220 
LYS HG2  H  N N 221 
LYS HG3  H  N N 222 
LYS HD2  H  N N 223 
LYS HD3  H  N N 224 
LYS HE2  H  N N 225 
LYS HE3  H  N N 226 
LYS HZ1  H  N N 227 
LYS HZ2  H  N N 228 
LYS HZ3  H  N N 229 
LYS HXT  H  N N 230 
MET N    N  N N 231 
MET CA   C  N S 232 
MET C    C  N N 233 
MET O    O  N N 234 
MET CB   C  N N 235 
MET CG   C  N N 236 
MET SD   S  N N 237 
MET CE   C  N N 238 
MET OXT  O  N N 239 
MET H    H  N N 240 
MET H2   H  N N 241 
MET HA   H  N N 242 
MET HB2  H  N N 243 
MET HB3  H  N N 244 
MET HG2  H  N N 245 
MET HG3  H  N N 246 
MET HE1  H  N N 247 
MET HE2  H  N N 248 
MET HE3  H  N N 249 
MET HXT  H  N N 250 
MMC HG   HG N N 251 
MMC C    C  N N 252 
MMC H1   H  N N 253 
MMC H2   H  N N 254 
MMC H3   H  N N 255 
PHE N    N  N N 256 
PHE CA   C  N S 257 
PHE C    C  N N 258 
PHE O    O  N N 259 
PHE CB   C  N N 260 
PHE CG   C  Y N 261 
PHE CD1  C  Y N 262 
PHE CD2  C  Y N 263 
PHE CE1  C  Y N 264 
PHE CE2  C  Y N 265 
PHE CZ   C  Y N 266 
PHE OXT  O  N N 267 
PHE H    H  N N 268 
PHE H2   H  N N 269 
PHE HA   H  N N 270 
PHE HB2  H  N N 271 
PHE HB3  H  N N 272 
PHE HD1  H  N N 273 
PHE HD2  H  N N 274 
PHE HE1  H  N N 275 
PHE HE2  H  N N 276 
PHE HZ   H  N N 277 
PHE HXT  H  N N 278 
PRO N    N  N N 279 
PRO CA   C  N S 280 
PRO C    C  N N 281 
PRO O    O  N N 282 
PRO CB   C  N N 283 
PRO CG   C  N N 284 
PRO CD   C  N N 285 
PRO OXT  O  N N 286 
PRO H    H  N N 287 
PRO HA   H  N N 288 
PRO HB2  H  N N 289 
PRO HB3  H  N N 290 
PRO HG2  H  N N 291 
PRO HG3  H  N N 292 
PRO HD2  H  N N 293 
PRO HD3  H  N N 294 
PRO HXT  H  N N 295 
SER N    N  N N 296 
SER CA   C  N S 297 
SER C    C  N N 298 
SER O    O  N N 299 
SER CB   C  N N 300 
SER OG   O  N N 301 
SER OXT  O  N N 302 
SER H    H  N N 303 
SER H2   H  N N 304 
SER HA   H  N N 305 
SER HB2  H  N N 306 
SER HB3  H  N N 307 
SER HG   H  N N 308 
SER HXT  H  N N 309 
SO4 S    S  N N 310 
SO4 O1   O  N N 311 
SO4 O2   O  N N 312 
SO4 O3   O  N N 313 
SO4 O4   O  N N 314 
THR N    N  N N 315 
THR CA   C  N S 316 
THR C    C  N N 317 
THR O    O  N N 318 
THR CB   C  N R 319 
THR OG1  O  N N 320 
THR CG2  C  N N 321 
THR OXT  O  N N 322 
THR H    H  N N 323 
THR H2   H  N N 324 
THR HA   H  N N 325 
THR HB   H  N N 326 
THR HG1  H  N N 327 
THR HG21 H  N N 328 
THR HG22 H  N N 329 
THR HG23 H  N N 330 
THR HXT  H  N N 331 
TRP N    N  N N 332 
TRP CA   C  N S 333 
TRP C    C  N N 334 
TRP O    O  N N 335 
TRP CB   C  N N 336 
TRP CG   C  Y N 337 
TRP CD1  C  Y N 338 
TRP CD2  C  Y N 339 
TRP NE1  N  Y N 340 
TRP CE2  C  Y N 341 
TRP CE3  C  Y N 342 
TRP CZ2  C  Y N 343 
TRP CZ3  C  Y N 344 
TRP CH2  C  Y N 345 
TRP OXT  O  N N 346 
TRP H    H  N N 347 
TRP H2   H  N N 348 
TRP HA   H  N N 349 
TRP HB2  H  N N 350 
TRP HB3  H  N N 351 
TRP HD1  H  N N 352 
TRP HE1  H  N N 353 
TRP HE3  H  N N 354 
TRP HZ2  H  N N 355 
TRP HZ3  H  N N 356 
TRP HH2  H  N N 357 
TRP HXT  H  N N 358 
TYR N    N  N N 359 
TYR CA   C  N S 360 
TYR C    C  N N 361 
TYR O    O  N N 362 
TYR CB   C  N N 363 
TYR CG   C  Y N 364 
TYR CD1  C  Y N 365 
TYR CD2  C  Y N 366 
TYR CE1  C  Y N 367 
TYR CE2  C  Y N 368 
TYR CZ   C  Y N 369 
TYR OH   O  N N 370 
TYR OXT  O  N N 371 
TYR H    H  N N 372 
TYR H2   H  N N 373 
TYR HA   H  N N 374 
TYR HB2  H  N N 375 
TYR HB3  H  N N 376 
TYR HD1  H  N N 377 
TYR HD2  H  N N 378 
TYR HE1  H  N N 379 
TYR HE2  H  N N 380 
TYR HH   H  N N 381 
TYR HXT  H  N N 382 
VAL N    N  N N 383 
VAL CA   C  N S 384 
VAL C    C  N N 385 
VAL O    O  N N 386 
VAL CB   C  N N 387 
VAL CG1  C  N N 388 
VAL CG2  C  N N 389 
VAL OXT  O  N N 390 
VAL H    H  N N 391 
VAL H2   H  N N 392 
VAL HA   H  N N 393 
VAL HB   H  N N 394 
VAL HG11 H  N N 395 
VAL HG12 H  N N 396 
VAL HG13 H  N N 397 
VAL HG21 H  N N 398 
VAL HG22 H  N N 399 
VAL HG23 H  N N 400 
VAL HXT  H  N N 401 
# 
loop_
_chem_comp_bond.comp_id 
_chem_comp_bond.atom_id_1 
_chem_comp_bond.atom_id_2 
_chem_comp_bond.value_order 
_chem_comp_bond.pdbx_aromatic_flag 
_chem_comp_bond.pdbx_stereo_config 
_chem_comp_bond.pdbx_ordinal 
ALA N   CA   sing N N 1   
ALA N   H    sing N N 2   
ALA N   H2   sing N N 3   
ALA CA  C    sing N N 4   
ALA CA  CB   sing N N 5   
ALA CA  HA   sing N N 6   
ALA C   O    doub N N 7   
ALA C   OXT  sing N N 8   
ALA CB  HB1  sing N N 9   
ALA CB  HB2  sing N N 10  
ALA CB  HB3  sing N N 11  
ALA OXT HXT  sing N N 12  
ARG N   CA   sing N N 13  
ARG N   H    sing N N 14  
ARG N   H2   sing N N 15  
ARG CA  C    sing N N 16  
ARG CA  CB   sing N N 17  
ARG CA  HA   sing N N 18  
ARG C   O    doub N N 19  
ARG C   OXT  sing N N 20  
ARG CB  CG   sing N N 21  
ARG CB  HB2  sing N N 22  
ARG CB  HB3  sing N N 23  
ARG CG  CD   sing N N 24  
ARG CG  HG2  sing N N 25  
ARG CG  HG3  sing N N 26  
ARG CD  NE   sing N N 27  
ARG CD  HD2  sing N N 28  
ARG CD  HD3  sing N N 29  
ARG NE  CZ   sing N N 30  
ARG NE  HE   sing N N 31  
ARG CZ  NH1  sing N N 32  
ARG CZ  NH2  doub N N 33  
ARG NH1 HH11 sing N N 34  
ARG NH1 HH12 sing N N 35  
ARG NH2 HH21 sing N N 36  
ARG NH2 HH22 sing N N 37  
ARG OXT HXT  sing N N 38  
ASN N   CA   sing N N 39  
ASN N   H    sing N N 40  
ASN N   H2   sing N N 41  
ASN CA  C    sing N N 42  
ASN CA  CB   sing N N 43  
ASN CA  HA   sing N N 44  
ASN C   O    doub N N 45  
ASN C   OXT  sing N N 46  
ASN CB  CG   sing N N 47  
ASN CB  HB2  sing N N 48  
ASN CB  HB3  sing N N 49  
ASN CG  OD1  doub N N 50  
ASN CG  ND2  sing N N 51  
ASN ND2 HD21 sing N N 52  
ASN ND2 HD22 sing N N 53  
ASN OXT HXT  sing N N 54  
ASP N   CA   sing N N 55  
ASP N   H    sing N N 56  
ASP N   H2   sing N N 57  
ASP CA  C    sing N N 58  
ASP CA  CB   sing N N 59  
ASP CA  HA   sing N N 60  
ASP C   O    doub N N 61  
ASP C   OXT  sing N N 62  
ASP CB  CG   sing N N 63  
ASP CB  HB2  sing N N 64  
ASP CB  HB3  sing N N 65  
ASP CG  OD1  doub N N 66  
ASP CG  OD2  sing N N 67  
ASP OD2 HD2  sing N N 68  
ASP OXT HXT  sing N N 69  
CYS N   CA   sing N N 70  
CYS N   H    sing N N 71  
CYS N   H2   sing N N 72  
CYS CA  C    sing N N 73  
CYS CA  CB   sing N N 74  
CYS CA  HA   sing N N 75  
CYS C   O    doub N N 76  
CYS C   OXT  sing N N 77  
CYS CB  SG   sing N N 78  
CYS CB  HB2  sing N N 79  
CYS CB  HB3  sing N N 80  
CYS SG  HG   sing N N 81  
CYS OXT HXT  sing N N 82  
GLN N   CA   sing N N 83  
GLN N   H    sing N N 84  
GLN N   H2   sing N N 85  
GLN CA  C    sing N N 86  
GLN CA  CB   sing N N 87  
GLN CA  HA   sing N N 88  
GLN C   O    doub N N 89  
GLN C   OXT  sing N N 90  
GLN CB  CG   sing N N 91  
GLN CB  HB2  sing N N 92  
GLN CB  HB3  sing N N 93  
GLN CG  CD   sing N N 94  
GLN CG  HG2  sing N N 95  
GLN CG  HG3  sing N N 96  
GLN CD  OE1  doub N N 97  
GLN CD  NE2  sing N N 98  
GLN NE2 HE21 sing N N 99  
GLN NE2 HE22 sing N N 100 
GLN OXT HXT  sing N N 101 
GLU N   CA   sing N N 102 
GLU N   H    sing N N 103 
GLU N   H2   sing N N 104 
GLU CA  C    sing N N 105 
GLU CA  CB   sing N N 106 
GLU CA  HA   sing N N 107 
GLU C   O    doub N N 108 
GLU C   OXT  sing N N 109 
GLU CB  CG   sing N N 110 
GLU CB  HB2  sing N N 111 
GLU CB  HB3  sing N N 112 
GLU CG  CD   sing N N 113 
GLU CG  HG2  sing N N 114 
GLU CG  HG3  sing N N 115 
GLU CD  OE1  doub N N 116 
GLU CD  OE2  sing N N 117 
GLU OE2 HE2  sing N N 118 
GLU OXT HXT  sing N N 119 
GLY N   CA   sing N N 120 
GLY N   H    sing N N 121 
GLY N   H2   sing N N 122 
GLY CA  C    sing N N 123 
GLY CA  HA2  sing N N 124 
GLY CA  HA3  sing N N 125 
GLY C   O    doub N N 126 
GLY C   OXT  sing N N 127 
GLY OXT HXT  sing N N 128 
HIS N   CA   sing N N 129 
HIS N   H    sing N N 130 
HIS N   H2   sing N N 131 
HIS CA  C    sing N N 132 
HIS CA  CB   sing N N 133 
HIS CA  HA   sing N N 134 
HIS C   O    doub N N 135 
HIS C   OXT  sing N N 136 
HIS CB  CG   sing N N 137 
HIS CB  HB2  sing N N 138 
HIS CB  HB3  sing N N 139 
HIS CG  ND1  sing Y N 140 
HIS CG  CD2  doub Y N 141 
HIS ND1 CE1  doub Y N 142 
HIS ND1 HD1  sing N N 143 
HIS CD2 NE2  sing Y N 144 
HIS CD2 HD2  sing N N 145 
HIS CE1 NE2  sing Y N 146 
HIS CE1 HE1  sing N N 147 
HIS NE2 HE2  sing N N 148 
HIS OXT HXT  sing N N 149 
HOH O   H1   sing N N 150 
HOH O   H2   sing N N 151 
ILE N   CA   sing N N 152 
ILE N   H    sing N N 153 
ILE N   H2   sing N N 154 
ILE CA  C    sing N N 155 
ILE CA  CB   sing N N 156 
ILE CA  HA   sing N N 157 
ILE C   O    doub N N 158 
ILE C   OXT  sing N N 159 
ILE CB  CG1  sing N N 160 
ILE CB  CG2  sing N N 161 
ILE CB  HB   sing N N 162 
ILE CG1 CD1  sing N N 163 
ILE CG1 HG12 sing N N 164 
ILE CG1 HG13 sing N N 165 
ILE CG2 HG21 sing N N 166 
ILE CG2 HG22 sing N N 167 
ILE CG2 HG23 sing N N 168 
ILE CD1 HD11 sing N N 169 
ILE CD1 HD12 sing N N 170 
ILE CD1 HD13 sing N N 171 
ILE OXT HXT  sing N N 172 
LEU N   CA   sing N N 173 
LEU N   H    sing N N 174 
LEU N   H2   sing N N 175 
LEU CA  C    sing N N 176 
LEU CA  CB   sing N N 177 
LEU CA  HA   sing N N 178 
LEU C   O    doub N N 179 
LEU C   OXT  sing N N 180 
LEU CB  CG   sing N N 181 
LEU CB  HB2  sing N N 182 
LEU CB  HB3  sing N N 183 
LEU CG  CD1  sing N N 184 
LEU CG  CD2  sing N N 185 
LEU CG  HG   sing N N 186 
LEU CD1 HD11 sing N N 187 
LEU CD1 HD12 sing N N 188 
LEU CD1 HD13 sing N N 189 
LEU CD2 HD21 sing N N 190 
LEU CD2 HD22 sing N N 191 
LEU CD2 HD23 sing N N 192 
LEU OXT HXT  sing N N 193 
LYS N   CA   sing N N 194 
LYS N   H    sing N N 195 
LYS N   H2   sing N N 196 
LYS CA  C    sing N N 197 
LYS CA  CB   sing N N 198 
LYS CA  HA   sing N N 199 
LYS C   O    doub N N 200 
LYS C   OXT  sing N N 201 
LYS CB  CG   sing N N 202 
LYS CB  HB2  sing N N 203 
LYS CB  HB3  sing N N 204 
LYS CG  CD   sing N N 205 
LYS CG  HG2  sing N N 206 
LYS CG  HG3  sing N N 207 
LYS CD  CE   sing N N 208 
LYS CD  HD2  sing N N 209 
LYS CD  HD3  sing N N 210 
LYS CE  NZ   sing N N 211 
LYS CE  HE2  sing N N 212 
LYS CE  HE3  sing N N 213 
LYS NZ  HZ1  sing N N 214 
LYS NZ  HZ2  sing N N 215 
LYS NZ  HZ3  sing N N 216 
LYS OXT HXT  sing N N 217 
MET N   CA   sing N N 218 
MET N   H    sing N N 219 
MET N   H2   sing N N 220 
MET CA  C    sing N N 221 
MET CA  CB   sing N N 222 
MET CA  HA   sing N N 223 
MET C   O    doub N N 224 
MET C   OXT  sing N N 225 
MET CB  CG   sing N N 226 
MET CB  HB2  sing N N 227 
MET CB  HB3  sing N N 228 
MET CG  SD   sing N N 229 
MET CG  HG2  sing N N 230 
MET CG  HG3  sing N N 231 
MET SD  CE   sing N N 232 
MET CE  HE1  sing N N 233 
MET CE  HE2  sing N N 234 
MET CE  HE3  sing N N 235 
MET OXT HXT  sing N N 236 
MMC HG  C    sing N N 237 
MMC C   H1   sing N N 238 
MMC C   H2   sing N N 239 
MMC C   H3   sing N N 240 
PHE N   CA   sing N N 241 
PHE N   H    sing N N 242 
PHE N   H2   sing N N 243 
PHE CA  C    sing N N 244 
PHE CA  CB   sing N N 245 
PHE CA  HA   sing N N 246 
PHE C   O    doub N N 247 
PHE C   OXT  sing N N 248 
PHE CB  CG   sing N N 249 
PHE CB  HB2  sing N N 250 
PHE CB  HB3  sing N N 251 
PHE CG  CD1  doub Y N 252 
PHE CG  CD2  sing Y N 253 
PHE CD1 CE1  sing Y N 254 
PHE CD1 HD1  sing N N 255 
PHE CD2 CE2  doub Y N 256 
PHE CD2 HD2  sing N N 257 
PHE CE1 CZ   doub Y N 258 
PHE CE1 HE1  sing N N 259 
PHE CE2 CZ   sing Y N 260 
PHE CE2 HE2  sing N N 261 
PHE CZ  HZ   sing N N 262 
PHE OXT HXT  sing N N 263 
PRO N   CA   sing N N 264 
PRO N   CD   sing N N 265 
PRO N   H    sing N N 266 
PRO CA  C    sing N N 267 
PRO CA  CB   sing N N 268 
PRO CA  HA   sing N N 269 
PRO C   O    doub N N 270 
PRO C   OXT  sing N N 271 
PRO CB  CG   sing N N 272 
PRO CB  HB2  sing N N 273 
PRO CB  HB3  sing N N 274 
PRO CG  CD   sing N N 275 
PRO CG  HG2  sing N N 276 
PRO CG  HG3  sing N N 277 
PRO CD  HD2  sing N N 278 
PRO CD  HD3  sing N N 279 
PRO OXT HXT  sing N N 280 
SER N   CA   sing N N 281 
SER N   H    sing N N 282 
SER N   H2   sing N N 283 
SER CA  C    sing N N 284 
SER CA  CB   sing N N 285 
SER CA  HA   sing N N 286 
SER C   O    doub N N 287 
SER C   OXT  sing N N 288 
SER CB  OG   sing N N 289 
SER CB  HB2  sing N N 290 
SER CB  HB3  sing N N 291 
SER OG  HG   sing N N 292 
SER OXT HXT  sing N N 293 
SO4 S   O1   doub N N 294 
SO4 S   O2   doub N N 295 
SO4 S   O3   sing N N 296 
SO4 S   O4   sing N N 297 
THR N   CA   sing N N 298 
THR N   H    sing N N 299 
THR N   H2   sing N N 300 
THR CA  C    sing N N 301 
THR CA  CB   sing N N 302 
THR CA  HA   sing N N 303 
THR C   O    doub N N 304 
THR C   OXT  sing N N 305 
THR CB  OG1  sing N N 306 
THR CB  CG2  sing N N 307 
THR CB  HB   sing N N 308 
THR OG1 HG1  sing N N 309 
THR CG2 HG21 sing N N 310 
THR CG2 HG22 sing N N 311 
THR CG2 HG23 sing N N 312 
THR OXT HXT  sing N N 313 
TRP N   CA   sing N N 314 
TRP N   H    sing N N 315 
TRP N   H2   sing N N 316 
TRP CA  C    sing N N 317 
TRP CA  CB   sing N N 318 
TRP CA  HA   sing N N 319 
TRP C   O    doub N N 320 
TRP C   OXT  sing N N 321 
TRP CB  CG   sing N N 322 
TRP CB  HB2  sing N N 323 
TRP CB  HB3  sing N N 324 
TRP CG  CD1  doub Y N 325 
TRP CG  CD2  sing Y N 326 
TRP CD1 NE1  sing Y N 327 
TRP CD1 HD1  sing N N 328 
TRP CD2 CE2  doub Y N 329 
TRP CD2 CE3  sing Y N 330 
TRP NE1 CE2  sing Y N 331 
TRP NE1 HE1  sing N N 332 
TRP CE2 CZ2  sing Y N 333 
TRP CE3 CZ3  doub Y N 334 
TRP CE3 HE3  sing N N 335 
TRP CZ2 CH2  doub Y N 336 
TRP CZ2 HZ2  sing N N 337 
TRP CZ3 CH2  sing Y N 338 
TRP CZ3 HZ3  sing N N 339 
TRP CH2 HH2  sing N N 340 
TRP OXT HXT  sing N N 341 
TYR N   CA   sing N N 342 
TYR N   H    sing N N 343 
TYR N   H2   sing N N 344 
TYR CA  C    sing N N 345 
TYR CA  CB   sing N N 346 
TYR CA  HA   sing N N 347 
TYR C   O    doub N N 348 
TYR C   OXT  sing N N 349 
TYR CB  CG   sing N N 350 
TYR CB  HB2  sing N N 351 
TYR CB  HB3  sing N N 352 
TYR CG  CD1  doub Y N 353 
TYR CG  CD2  sing Y N 354 
TYR CD1 CE1  sing Y N 355 
TYR CD1 HD1  sing N N 356 
TYR CD2 CE2  doub Y N 357 
TYR CD2 HD2  sing N N 358 
TYR CE1 CZ   doub Y N 359 
TYR CE1 HE1  sing N N 360 
TYR CE2 CZ   sing Y N 361 
TYR CE2 HE2  sing N N 362 
TYR CZ  OH   sing N N 363 
TYR OH  HH   sing N N 364 
TYR OXT HXT  sing N N 365 
VAL N   CA   sing N N 366 
VAL N   H    sing N N 367 
VAL N   H2   sing N N 368 
VAL CA  C    sing N N 369 
VAL CA  CB   sing N N 370 
VAL CA  HA   sing N N 371 
VAL C   O    doub N N 372 
VAL C   OXT  sing N N 373 
VAL CB  CG1  sing N N 374 
VAL CB  CG2  sing N N 375 
VAL CB  HB   sing N N 376 
VAL CG1 HG11 sing N N 377 
VAL CG1 HG12 sing N N 378 
VAL CG1 HG13 sing N N 379 
VAL CG2 HG21 sing N N 380 
VAL CG2 HG22 sing N N 381 
VAL CG2 HG23 sing N N 382 
VAL OXT HXT  sing N N 383 
# 
_atom_sites.entry_id                    1CWT 
_atom_sites.fract_transf_matrix[1][1]   0.01582749 
_atom_sites.fract_transf_matrix[1][2]   -0.00844108 
_atom_sites.fract_transf_matrix[1][3]   0.00676223 
_atom_sites.fract_transf_matrix[2][1]   0.00079179 
_atom_sites.fract_transf_matrix[2][2]   -0.00768910 
_atom_sites.fract_transf_matrix[2][3]   -0.01145132 
_atom_sites.fract_transf_matrix[3][1]   0.00742912 
_atom_sites.fract_transf_matrix[3][2]   0.00932532 
_atom_sites.fract_transf_matrix[3][3]   -0.00574789 
_atom_sites.fract_transf_vector[1]      0.399847 
_atom_sites.fract_transf_vector[2]      0.163226 
_atom_sites.fract_transf_vector[3]      0.368753 
# 
loop_
_atom_type.symbol 
C  
CL 
HG 
N  
O  
S  
# 
loop_
_atom_site.group_PDB 
_atom_site.id 
_atom_site.type_symbol 
_atom_site.label_atom_id 
_atom_site.label_alt_id 
_atom_site.label_comp_id 
_atom_site.label_asym_id 
_atom_site.label_entity_id 
_atom_site.label_seq_id 
_atom_site.pdbx_PDB_ins_code 
_atom_site.Cartn_x 
_atom_site.Cartn_y 
_atom_site.Cartn_z 
_atom_site.occupancy 
_atom_site.B_iso_or_equiv 
_atom_site.pdbx_formal_charge 
_atom_site.auth_seq_id 
_atom_site.auth_comp_id 
_atom_site.auth_asym_id 
_atom_site.auth_atom_id 
_atom_site.pdbx_PDB_model_num 
ATOM   1    N  N   . ASP A 1 1   ? -1.049  10.415  -21.773 1.00 37.40 ? 374 ASP A N   1 
ATOM   2    C  CA  . ASP A 1 1   ? -1.915  9.750   -20.825 1.00 46.55 ? 374 ASP A CA  1 
ATOM   3    C  C   . ASP A 1 1   ? -3.339  10.315  -20.845 1.00 40.29 ? 374 ASP A C   1 
ATOM   4    O  O   . ASP A 1 1   ? -3.525  11.526  -20.896 1.00 40.22 ? 374 ASP A O   1 
ATOM   5    C  CB  . ASP A 1 1   ? -1.399  9.819   -19.384 1.00 51.20 ? 374 ASP A CB  1 
ATOM   6    C  CG  . ASP A 1 1   ? -2.303  9.026   -18.437 1.00 53.99 ? 374 ASP A CG  1 
ATOM   7    O  OD1 . ASP A 1 1   ? -2.130  7.792   -18.379 1.00 54.39 ? 374 ASP A OD1 1 
ATOM   8    O  OD2 . ASP A 1 1   ? -3.176  9.637   -17.786 1.00 58.76 ? 374 ASP A OD2 1 
ATOM   9    N  N   . HIS A 1 2   ? -4.307  9.409   -20.740 1.00 35.36 ? 375 HIS A N   1 
ATOM   10   C  CA  . HIS A 1 2   ? -5.710  9.754   -20.781 1.00 32.63 ? 375 HIS A CA  1 
ATOM   11   C  C   . HIS A 1 2   ? -6.349  10.003  -19.449 1.00 26.89 ? 375 HIS A C   1 
ATOM   12   O  O   . HIS A 1 2   ? -7.576  10.209  -19.356 1.00 31.40 ? 375 HIS A O   1 
ATOM   13   C  CB  . HIS A 1 2   ? -6.481  8.755   -21.648 1.00 33.94 ? 375 HIS A CB  1 
ATOM   14   C  CG  . HIS A 1 2   ? -5.796  8.487   -22.963 1.00 37.96 ? 375 HIS A CG  1 
ATOM   15   N  ND1 . HIS A 1 2   ? -5.203  9.505   -23.709 1.00 37.49 ? 375 HIS A ND1 1 
ATOM   16   C  CD2 . HIS A 1 2   ? -5.599  7.327   -23.644 1.00 38.78 ? 375 HIS A CD2 1 
ATOM   17   C  CE1 . HIS A 1 2   ? -4.677  8.971   -24.791 1.00 38.34 ? 375 HIS A CE1 1 
ATOM   18   N  NE2 . HIS A 1 2   ? -4.906  7.665   -24.785 1.00 39.11 ? 375 HIS A NE2 1 
ATOM   19   N  N   . ARG A 1 3   ? -5.569  10.059  -18.375 1.00 20.92 ? 376 ARG A N   1 
ATOM   20   C  CA  . ARG A 1 3   ? -6.107  10.285  -17.044 1.00 21.68 ? 376 ARG A CA  1 
ATOM   21   C  C   . ARG A 1 3   ? -5.664  11.638  -16.496 1.00 22.84 ? 376 ARG A C   1 
ATOM   22   O  O   . ARG A 1 3   ? -4.942  12.368  -17.158 1.00 17.78 ? 376 ARG A O   1 
ATOM   23   C  CB  . ARG A 1 3   ? -5.653  9.186   -16.084 1.00 21.62 ? 376 ARG A CB  1 
ATOM   24   C  CG  . ARG A 1 3   ? -5.917  7.781   -16.574 1.00 27.17 ? 376 ARG A CG  1 
ATOM   25   C  CD  . ARG A 1 3   ? -5.122  6.765   -15.751 1.00 33.32 ? 376 ARG A CD  1 
ATOM   26   N  NE  . ARG A 1 3   ? -3.700  6.750   -16.104 1.00 32.84 ? 376 ARG A NE  1 
ATOM   27   C  CZ  . ARG A 1 3   ? -2.830  5.835   -15.690 1.00 31.46 ? 376 ARG A CZ  1 
ATOM   28   N  NH1 . ARG A 1 3   ? -3.223  4.845   -14.902 1.00 20.75 ? 376 ARG A NH1 1 
ATOM   29   N  NH2 . ARG A 1 3   ? -1.557  5.899   -16.063 1.00 28.09 ? 376 ARG A NH2 1 
ATOM   30   N  N   . GLU A 1 4   ? -6.068  11.929  -15.260 1.00 23.48 ? 377 GLU A N   1 
ATOM   31   C  CA  . GLU A 1 4   ? -5.648  13.180  -14.616 1.00 20.70 ? 377 GLU A CA  1 
ATOM   32   C  C   . GLU A 1 4   ? -4.211  13.126  -14.157 1.00 20.36 ? 377 GLU A C   1 
ATOM   33   O  O   . GLU A 1 4   ? -3.531  12.090  -14.240 1.00 26.35 ? 377 GLU A O   1 
ATOM   34   C  CB  . GLU A 1 4   ? -6.616  13.565  -13.504 1.00 16.29 ? 377 GLU A CB  1 
ATOM   35   C  CG  . GLU A 1 4   ? -6.663  12.702  -12.299 1.00 19.79 ? 377 GLU A CG  1 
ATOM   36   C  CD  . GLU A 1 4   ? -7.290  11.335  -12.467 1.00 25.62 ? 377 GLU A CD  1 
ATOM   37   O  OE1 . GLU A 1 4   ? -7.729  10.964  -13.570 1.00 31.24 ? 377 GLU A OE1 1 
ATOM   38   O  OE2 . GLU A 1 4   ? -7.375  10.600  -11.451 1.00 38.82 ? 377 GLU A OE2 1 
ATOM   39   N  N   . LEU A 1 5   ? -3.668  14.237  -13.644 1.00 19.66 ? 378 LEU A N   1 
ATOM   40   C  CA  . LEU A 1 5   ? -2.286  14.191  -13.108 1.00 18.77 ? 378 LEU A CA  1 
ATOM   41   C  C   . LEU A 1 5   ? -2.282  13.668  -11.658 1.00 20.21 ? 378 LEU A C   1 
ATOM   42   O  O   . LEU A 1 5   ? -3.331  13.569  -11.001 1.00 21.52 ? 378 LEU A O   1 
ATOM   43   C  CB  . LEU A 1 5   ? -1.719  15.613  -13.121 1.00 15.35 ? 378 LEU A CB  1 
ATOM   44   C  CG  . LEU A 1 5   ? -1.788  16.353  -14.473 1.00 15.59 ? 378 LEU A CG  1 
ATOM   45   C  CD1 . LEU A 1 5   ? -1.640  17.850  -14.211 1.00 11.58 ? 378 LEU A CD1 1 
ATOM   46   C  CD2 . LEU A 1 5   ? -0.656  15.872  -15.373 1.00 17.05 ? 378 LEU A CD2 1 
ATOM   47   N  N   . ILE A 1 6   ? -1.087  13.350  -11.147 1.00 16.67 ? 379 ILE A N   1 
ATOM   48   C  CA  . ILE A 1 6   ? -0.924  12.865  -9.779  1.00 14.63 ? 379 ILE A CA  1 
ATOM   49   C  C   . ILE A 1 6   ? -1.135  14.007  -8.777  1.00 19.12 ? 379 ILE A C   1 
ATOM   50   O  O   . ILE A 1 6   ? -1.314  15.162  -9.183  1.00 27.39 ? 379 ILE A O   1 
ATOM   51   C  CB  . ILE A 1 6   ? 0.456   12.248  -9.540  1.00 7.96  ? 379 ILE A CB  1 
ATOM   52   C  CG1 . ILE A 1 6   ? 1.592   13.265  -9.690  1.00 12.66 ? 379 ILE A CG1 1 
ATOM   53   C  CG2 . ILE A 1 6   ? 0.682   11.039  -10.440 1.00 4.74  ? 379 ILE A CG2 1 
ATOM   54   C  CD1 . ILE A 1 6   ? 2.979   12.699  -9.437  1.00 13.17 ? 379 ILE A CD1 1 
ATOM   55   N  N   . GLY A 1 7   ? -1.150  13.675  -7.509  1.00 21.88 ? 380 GLY A N   1 
ATOM   56   C  CA  . GLY A 1 7   ? -1.403  14.506  -6.390  1.00 21.00 ? 380 GLY A CA  1 
ATOM   57   C  C   . GLY A 1 7   ? -0.911  15.905  -6.383  1.00 17.85 ? 380 GLY A C   1 
ATOM   58   O  O   . GLY A 1 7   ? -1.651  16.836  -5.990  1.00 18.99 ? 380 GLY A O   1 
ATOM   59   N  N   . ASP A 1 8   ? 0.348   16.156  -6.764  1.00 17.57 ? 381 ASP A N   1 
ATOM   60   C  CA  . ASP A 1 8   ? 0.830   17.541  -6.757  1.00 20.27 ? 381 ASP A CA  1 
ATOM   61   C  C   . ASP A 1 8   ? 0.819   18.157  -8.147  1.00 23.38 ? 381 ASP A C   1 
ATOM   62   O  O   . ASP A 1 8   ? 1.488   19.163  -8.401  1.00 21.07 ? 381 ASP A O   1 
ATOM   63   C  CB  . ASP A 1 8   ? 2.229   17.610  -6.148  1.00 20.15 ? 381 ASP A CB  1 
ATOM   64   C  CG  . ASP A 1 8   ? 3.206   16.760  -6.956  1.00 22.01 ? 381 ASP A CG  1 
ATOM   65   O  OD1 . ASP A 1 8   ? 2.736   16.140  -7.929  1.00 24.81 ? 381 ASP A OD1 1 
ATOM   66   O  OD2 . ASP A 1 8   ? 4.380   16.707  -6.599  1.00 24.35 ? 381 ASP A OD2 1 
ATOM   67   N  N   . TYR A 1 9   ? 0.070   17.558  -9.065  1.00 24.62 ? 382 TYR A N   1 
ATOM   68   C  CA  . TYR A 1 9   ? -0.094  18.047  -10.420 1.00 22.63 ? 382 TYR A CA  1 
ATOM   69   C  C   . TYR A 1 9   ? 1.190   18.231  -11.166 1.00 22.03 ? 382 TYR A C   1 
ATOM   70   O  O   . TYR A 1 9   ? 1.319   19.046  -12.090 1.00 26.09 ? 382 TYR A O   1 
ATOM   71   C  CB  . TYR A 1 9   ? -0.921  19.364  -10.378 1.00 22.46 ? 382 TYR A CB  1 
ATOM   72   C  CG  . TYR A 1 9   ? -2.047  19.251  -9.354  1.00 21.40 ? 382 TYR A CG  1 
ATOM   73   C  CD1 . TYR A 1 9   ? -2.886  18.142  -9.368  1.00 18.84 ? 382 TYR A CD1 1 
ATOM   74   C  CD2 . TYR A 1 9   ? -2.229  20.202  -8.371  1.00 22.87 ? 382 TYR A CD2 1 
ATOM   75   C  CE1 . TYR A 1 9   ? -3.900  18.003  -8.439  1.00 20.07 ? 382 TYR A CE1 1 
ATOM   76   C  CE2 . TYR A 1 9   ? -3.248  20.075  -7.436  1.00 24.74 ? 382 TYR A CE2 1 
ATOM   77   C  CZ  . TYR A 1 9   ? -4.074  18.977  -7.480  1.00 24.55 ? 382 TYR A CZ  1 
ATOM   78   O  OH  . TYR A 1 9   ? -5.089  18.839  -6.550  1.00 31.70 ? 382 TYR A OH  1 
ATOM   79   N  N   . SER A 1 10  ? 2.228   17.465  -10.814 1.00 17.65 ? 383 SER A N   1 
ATOM   80   C  CA  . SER A 1 10  ? 3.510   17.658  -11.515 1.00 18.44 ? 383 SER A CA  1 
ATOM   81   C  C   . SER A 1 10  ? 3.563   16.830  -12.786 1.00 24.52 ? 383 SER A C   1 
ATOM   82   O  O   . SER A 1 10  ? 4.173   17.211  -13.792 1.00 31.39 ? 383 SER A O   1 
ATOM   83   C  CB  . SER A 1 10  ? 4.644   17.221  -10.573 1.00 20.77 ? 383 SER A CB  1 
ATOM   84   O  OG  . SER A 1 10  ? 4.395   15.877  -10.139 1.00 26.61 ? 383 SER A OG  1 
ATOM   85   N  N   . LYS A 1 11  ? 2.907   15.662  -12.756 1.00 23.49 ? 384 LYS A N   1 
ATOM   86   C  CA  . LYS A 1 11  ? 2.981   14.817  -13.981 1.00 19.99 ? 384 LYS A CA  1 
ATOM   87   C  C   . LYS A 1 11  ? 1.895   13.763  -13.923 1.00 19.66 ? 384 LYS A C   1 
ATOM   88   O  O   . LYS A 1 11  ? 1.060   13.757  -13.013 1.00 25.12 ? 384 LYS A O   1 
ATOM   89   C  CB  . LYS A 1 11  ? 4.364   14.114  -13.920 1.00 22.24 ? 384 LYS A CB  1 
ATOM   90   C  CG  . LYS A 1 11  ? 4.622   13.540  -12.526 1.00 25.18 ? 384 LYS A CG  1 
ATOM   91   C  CD  . LYS A 1 11  ? 6.009   12.921  -12.453 1.00 29.90 ? 384 LYS A CD  1 
ATOM   92   C  CE  . LYS A 1 11  ? 7.046   13.942  -12.019 1.00 33.33 ? 384 LYS A CE  1 
ATOM   93   N  NZ  . LYS A 1 11  ? 7.056   14.091  -10.531 1.00 44.58 ? 384 LYS A NZ  1 
ATOM   94   N  N   . ALA A 1 12  ? 1.884   12.860  -14.894 1.00 23.08 ? 385 ALA A N   1 
ATOM   95   C  CA  . ALA A 1 12  ? 0.831   11.834  -14.940 1.00 25.26 ? 385 ALA A CA  1 
ATOM   96   C  C   . ALA A 1 12  ? 1.185   10.580  -14.166 1.00 23.78 ? 385 ALA A C   1 
ATOM   97   O  O   . ALA A 1 12  ? 2.327   10.350  -13.780 1.00 22.04 ? 385 ALA A O   1 
ATOM   98   C  CB  . ALA A 1 12  ? 0.576   11.489  -16.412 1.00 23.74 ? 385 ALA A CB  1 
ATOM   99   N  N   . PHE A 1 13  ? 0.168   9.720   -13.919 1.00 20.33 ? 386 PHE A N   1 
ATOM   100  C  CA  . PHE A 1 13  ? 0.439   8.461   -13.238 1.00 16.93 ? 386 PHE A CA  1 
ATOM   101  C  C   . PHE A 1 13  ? 1.324   7.578   -14.133 1.00 20.44 ? 386 PHE A C   1 
ATOM   102  O  O   . PHE A 1 13  ? 1.104   7.463   -15.340 1.00 27.41 ? 386 PHE A O   1 
ATOM   103  C  CB  . PHE A 1 13  ? -0.879  7.699   -12.959 1.00 14.64 ? 386 PHE A CB  1 
ATOM   104  C  CG  . PHE A 1 13  ? -1.658  8.342   -11.824 1.00 20.72 ? 386 PHE A CG  1 
ATOM   105  C  CD1 . PHE A 1 13  ? -2.488  9.419   -12.063 1.00 18.97 ? 386 PHE A CD1 1 
ATOM   106  C  CD2 . PHE A 1 13  ? -1.523  7.866   -10.530 1.00 23.28 ? 386 PHE A CD2 1 
ATOM   107  C  CE1 . PHE A 1 13  ? -3.156  10.045  -11.029 1.00 20.59 ? 386 PHE A CE1 1 
ATOM   108  C  CE2 . PHE A 1 13  ? -2.213  8.470   -9.492  1.00 23.17 ? 386 PHE A CE2 1 
ATOM   109  C  CZ  . PHE A 1 13  ? -3.052  9.535   -9.743  1.00 22.59 ? 386 PHE A CZ  1 
ATOM   110  N  N   . LEU A 1 14  ? 2.324   6.951   -13.532 1.00 17.30 ? 387 LEU A N   1 
ATOM   111  C  CA  . LEU A 1 14  ? 3.220   6.087   -14.280 1.00 16.09 ? 387 LEU A CA  1 
ATOM   112  C  C   . LEU A 1 14  ? 2.588   4.758   -14.637 1.00 18.05 ? 387 LEU A C   1 
ATOM   113  O  O   . LEU A 1 14  ? 2.797   4.208   -15.714 1.00 16.94 ? 387 LEU A O   1 
ATOM   114  C  CB  . LEU A 1 14  ? 4.472   5.843   -13.413 1.00 20.66 ? 387 LEU A CB  1 
ATOM   115  C  CG  . LEU A 1 14  ? 5.569   5.017   -14.074 1.00 21.71 ? 387 LEU A CG  1 
ATOM   116  C  CD1 . LEU A 1 14  ? 6.256   5.800   -15.169 1.00 20.04 ? 387 LEU A CD1 1 
ATOM   117  C  CD2 . LEU A 1 14  ? 6.551   4.495   -13.046 1.00 19.53 ? 387 LEU A CD2 1 
ATOM   118  N  N   . LEU A 1 15  ? 1.838   4.146   -13.702 1.00 18.14 ? 388 LEU A N   1 
ATOM   119  C  CA  . LEU A 1 15  ? 1.337   2.820   -13.942 1.00 16.01 ? 388 LEU A CA  1 
ATOM   120  C  C   . LEU A 1 15  ? -0.023  2.736   -14.585 1.00 18.98 ? 388 LEU A C   1 
ATOM   121  O  O   . LEU A 1 15  ? -0.863  3.615   -14.461 1.00 17.36 ? 388 LEU A O   1 
ATOM   122  C  CB  . LEU A 1 15  ? 1.403   1.952   -12.691 1.00 18.45 ? 388 LEU A CB  1 
ATOM   123  C  CG  . LEU A 1 15  ? 2.660   2.135   -11.825 1.00 23.02 ? 388 LEU A CG  1 
ATOM   124  C  CD1 . LEU A 1 15  ? 2.558   1.368   -10.525 1.00 16.19 ? 388 LEU A CD1 1 
ATOM   125  C  CD2 . LEU A 1 15  ? 3.897   1.733   -12.619 1.00 27.91 ? 388 LEU A CD2 1 
ATOM   126  N  N   . GLN A 1 16  ? -0.257  1.593   -15.236 1.00 24.16 ? 389 GLN A N   1 
ATOM   127  C  CA  . GLN A 1 16  ? -1.559  1.286   -15.838 1.00 27.76 ? 389 GLN A CA  1 
ATOM   128  C  C   . GLN A 1 16  ? -2.512  0.936   -14.673 1.00 20.59 ? 389 GLN A C   1 
ATOM   129  O  O   . GLN A 1 16  ? -2.096  0.185   -13.799 1.00 21.10 ? 389 GLN A O   1 
ATOM   130  C  CB  . GLN A 1 16  ? -1.397  -0.008  -16.678 1.00 40.44 ? 389 GLN A CB  1 
ATOM   131  C  CG  . GLN A 1 16  ? -0.805  0.234   -18.052 1.00 56.30 ? 389 GLN A CG  1 
ATOM   132  C  CD  . GLN A 1 16  ? -1.227  -0.817  -19.068 1.00 69.71 ? 389 GLN A CD  1 
ATOM   133  O  OE1 . GLN A 1 16  ? -0.574  -1.849  -19.242 1.00 81.18 ? 389 GLN A OE1 1 
ATOM   134  N  NE2 . GLN A 1 16  ? -2.345  -0.555  -19.748 1.00 88.21 ? 389 GLN A NE2 1 
ATOM   135  N  N   . THR A 1 17  ? -3.710  1.469   -14.693 1.00 17.64 ? 390 THR A N   1 
ATOM   136  C  CA  . THR A 1 17  ? -4.648  1.216   -13.609 1.00 23.29 ? 390 THR A CA  1 
ATOM   137  C  C   . THR A 1 17  ? -5.836  0.383   -14.076 1.00 27.63 ? 390 THR A C   1 
ATOM   138  O  O   . THR A 1 17  ? -6.226  0.436   -15.236 1.00 28.90 ? 390 THR A O   1 
ATOM   139  C  CB  . THR A 1 17  ? -5.170  2.534   -13.000 1.00 23.59 ? 390 THR A CB  1 
ATOM   140  O  OG1 . THR A 1 17  ? -5.526  3.431   -14.055 1.00 29.62 ? 390 THR A OG1 1 
ATOM   141  C  CG2 . THR A 1 17  ? -4.080  3.217   -12.189 1.00 21.82 ? 390 THR A CG2 1 
ATOM   142  N  N   . VAL A 1 18  ? -6.391  -0.380  -13.139 1.00 27.33 ? 391 VAL A N   1 
ATOM   143  C  CA  . VAL A 1 18  ? -7.564  -1.211  -13.426 1.00 27.48 ? 391 VAL A CA  1 
ATOM   144  C  C   . VAL A 1 18  ? -8.763  -0.649  -12.654 1.00 31.62 ? 391 VAL A C   1 
ATOM   145  O  O   . VAL A 1 18  ? -8.593  0.306   -11.875 1.00 33.27 ? 391 VAL A O   1 
ATOM   146  C  CB  . VAL A 1 18  ? -7.348  -2.675  -12.999 1.00 24.63 ? 391 VAL A CB  1 
ATOM   147  C  CG1 . VAL A 1 18  ? -6.301  -3.358  -13.850 1.00 27.71 ? 391 VAL A CG1 1 
ATOM   148  C  CG2 . VAL A 1 18  ? -7.026  -2.791  -11.533 1.00 19.68 ? 391 VAL A CG2 1 
ATOM   149  N  N   . ASP A 1 19  ? -9.936  -1.214  -12.852 1.00 33.77 ? 392 ASP A N   1 
ATOM   150  C  CA  . ASP A 1 19  ? -11.128 -0.705  -12.143 1.00 35.93 ? 392 ASP A CA  1 
ATOM   151  C  C   . ASP A 1 19  ? -11.257 -1.342  -10.766 1.00 29.87 ? 392 ASP A C   1 
ATOM   152  O  O   . ASP A 1 19  ? -10.967 -2.526  -10.590 1.00 25.94 ? 392 ASP A O   1 
ATOM   153  C  CB  . ASP A 1 19  ? -12.371 -0.977  -12.988 1.00 40.08 ? 392 ASP A CB  1 
ATOM   154  C  CG  . ASP A 1 19  ? -13.649 -0.531  -12.307 1.00 46.27 ? 392 ASP A CG  1 
ATOM   155  O  OD1 . ASP A 1 19  ? -13.755 0.657   -11.932 1.00 55.78 ? 392 ASP A OD1 1 
ATOM   156  O  OD2 . ASP A 1 19  ? -14.555 -1.382  -12.163 1.00 52.85 ? 392 ASP A OD2 1 
ATOM   157  N  N   . GLY A 1 20  ? -11.698 -0.564  -9.781  1.00 25.81 ? 393 GLY A N   1 
ATOM   158  C  CA  . GLY A 1 20  ? -11.866 -1.086  -8.428  1.00 26.33 ? 393 GLY A CA  1 
ATOM   159  C  C   . GLY A 1 20  ? -13.070 -0.472  -7.746  1.00 31.51 ? 393 GLY A C   1 
ATOM   160  O  O   . GLY A 1 20  ? -13.656 0.502   -8.227  1.00 34.39 ? 393 GLY A O   1 
ATOM   161  N  N   . LYS A 1 21  ? -13.493 -1.045  -6.616  1.00 32.59 ? 394 LYS A N   1 
ATOM   162  C  CA  . LYS A 1 21  ? -14.672 -0.555  -5.942  1.00 30.23 ? 394 LYS A CA  1 
ATOM   163  C  C   . LYS A 1 21  ? -14.677 0.898   -5.624  1.00 25.98 ? 394 LYS A C   1 
ATOM   164  O  O   . LYS A 1 21  ? -15.702 1.590   -5.792  1.00 25.45 ? 394 LYS A O   1 
ATOM   165  C  CB  . LYS A 1 21  ? -15.091 -1.427  -4.780  1.00 37.72 ? 394 LYS A CB  1 
ATOM   166  C  CG  . LYS A 1 21  ? -15.697 -0.676  -3.609  1.00 45.30 ? 394 LYS A CG  1 
ATOM   167  C  CD  . LYS A 1 21  ? -16.143 -1.625  -2.506  1.00 53.04 ? 394 LYS A CD  1 
ATOM   168  C  CE  . LYS A 1 21  ? -15.070 -1.766  -1.433  1.00 58.17 ? 394 LYS A CE  1 
ATOM   169  N  NZ  . LYS A 1 21  ? -15.607 -1.479  -0.070  1.00 66.74 ? 394 LYS A NZ  1 
ATOM   170  N  N   . HIS A 1 22  ? -13.585 1.465   -5.112  1.00 25.62 ? 395 HIS A N   1 
ATOM   171  C  CA  . HIS A 1 22  ? -13.620 2.909   -4.785  1.00 27.22 ? 395 HIS A CA  1 
ATOM   172  C  C   . HIS A 1 22  ? -13.250 3.728   -6.012  1.00 27.42 ? 395 HIS A C   1 
ATOM   173  O  O   . HIS A 1 22  ? -12.096 3.751   -6.431  1.00 28.51 ? 395 HIS A O   1 
ATOM   174  C  CB  . HIS A 1 22  ? -12.607 3.172   -3.654  1.00 31.34 ? 395 HIS A CB  1 
ATOM   175  C  CG  . HIS A 1 22  ? -13.088 2.568   -2.365  1.00 34.84 ? 395 HIS A CG  1 
ATOM   176  N  ND1 . HIS A 1 22  ? -12.701 1.324   -1.940  1.00 41.73 ? 395 HIS A ND1 1 
ATOM   177  C  CD2 . HIS A 1 22  ? -13.967 3.025   -1.449  1.00 36.04 ? 395 HIS A CD2 1 
ATOM   178  C  CE1 . HIS A 1 22  ? -13.307 1.039   -0.792  1.00 42.23 ? 395 HIS A CE1 1 
ATOM   179  N  NE2 . HIS A 1 22  ? -14.084 2.066   -0.478  1.00 40.82 ? 395 HIS A NE2 1 
ATOM   180  N  N   . GLN A 1 23  ? -14.239 4.352   -6.615  1.00 31.61 ? 396 GLN A N   1 
ATOM   181  C  CA  . GLN A 1 23  ? -14.146 5.097   -7.827  1.00 37.57 ? 396 GLN A CA  1 
ATOM   182  C  C   . GLN A 1 23  ? -13.118 6.186   -7.859  1.00 34.56 ? 396 GLN A C   1 
ATOM   183  O  O   . GLN A 1 23  ? -12.642 6.587   -8.935  1.00 44.39 ? 396 GLN A O   1 
ATOM   184  C  CB  . GLN A 1 23  ? -15.510 5.575   -8.334  1.00 42.96 ? 396 GLN A CB  1 
ATOM   185  C  CG  . GLN A 1 23  ? -16.469 4.448   -8.694  1.00 51.77 ? 396 GLN A CG  1 
ATOM   186  C  CD  . GLN A 1 23  ? -15.936 3.506   -9.751  1.00 57.69 ? 396 GLN A CD  1 
ATOM   187  O  OE1 . GLN A 1 23  ? -16.412 3.494   -10.897 1.00 70.12 ? 396 GLN A OE1 1 
ATOM   188  N  NE2 . GLN A 1 23  ? -14.960 2.677   -9.399  1.00 58.52 ? 396 GLN A NE2 1 
ATOM   189  N  N   . ASP A 1 24  ? -12.735 6.723   -6.706  1.00 32.23 ? 397 ASP A N   1 
ATOM   190  C  CA  . ASP A 1 24  ? -11.752 7.806   -6.682  1.00 31.70 ? 397 ASP A CA  1 
ATOM   191  C  C   . ASP A 1 24  ? -10.366 7.330   -6.279  1.00 28.09 ? 397 ASP A C   1 
ATOM   192  O  O   . ASP A 1 24  ? -9.501  8.138   -5.910  1.00 35.65 ? 397 ASP A O   1 
ATOM   193  C  CB  . ASP A 1 24  ? -12.229 8.884   -5.694  1.00 35.03 ? 397 ASP A CB  1 
ATOM   194  C  CG  . ASP A 1 24  ? -12.302 8.347   -4.274  1.00 37.16 ? 397 ASP A CG  1 
ATOM   195  O  OD1 . ASP A 1 24  ? -12.609 7.152   -4.092  1.00 33.89 ? 397 ASP A OD1 1 
ATOM   196  O  OD2 . ASP A 1 24  ? -12.061 9.146   -3.348  1.00 42.18 ? 397 ASP A OD2 1 
ATOM   197  N  N   . LEU A 1 25  ? -10.139 6.025   -6.276  1.00 24.69 ? 398 LEU A N   1 
ATOM   198  C  CA  . LEU A 1 25  ? -8.811  5.494   -5.915  1.00 19.49 ? 398 LEU A CA  1 
ATOM   199  C  C   . LEU A 1 25  ? -8.210  4.845   -7.169  1.00 20.41 ? 398 LEU A C   1 
ATOM   200  O  O   . LEU A 1 25  ? -8.975  4.538   -8.081  1.00 24.32 ? 398 LEU A O   1 
ATOM   201  C  CB  . LEU A 1 25  ? -8.932  4.437   -4.810  1.00 18.16 ? 398 LEU A CB  1 
ATOM   202  C  CG  . LEU A 1 25  ? -9.344  5.046   -3.440  1.00 20.74 ? 398 LEU A CG  1 
ATOM   203  C  CD1 . LEU A 1 25  ? -9.202  4.015   -2.335  1.00 22.92 ? 398 LEU A CD1 1 
ATOM   204  C  CD2 . LEU A 1 25  ? -8.439  6.257   -3.176  1.00 26.43 ? 398 LEU A CD2 1 
ATOM   205  N  N   . LYS A 1 26  ? -6.897  4.695   -7.174  1.00 20.38 ? 399 LYS A N   1 
ATOM   206  C  CA  . LYS A 1 26  ? -6.202  4.084   -8.324  1.00 19.14 ? 399 LYS A CA  1 
ATOM   207  C  C   . LYS A 1 26  ? -5.799  2.658   -7.953  1.00 18.28 ? 399 LYS A C   1 
ATOM   208  O  O   . LYS A 1 26  ? -5.179  2.433   -6.908  1.00 26.07 ? 399 LYS A O   1 
ATOM   209  C  CB  . LYS A 1 26  ? -4.992  4.934   -8.690  1.00 21.00 ? 399 LYS A CB  1 
ATOM   210  C  CG  . LYS A 1 26  ? -5.350  6.365   -9.142  1.00 26.23 ? 399 LYS A CG  1 
ATOM   211  C  CD  . LYS A 1 26  ? -6.155  6.284   -10.437 1.00 28.08 ? 399 LYS A CD  1 
ATOM   212  C  CE  . LYS A 1 26  ? -6.555  7.646   -10.946 1.00 31.33 ? 399 LYS A CE  1 
ATOM   213  N  NZ  . LYS A 1 26  ? -7.755  8.185   -10.248 1.00 31.82 ? 399 LYS A NZ  1 
ATOM   214  N  N   . TYR A 1 27  ? -6.210  1.686   -8.771  1.00 13.42 ? 400 TYR A N   1 
ATOM   215  C  CA  . TYR A 1 27  ? -5.925  0.288   -8.468  1.00 15.13 ? 400 TYR A CA  1 
ATOM   216  C  C   . TYR A 1 27  ? -4.976  -0.252  -9.574  1.00 16.73 ? 400 TYR A C   1 
ATOM   217  O  O   . TYR A 1 27  ? -5.125  0.195   -10.692 1.00 20.64 ? 400 TYR A O   1 
ATOM   218  C  CB  . TYR A 1 27  ? -7.171  -0.580  -8.446  1.00 18.19 ? 400 TYR A CB  1 
ATOM   219  C  CG  . TYR A 1 27  ? -8.187  -0.318  -7.378  1.00 21.80 ? 400 TYR A CG  1 
ATOM   220  C  CD1 . TYR A 1 27  ? -8.942  0.856   -7.382  1.00 24.38 ? 400 TYR A CD1 1 
ATOM   221  C  CD2 . TYR A 1 27  ? -8.440  -1.233  -6.356  1.00 23.34 ? 400 TYR A CD2 1 
ATOM   222  C  CE1 . TYR A 1 27  ? -9.896  1.117   -6.419  1.00 26.52 ? 400 TYR A CE1 1 
ATOM   223  C  CE2 . TYR A 1 27  ? -9.393  -0.975  -5.385  1.00 26.22 ? 400 TYR A CE2 1 
ATOM   224  C  CZ  . TYR A 1 27  ? -10.121 0.198   -5.416  1.00 27.88 ? 400 TYR A CZ  1 
ATOM   225  O  OH  . TYR A 1 27  ? -11.060 0.471   -4.447  1.00 20.13 ? 400 TYR A OH  1 
ATOM   226  N  N   . ILE A 1 28  ? -4.083  -1.121  -9.156  1.00 17.91 ? 401 ILE A N   1 
ATOM   227  C  CA  . ILE A 1 28  ? -3.146  -1.833  -10.003 1.00 18.67 ? 401 ILE A CA  1 
ATOM   228  C  C   . ILE A 1 28  ? -3.353  -3.338  -9.862  1.00 21.84 ? 401 ILE A C   1 
ATOM   229  O  O   . ILE A 1 28  ? -3.843  -3.808  -8.811  1.00 22.54 ? 401 ILE A O   1 
ATOM   230  C  CB  . ILE A 1 28  ? -1.675  -1.483  -9.719  1.00 17.20 ? 401 ILE A CB  1 
ATOM   231  C  CG1 . ILE A 1 28  ? -1.209  -1.744  -8.288  1.00 16.55 ? 401 ILE A CG1 1 
ATOM   232  C  CG2 . ILE A 1 28  ? -1.451  0.000   -10.081 1.00 14.24 ? 401 ILE A CG2 1 
ATOM   233  C  CD1 . ILE A 1 28  ? 0.247   -2.178  -8.164  1.00 13.35 ? 401 ILE A CD1 1 
ATOM   234  N  N   . SER A 1 29  ? -3.020  -4.092  -10.888 1.00 19.79 ? 402 SER A N   1 
ATOM   235  C  CA  . SER A 1 29  ? -3.215  -5.564  -10.839 1.00 19.81 ? 402 SER A CA  1 
ATOM   236  C  C   . SER A 1 29  ? -1.959  -6.254  -10.299 1.00 20.09 ? 402 SER A C   1 
ATOM   237  O  O   . SER A 1 29  ? -0.894  -5.634  -10.193 1.00 22.32 ? 402 SER A O   1 
ATOM   238  C  CB  . SER A 1 29  ? -3.441  -6.020  -12.303 1.00 17.44 ? 402 SER A CB  1 
ATOM   239  O  OG  . SER A 1 29  ? -2.179  -6.011  -12.972 1.00 20.63 ? 402 SER A OG  1 
ATOM   240  N  N   . PRO A 1 30  ? -2.057  -7.525  -9.946  1.00 20.82 ? 403 PRO A N   1 
ATOM   241  C  CA  . PRO A 1 30  ? -0.921  -8.280  -9.416  1.00 17.71 ? 403 PRO A CA  1 
ATOM   242  C  C   . PRO A 1 30  ? 0.253   -8.360  -10.407 1.00 20.77 ? 403 PRO A C   1 
ATOM   243  O  O   . PRO A 1 30  ? 1.407   -8.519  -9.978  1.00 19.30 ? 403 PRO A O   1 
ATOM   244  C  CB  . PRO A 1 30  ? -1.504  -9.672  -9.189  1.00 17.93 ? 403 PRO A CB  1 
ATOM   245  C  CG  . PRO A 1 30  ? -2.971  -9.439  -8.985  1.00 18.25 ? 403 PRO A CG  1 
ATOM   246  C  CD  . PRO A 1 30  ? -3.308  -8.301  -9.924  1.00 22.21 ? 403 PRO A CD  1 
ATOM   247  N  N   . GLU A 1 31  ? -0.048  -8.267  -11.670 1.00 23.55 ? 404 GLU A N   1 
ATOM   248  C  CA  . GLU A 1 31  ? 0.903   -8.296  -12.792 1.00 30.59 ? 404 GLU A CA  1 
ATOM   249  C  C   . GLU A 1 31  ? 1.824   -7.058  -12.707 1.00 30.18 ? 404 GLU A C   1 
ATOM   250  O  O   . GLU A 1 31  ? 3.038   -7.128  -12.836 1.00 20.60 ? 404 GLU A O   1 
ATOM   251  C  CB  . GLU A 1 31  ? 0.024   -8.142  -14.061 1.00 43.43 ? 404 GLU A CB  1 
ATOM   252  C  CG  . GLU A 1 31  ? 0.228   -9.198  -15.112 1.00 57.66 ? 404 GLU A CG  1 
ATOM   253  C  CD  . GLU A 1 31  ? -0.204  -8.717  -16.500 1.00 67.44 ? 404 GLU A CD  1 
ATOM   254  O  OE1 . GLU A 1 31  ? -1.431  -8.604  -16.719 1.00 82.27 ? 404 GLU A OE1 1 
ATOM   255  O  OE2 . GLU A 1 31  ? 0.687   -8.431  -17.330 1.00 70.51 ? 404 GLU A OE2 1 
ATOM   256  N  N   . THR A 1 32  ? 1.181   -5.899  -12.521 1.00 28.60 ? 405 THR A N   1 
ATOM   257  C  CA  . THR A 1 32  ? 1.930   -4.638  -12.360 1.00 23.80 ? 405 THR A CA  1 
ATOM   258  C  C   . THR A 1 32  ? 2.748   -4.711  -11.086 1.00 21.06 ? 405 THR A C   1 
ATOM   259  O  O   . THR A 1 32  ? 3.912   -4.326  -11.054 1.00 18.98 ? 405 THR A O   1 
ATOM   260  C  CB  . THR A 1 32  ? 0.967   -3.451  -12.358 1.00 25.96 ? 405 THR A CB  1 
ATOM   261  O  OG1 . THR A 1 32  ? 0.243   -3.456  -13.604 1.00 23.22 ? 405 THR A OG1 1 
ATOM   262  C  CG2 . THR A 1 32  ? 1.644   -2.103  -12.237 1.00 18.01 ? 405 THR A CG2 1 
ATOM   263  N  N   . MET A 1 33  ? 2.198   -5.351  -10.038 1.00 18.20 ? 406 MET A N   1 
ATOM   264  C  CA  . MET A 1 33  ? 3.003   -5.541  -8.832  1.00 15.55 ? 406 MET A CA  1 
ATOM   265  C  C   . MET A 1 33  ? 4.258   -6.325  -9.131  1.00 18.48 ? 406 MET A C   1 
ATOM   266  O  O   . MET A 1 33  ? 5.348   -6.018  -8.661  1.00 13.91 ? 406 MET A O   1 
ATOM   267  C  CB  . MET A 1 33  ? 2.193   -6.174  -7.712  1.00 15.06 ? 406 MET A CB  1 
ATOM   268  C  CG  . MET A 1 33  ? 2.913   -6.296  -6.386  1.00 14.25 ? 406 MET A CG  1 
ATOM   269  S  SD  . MET A 1 33  ? 2.927   -4.754  -5.438  1.00 30.03 ? 406 MET A SD  1 
ATOM   270  C  CE  . MET A 1 33  ? 4.646   -4.343  -5.487  1.00 19.02 ? 406 MET A CE  1 
ATOM   271  N  N   . VAL A 1 34  ? 4.181   -7.367  -9.979  1.00 20.86 ? 407 VAL A N   1 
ATOM   272  C  CA  . VAL A 1 34  ? 5.418   -8.112  -10.239 1.00 22.25 ? 407 VAL A CA  1 
ATOM   273  C  C   . VAL A 1 34  ? 6.371   -7.325  -11.099 1.00 22.39 ? 407 VAL A C   1 
ATOM   274  O  O   . VAL A 1 34  ? 7.600   -7.436  -10.990 1.00 16.41 ? 407 VAL A O   1 
ATOM   275  C  CB  . VAL A 1 34  ? 5.197   -9.529  -10.699 1.00 26.70 ? 407 VAL A CB  1 
ATOM   276  C  CG1 . VAL A 1 34  ? 6.483   -10.221 -11.136 1.00 33.76 ? 407 VAL A CG1 1 
ATOM   277  C  CG2 . VAL A 1 34  ? 4.509   -10.385 -9.630  1.00 26.56 ? 407 VAL A CG2 1 
ATOM   278  N  N   . ALA A 1 35  ? 5.840   -6.451  -11.968 1.00 16.55 ? 408 ALA A N   1 
ATOM   279  C  CA  . ALA A 1 35  ? 6.689   -5.605  -12.785 1.00 12.77 ? 408 ALA A CA  1 
ATOM   280  C  C   . ALA A 1 35  ? 7.595   -4.709  -11.962 1.00 13.49 ? 408 ALA A C   1 
ATOM   281  O  O   . ALA A 1 35  ? 8.785   -4.527  -12.247 1.00 17.54 ? 408 ALA A O   1 
ATOM   282  C  CB  . ALA A 1 35  ? 5.877   -4.819  -13.789 1.00 15.56 ? 408 ALA A CB  1 
ATOM   283  N  N   . LEU A 1 36  ? 7.075   -4.125  -10.891 1.00 14.75 ? 409 LEU A N   1 
ATOM   284  C  CA  . LEU A 1 36  ? 7.925   -3.254  -10.046 1.00 15.21 ? 409 LEU A CA  1 
ATOM   285  C  C   . LEU A 1 36  ? 8.948   -4.098  -9.288  1.00 15.75 ? 409 LEU A C   1 
ATOM   286  O  O   . LEU A 1 36  ? 10.127  -3.753  -9.163  1.00 18.14 ? 409 LEU A O   1 
ATOM   287  C  CB  . LEU A 1 36  ? 6.955   -2.609  -9.006  1.00 14.08 ? 409 LEU A CB  1 
ATOM   288  C  CG  . LEU A 1 36  ? 6.171   -1.412  -9.536  1.00 18.18 ? 409 LEU A CG  1 
ATOM   289  C  CD1 . LEU A 1 36  ? 4.947   -1.141  -8.660  1.00 23.63 ? 409 LEU A CD1 1 
ATOM   290  C  CD2 . LEU A 1 36  ? 7.069   -0.181  -9.597  1.00 18.51 ? 409 LEU A CD2 1 
ATOM   291  N  N   . LEU A 1 37  ? 8.495   -5.235  -8.754  1.00 13.53 ? 410 LEU A N   1 
ATOM   292  C  CA  . LEU A 1 37  ? 9.392   -6.080  -7.953  1.00 15.60 ? 410 LEU A CA  1 
ATOM   293  C  C   . LEU A 1 37  ? 10.543  -6.642  -8.755  1.00 18.86 ? 410 LEU A C   1 
ATOM   294  O  O   . LEU A 1 37  ? 11.622  -6.945  -8.230  1.00 20.12 ? 410 LEU A O   1 
ATOM   295  C  CB  . LEU A 1 37  ? 8.585   -7.208  -7.311  1.00 17.90 ? 410 LEU A CB  1 
ATOM   296  C  CG  . LEU A 1 37  ? 7.795   -6.888  -6.057  1.00 17.76 ? 410 LEU A CG  1 
ATOM   297  C  CD1 . LEU A 1 37  ? 6.790   -7.982  -5.737  1.00 16.08 ? 410 LEU A CD1 1 
ATOM   298  C  CD2 . LEU A 1 37  ? 8.738   -6.664  -4.867  1.00 18.09 ? 410 LEU A CD2 1 
ATOM   299  N  N   . THR A 1 38  ? 10.343  -6.819  -10.062 1.00 23.40 ? 411 THR A N   1 
ATOM   300  C  CA  . THR A 1 38  ? 11.374  -7.353  -10.928 1.00 24.15 ? 411 THR A CA  1 
ATOM   301  C  C   . THR A 1 38  ? 12.192  -6.263  -11.583 1.00 24.49 ? 411 THR A C   1 
ATOM   302  O  O   . THR A 1 38  ? 13.044  -6.515  -12.440 1.00 29.76 ? 411 THR A O   1 
ATOM   303  C  CB  . THR A 1 38  ? 10.832  -8.317  -11.979 1.00 23.06 ? 411 THR A CB  1 
ATOM   304  O  OG1 . THR A 1 38  ? 9.828   -7.667  -12.773 1.00 14.82 ? 411 THR A OG1 1 
ATOM   305  C  CG2 . THR A 1 38  ? 10.188  -9.533  -11.346 1.00 18.69 ? 411 THR A CG2 1 
ATOM   306  N  N   . GLY A 1 39  ? 12.010  -5.013  -11.150 1.00 21.92 ? 412 GLY A N   1 
ATOM   307  C  CA  . GLY A 1 39  ? 12.852  -3.955  -11.687 1.00 22.47 ? 412 GLY A CA  1 
ATOM   308  C  C   . GLY A 1 39  ? 12.455  -3.456  -13.038 1.00 21.28 ? 412 GLY A C   1 
ATOM   309  O  O   . GLY A 1 39  ? 13.214  -2.746  -13.720 1.00 19.53 ? 412 GLY A O   1 
ATOM   310  N  N   . LYS A 1 40  ? 11.236  -3.740  -13.500 1.00 23.19 ? 413 LYS A N   1 
ATOM   311  C  CA  . LYS A 1 40  ? 10.861  -3.198  -14.807 1.00 27.42 ? 413 LYS A CA  1 
ATOM   312  C  C   . LYS A 1 40  ? 10.893  -1.692  -14.849 1.00 26.41 ? 413 LYS A C   1 
ATOM   313  O  O   . LYS A 1 40  ? 11.109  -1.069  -15.908 1.00 26.56 ? 413 LYS A O   1 
ATOM   314  C  CB  . LYS A 1 40  ? 9.506   -3.747  -15.246 1.00 35.41 ? 413 LYS A CB  1 
ATOM   315  C  CG  . LYS A 1 40  ? 9.580   -5.053  -16.023 1.00 44.80 ? 413 LYS A CG  1 
ATOM   316  C  CD  . LYS A 1 40  ? 10.669  -5.953  -15.436 1.00 56.81 ? 413 LYS A CD  1 
ATOM   317  C  CE  . LYS A 1 40  ? 10.616  -7.352  -16.019 1.00 64.25 ? 413 LYS A CE  1 
ATOM   318  N  NZ  . LYS A 1 40  ? 10.765  -8.406  -14.972 1.00 74.20 ? 413 LYS A NZ  1 
ATOM   319  N  N   . PHE A 1 41  ? 10.671  -1.004  -13.718 1.00 20.26 ? 414 PHE A N   1 
ATOM   320  C  CA  . PHE A 1 41  ? 10.644  0.461   -13.801 1.00 19.23 ? 414 PHE A CA  1 
ATOM   321  C  C   . PHE A 1 41  ? 11.817  1.091   -13.075 1.00 20.83 ? 414 PHE A C   1 
ATOM   322  O  O   . PHE A 1 41  ? 11.742  2.264   -12.689 1.00 23.68 ? 414 PHE A O   1 
ATOM   323  C  CB  . PHE A 1 41  ? 9.329   0.982   -13.196 1.00 19.76 ? 414 PHE A CB  1 
ATOM   324  C  CG  . PHE A 1 41  ? 8.100   0.477   -13.933 1.00 22.60 ? 414 PHE A CG  1 
ATOM   325  C  CD1 . PHE A 1 41  ? 7.572   1.198   -14.986 1.00 24.02 ? 414 PHE A CD1 1 
ATOM   326  C  CD2 . PHE A 1 41  ? 7.506   -0.714  -13.572 1.00 25.06 ? 414 PHE A CD2 1 
ATOM   327  C  CE1 . PHE A 1 41  ? 6.456   0.740   -15.659 1.00 29.42 ? 414 PHE A CE1 1 
ATOM   328  C  CE2 . PHE A 1 41  ? 6.381   -1.183  -14.243 1.00 27.79 ? 414 PHE A CE2 1 
ATOM   329  C  CZ  . PHE A 1 41  ? 5.862   -0.464  -15.298 1.00 29.34 ? 414 PHE A CZ  1 
ATOM   330  N  N   . SER A 1 42  ? 12.887  0.345   -12.876 1.00 26.05 ? 415 SER A N   1 
ATOM   331  C  CA  . SER A 1 42  ? 14.057  0.817   -12.154 1.00 27.76 ? 415 SER A CA  1 
ATOM   332  C  C   . SER A 1 42  ? 14.670  2.059   -12.735 1.00 24.30 ? 415 SER A C   1 
ATOM   333  O  O   . SER A 1 42  ? 15.452  2.777   -12.101 1.00 24.18 ? 415 SER A O   1 
ATOM   334  C  CB  . SER A 1 42  ? 15.083  -0.303  -11.983 1.00 31.84 ? 415 SER A CB  1 
ATOM   335  O  OG  . SER A 1 42  ? 15.806  -0.528  -13.189 1.00 38.02 ? 415 SER A OG  1 
ATOM   336  N  N   . ASN A 1 43  ? 14.374  2.350   -13.999 1.00 24.48 ? 416 ASN A N   1 
ATOM   337  C  CA  . ASN A 1 43  ? 14.962  3.550   -14.610 1.00 29.72 ? 416 ASN A CA  1 
ATOM   338  C  C   . ASN A 1 43  ? 14.290  4.792   -14.018 1.00 30.41 ? 416 ASN A C   1 
ATOM   339  O  O   . ASN A 1 43  ? 14.876  5.857   -13.936 1.00 35.02 ? 416 ASN A O   1 
ATOM   340  C  CB  . ASN A 1 43  ? 14.524  3.524   -16.130 1.00 39.37 ? 416 ASN A CB  1 
ATOM   341  C  CG  . ASN A 1 43  ? 15.638  2.885   -16.936 1.00 53.75 ? 416 ASN A CG  1 
ATOM   342  O  OD1 . ASN A 1 43  ? 16.742  3.438   -17.017 1.00 75.38 ? 416 ASN A OD1 1 
ATOM   343  N  ND2 . ASN A 1 43  ? 15.376  1.705   -17.478 1.00 70.64 ? 416 ASN A ND2 1 
ATOM   344  N  N   . ILE A 1 44  ? 13.003  4.615   -13.697 1.00 29.04 ? 417 ILE A N   1 
ATOM   345  C  CA  . ILE A 1 44  ? 12.181  5.730   -13.281 1.00 28.32 ? 417 ILE A CA  1 
ATOM   346  C  C   . ILE A 1 44  ? 11.799  5.746   -11.831 1.00 25.74 ? 417 ILE A C   1 
ATOM   347  O  O   . ILE A 1 44  ? 11.708  6.813   -11.198 1.00 22.78 ? 417 ILE A O   1 
ATOM   348  C  CB  . ILE A 1 44  ? 10.916  5.801   -14.177 1.00 33.60 ? 417 ILE A CB  1 
ATOM   349  C  CG1 . ILE A 1 44  ? 11.279  6.044   -15.657 1.00 39.02 ? 417 ILE A CG1 1 
ATOM   350  C  CG2 . ILE A 1 44  ? 9.973   6.883   -13.688 1.00 41.04 ? 417 ILE A CG2 1 
ATOM   351  C  CD1 . ILE A 1 44  ? 10.110  5.729   -16.589 1.00 55.96 ? 417 ILE A CD1 1 
ATOM   352  N  N   . VAL A 1 45  ? 11.531  4.578   -11.245 1.00 22.60 ? 418 VAL A N   1 
ATOM   353  C  CA  . VAL A 1 45  ? 11.124  4.510   -9.856  1.00 22.72 ? 418 VAL A CA  1 
ATOM   354  C  C   . VAL A 1 45  ? 12.315  4.309   -8.934  1.00 22.49 ? 418 VAL A C   1 
ATOM   355  O  O   . VAL A 1 45  ? 13.027  3.312   -9.012  1.00 18.62 ? 418 VAL A O   1 
ATOM   356  C  CB  . VAL A 1 45  ? 10.077  3.404   -9.609  1.00 23.11 ? 418 VAL A CB  1 
ATOM   357  C  CG1 . VAL A 1 45  ? 9.657   3.389   -8.147  1.00 24.33 ? 418 VAL A CG1 1 
ATOM   358  C  CG2 . VAL A 1 45  ? 8.850   3.648   -10.497 1.00 24.77 ? 418 VAL A CG2 1 
ATOM   359  N  N   . ASP A 1 46  ? 12.526  5.288   -8.036  1.00 21.46 ? 419 ASP A N   1 
ATOM   360  C  CA  . ASP A 1 46  ? 13.644  5.177   -7.111  1.00 20.87 ? 419 ASP A CA  1 
ATOM   361  C  C   . ASP A 1 46  ? 13.301  4.206   -5.975  1.00 21.78 ? 419 ASP A C   1 
ATOM   362  O  O   . ASP A 1 46  ? 14.113  3.375   -5.598  1.00 20.31 ? 419 ASP A O   1 
ATOM   363  C  CB  . ASP A 1 46  ? 13.962  6.562   -6.492  1.00 21.83 ? 419 ASP A CB  1 
ATOM   364  C  CG  . ASP A 1 46  ? 15.405  6.530   -5.980  1.00 27.28 ? 419 ASP A CG  1 
ATOM   365  O  OD1 . ASP A 1 46  ? 16.275  6.262   -6.837  1.00 40.27 ? 419 ASP A OD1 1 
ATOM   366  O  OD2 . ASP A 1 46  ? 15.632  6.642   -4.768  1.00 25.46 ? 419 ASP A OD2 1 
ATOM   367  N  N   . LYS A 1 47  ? 12.096  4.357   -5.455  1.00 17.44 ? 420 LYS A N   1 
ATOM   368  C  CA  . LYS A 1 47  ? 11.593  3.588   -4.336  1.00 18.01 ? 420 LYS A CA  1 
ATOM   369  C  C   . LYS A 1 47  ? 10.081  3.407   -4.393  1.00 18.23 ? 420 LYS A C   1 
ATOM   370  O  O   . LYS A 1 47  ? 9.332   4.324   -4.745  1.00 17.11 ? 420 LYS A O   1 
ATOM   371  C  CB  . LYS A 1 47  ? 11.905  4.393   -3.031  1.00 25.01 ? 420 LYS A CB  1 
ATOM   372  C  CG  . LYS A 1 47  ? 13.292  4.084   -2.484  1.00 32.45 ? 420 LYS A CG  1 
ATOM   373  C  CD  . LYS A 1 47  ? 14.118  5.344   -2.312  1.00 37.74 ? 420 LYS A CD  1 
ATOM   374  C  CE  . LYS A 1 47  ? 14.277  5.717   -0.848  1.00 39.37 ? 420 LYS A CE  1 
ATOM   375  N  NZ  . LYS A 1 47  ? 15.305  6.780   -0.663  1.00 44.91 ? 420 LYS A NZ  1 
ATOM   376  N  N   . PHE A 1 48  ? 9.620   2.238   -4.009  1.00 18.14 ? 421 PHE A N   1 
ATOM   377  C  CA  . PHE A 1 48  ? 8.196   1.961   -3.882  1.00 17.84 ? 421 PHE A CA  1 
ATOM   378  C  C   . PHE A 1 48  ? 8.002   1.161   -2.586  1.00 22.51 ? 421 PHE A C   1 
ATOM   379  O  O   . PHE A 1 48  ? 8.683   0.163   -2.356  1.00 27.94 ? 421 PHE A O   1 
ATOM   380  C  CB  . PHE A 1 48  ? 7.616   1.222   -5.060  1.00 16.13 ? 421 PHE A CB  1 
ATOM   381  C  CG  . PHE A 1 48  ? 8.302   -0.103  -5.368  1.00 16.89 ? 421 PHE A CG  1 
ATOM   382  C  CD1 . PHE A 1 48  ? 9.496   -0.140  -6.047  1.00 16.29 ? 421 PHE A CD1 1 
ATOM   383  C  CD2 . PHE A 1 48  ? 7.731   -1.297  -4.941  1.00 17.44 ? 421 PHE A CD2 1 
ATOM   384  C  CE1 . PHE A 1 48  ? 10.127  -1.344  -6.300  1.00 19.56 ? 421 PHE A CE1 1 
ATOM   385  C  CE2 . PHE A 1 48  ? 8.315   -2.506  -5.236  1.00 19.49 ? 421 PHE A CE2 1 
ATOM   386  C  CZ  . PHE A 1 48  ? 9.518   -2.538  -5.927  1.00 20.45 ? 421 PHE A CZ  1 
ATOM   387  N  N   . VAL A 1 49  ? 7.154   1.685   -1.720  1.00 20.38 ? 422 VAL A N   1 
ATOM   388  C  CA  . VAL A 1 49  ? 6.924   1.027   -0.429  1.00 17.53 ? 422 VAL A CA  1 
ATOM   389  C  C   . VAL A 1 49  ? 5.649   0.211   -0.508  1.00 18.70 ? 422 VAL A C   1 
ATOM   390  O  O   . VAL A 1 49  ? 4.610   0.713   -0.952  1.00 13.95 ? 422 VAL A O   1 
ATOM   391  C  CB  . VAL A 1 49  ? 6.751   2.110   0.674   1.00 19.53 ? 422 VAL A CB  1 
ATOM   392  C  CG1 . VAL A 1 49  ? 6.679   1.437   2.034   1.00 14.65 ? 422 VAL A CG1 1 
ATOM   393  C  CG2 . VAL A 1 49  ? 7.948   3.066   0.612   1.00 18.20 ? 422 VAL A CG2 1 
ATOM   394  N  N   . ILE A 1 50  ? 5.698   -1.048  -0.088  1.00 17.30 ? 423 ILE A N   1 
ATOM   395  C  CA  . ILE A 1 50  ? 4.430   -1.816  -0.072  1.00 16.06 ? 423 ILE A CA  1 
ATOM   396  C  C   . ILE A 1 50  ? 3.913   -1.810  1.363   1.00 14.47 ? 423 ILE A C   1 
ATOM   397  O  O   . ILE A 1 50  ? 4.611   -2.239  2.279   1.00 22.54 ? 423 ILE A O   1 
ATOM   398  C  CB  . ILE A 1 50  ? 4.615   -3.228  -0.604  1.00 18.60 ? 423 ILE A CB  1 
ATOM   399  C  CG1 . ILE A 1 50  ? 5.284   -3.269  -2.000  1.00 20.44 ? 423 ILE A CG1 1 
ATOM   400  C  CG2 . ILE A 1 50  ? 3.265   -3.954  -0.662  1.00 18.08 ? 423 ILE A CG2 1 
ATOM   401  C  CD1 . ILE A 1 50  ? 5.740   -4.667  -2.396  1.00 24.72 ? 423 ILE A CD1 1 
ATOM   402  N  N   . VAL A 1 51  ? 2.734   -1.222  1.564   1.00 10.98 ? 424 VAL A N   1 
ATOM   403  C  CA  . VAL A 1 51  ? 2.207   -1.104  2.925   1.00 12.29 ? 424 VAL A CA  1 
ATOM   404  C  C   . VAL A 1 51  ? 1.123   -2.144  3.146   1.00 11.67 ? 424 VAL A C   1 
ATOM   405  O  O   . VAL A 1 51  ? 0.025   -2.006  2.613   1.00 15.51 ? 424 VAL A O   1 
ATOM   406  C  CB  . VAL A 1 51  ? 1.620   0.305   3.176   1.00 13.92 ? 424 VAL A CB  1 
ATOM   407  C  CG1 . VAL A 1 51  ? 1.021   0.366   4.576   1.00 17.94 ? 424 VAL A CG1 1 
ATOM   408  C  CG2 . VAL A 1 51  ? 2.751   1.341   3.058   1.00 13.98 ? 424 VAL A CG2 1 
ATOM   409  N  N   . ASP A 1 52  ? 1.448   -3.163  3.924   1.00 10.95 ? 425 ASP A N   1 
ATOM   410  C  CA  . ASP A 1 52  ? 0.412   -4.228  4.189   1.00 14.65 ? 425 ASP A CA  1 
ATOM   411  C  C   . ASP A 1 52  ? -0.338  -3.777  5.460   1.00 13.73 ? 425 ASP A C   1 
ATOM   412  O  O   . ASP A 1 52  ? 0.293   -3.689  6.509   1.00 18.81 ? 425 ASP A O   1 
ATOM   413  C  CB  . ASP A 1 52  ? 1.215   -5.513  4.506   1.00 14.82 ? 425 ASP A CB  1 
ATOM   414  C  CG  . ASP A 1 52  ? 0.366   -6.744  4.624   1.00 15.96 ? 425 ASP A CG  1 
ATOM   415  O  OD1 . ASP A 1 52  ? -0.851  -6.645  4.893   1.00 15.60 ? 425 ASP A OD1 1 
ATOM   416  O  OD2 . ASP A 1 52  ? 0.913   -7.861  4.462   1.00 18.24 ? 425 ASP A OD2 1 
ATOM   417  N  N   . CYS A 1 53  ? -1.600  -3.445  5.342   1.00 13.66 ? 426 CYS A N   1 
ATOM   418  C  CA  . CYS A 1 53  ? -2.398  -2.898  6.434   1.00 19.06 ? 426 CYS A CA  1 
ATOM   419  C  C   . CYS A 1 53  ? -3.105  -3.976  7.233   1.00 23.77 ? 426 CYS A C   1 
ATOM   420  O  O   . CYS A 1 53  ? -4.013  -3.701  8.021   1.00 23.65 ? 426 CYS A O   1 
ATOM   421  C  CB  . CYS A 1 53  ? -3.443  -1.899  5.883   1.00 20.11 ? 426 CYS A CB  1 
ATOM   422  S  SG  . CYS A 1 53  ? -2.696  -0.565  4.903   1.00 22.12 ? 426 CYS A SG  1 
ATOM   423  N  N   . ARG A 1 54  ? -2.658  -5.229  7.040   1.00 23.40 ? 427 ARG A N   1 
ATOM   424  C  CA  . ARG A 1 54  ? -3.267  -6.342  7.761   1.00 23.28 ? 427 ARG A CA  1 
ATOM   425  C  C   . ARG A 1 54  ? -2.788  -6.420  9.192   1.00 23.74 ? 427 ARG A C   1 
ATOM   426  O  O   . ARG A 1 54  ? -1.739  -5.875  9.557   1.00 22.43 ? 427 ARG A O   1 
ATOM   427  C  CB  . ARG A 1 54  ? -2.996  -7.663  7.006   1.00 17.25 ? 427 ARG A CB  1 
ATOM   428  C  CG  . ARG A 1 54  ? -3.884  -7.818  5.787   1.00 13.63 ? 427 ARG A CG  1 
ATOM   429  C  CD  . ARG A 1 54  ? -3.525  -9.002  4.931   1.00 12.74 ? 427 ARG A CD  1 
ATOM   430  N  NE  . ARG A 1 54  ? -2.106  -9.187  4.771   1.00 14.13 ? 427 ARG A NE  1 
ATOM   431  C  CZ  . ARG A 1 54  ? -1.509  -10.360 4.556   1.00 16.46 ? 427 ARG A CZ  1 
ATOM   432  N  NH1 . ARG A 1 54  ? -2.239  -11.454 4.465   1.00 10.86 ? 427 ARG A NH1 1 
ATOM   433  N  NH2 . ARG A 1 54  ? -0.188  -10.423 4.419   1.00 13.50 ? 427 ARG A NH2 1 
ATOM   434  N  N   . TYR A 1 55  ? -3.547  -7.142  10.033  1.00 23.60 ? 428 TYR A N   1 
ATOM   435  C  CA  . TYR A 1 55  ? -3.102  -7.317  11.420  1.00 24.30 ? 428 TYR A CA  1 
ATOM   436  C  C   . TYR A 1 55  ? -1.882  -8.222  11.467  1.00 24.27 ? 428 TYR A C   1 
ATOM   437  O  O   . TYR A 1 55  ? -1.665  -9.084  10.608  1.00 29.12 ? 428 TYR A O   1 
ATOM   438  C  CB  . TYR A 1 55  ? -4.196  -7.778  12.328  1.00 26.62 ? 428 TYR A CB  1 
ATOM   439  C  CG  . TYR A 1 55  ? -5.521  -7.061  12.255  1.00 27.50 ? 428 TYR A CG  1 
ATOM   440  C  CD1 . TYR A 1 55  ? -5.623  -5.713  11.942  1.00 27.21 ? 428 TYR A CD1 1 
ATOM   441  C  CD2 . TYR A 1 55  ? -6.702  -7.748  12.525  1.00 27.92 ? 428 TYR A CD2 1 
ATOM   442  C  CE1 . TYR A 1 55  ? -6.854  -5.077  11.890  1.00 28.36 ? 428 TYR A CE1 1 
ATOM   443  C  CE2 . TYR A 1 55  ? -7.930  -7.132  12.474  1.00 30.08 ? 428 TYR A CE2 1 
ATOM   444  C  CZ  . TYR A 1 55  ? -8.002  -5.785  12.154  1.00 30.14 ? 428 TYR A CZ  1 
ATOM   445  O  OH  . TYR A 1 55  ? -9.233  -5.178  12.097  1.00 33.99 ? 428 TYR A OH  1 
ATOM   446  N  N   . PRO A 1 56  ? -1.020  -8.011  12.447  1.00 23.75 ? 429 PRO A N   1 
ATOM   447  C  CA  . PRO A 1 56  ? 0.228   -8.717  12.555  1.00 23.78 ? 429 PRO A CA  1 
ATOM   448  C  C   . PRO A 1 56  ? 0.230   -10.185 12.369  1.00 23.25 ? 429 PRO A C   1 
ATOM   449  O  O   . PRO A 1 56  ? 1.126   -10.758 11.701  1.00 21.79 ? 429 PRO A O   1 
ATOM   450  C  CB  . PRO A 1 56  ? 0.862   -8.201  13.823  1.00 23.82 ? 429 PRO A CB  1 
ATOM   451  C  CG  . PRO A 1 56  ? 0.223   -6.844  14.029  1.00 21.68 ? 429 PRO A CG  1 
ATOM   452  C  CD  . PRO A 1 56  ? -1.206  -7.020  13.533  1.00 23.31 ? 429 PRO A CD  1 
ATOM   453  N  N   . TYR A 1 57  ? -0.748  -10.926 12.906  1.00 21.48 ? 430 TYR A N   1 
ATOM   454  C  CA  . TYR A 1 57  ? -0.763  -12.365 12.704  1.00 19.43 ? 430 TYR A CA  1 
ATOM   455  C  C   . TYR A 1 57  ? -0.861  -12.715 11.221  1.00 20.42 ? 430 TYR A C   1 
ATOM   456  O  O   . TYR A 1 57  ? -0.122  -13.594 10.777  1.00 20.76 ? 430 TYR A O   1 
ATOM   457  C  CB  . TYR A 1 57  ? -1.780  -13.095 13.543  1.00 17.32 ? 430 TYR A CB  1 
ATOM   458  C  CG  . TYR A 1 57  ? -3.228  -12.773 13.296  1.00 15.87 ? 430 TYR A CG  1 
ATOM   459  C  CD1 . TYR A 1 57  ? -3.865  -11.748 14.000  1.00 18.58 ? 430 TYR A CD1 1 
ATOM   460  C  CD2 . TYR A 1 57  ? -3.978  -13.472 12.363  1.00 12.83 ? 430 TYR A CD2 1 
ATOM   461  C  CE1 . TYR A 1 57  ? -5.208  -11.454 13.759  1.00 16.98 ? 430 TYR A CE1 1 
ATOM   462  C  CE2 . TYR A 1 57  ? -5.306  -13.188 12.122  1.00 14.39 ? 430 TYR A CE2 1 
ATOM   463  C  CZ  . TYR A 1 57  ? -5.918  -12.176 12.832  1.00 17.34 ? 430 TYR A CZ  1 
ATOM   464  O  OH  . TYR A 1 57  ? -7.240  -11.886 12.589  1.00 24.73 ? 430 TYR A OH  1 
ATOM   465  N  N   . GLU A 1 58  ? -1.724  -12.034 10.500  1.00 20.13 ? 431 GLU A N   1 
ATOM   466  C  CA  . GLU A 1 58  ? -1.948  -12.218 9.066   1.00 17.46 ? 431 GLU A CA  1 
ATOM   467  C  C   . GLU A 1 58  ? -0.643  -12.030 8.291   1.00 22.52 ? 431 GLU A C   1 
ATOM   468  O  O   . GLU A 1 58  ? -0.267  -12.845 7.434   1.00 22.95 ? 431 GLU A O   1 
ATOM   469  C  CB  . GLU A 1 58  ? -2.961  -11.160 8.587   1.00 16.88 ? 431 GLU A CB  1 
ATOM   470  C  CG  . GLU A 1 58  ? -4.424  -11.494 8.879   1.00 14.40 ? 431 GLU A CG  1 
ATOM   471  C  CD  . GLU A 1 58  ? -5.350  -10.361 8.498   1.00 18.31 ? 431 GLU A CD  1 
ATOM   472  O  OE1 . GLU A 1 58  ? -6.003  -10.415 7.428   1.00 20.55 ? 431 GLU A OE1 1 
ATOM   473  O  OE2 . GLU A 1 58  ? -5.416  -9.357  9.248   1.00 24.62 ? 431 GLU A OE2 1 
ATOM   474  N  N   . TYR A 1 59  ? 0.066   -10.940 8.582   1.00 17.76 ? 432 TYR A N   1 
ATOM   475  C  CA  . TYR A 1 59  ? 1.346   -10.675 7.871   1.00 17.77 ? 432 TYR A CA  1 
ATOM   476  C  C   . TYR A 1 59  ? 2.348   -11.776 8.152   1.00 24.51 ? 432 TYR A C   1 
ATOM   477  O  O   . TYR A 1 59  ? 3.027   -12.319 7.275   1.00 25.59 ? 432 TYR A O   1 
ATOM   478  C  CB  . TYR A 1 59  ? 1.861   -9.331  8.343   1.00 16.14 ? 432 TYR A CB  1 
ATOM   479  C  CG  . TYR A 1 59  ? 3.223   -8.892  7.930   1.00 18.92 ? 432 TYR A CG  1 
ATOM   480  C  CD1 . TYR A 1 59  ? 3.389   -8.065  6.808   1.00 22.33 ? 432 TYR A CD1 1 
ATOM   481  C  CD2 . TYR A 1 59  ? 4.360   -9.210  8.661   1.00 17.25 ? 432 TYR A CD2 1 
ATOM   482  C  CE1 . TYR A 1 59  ? 4.627   -7.620  6.406   1.00 20.70 ? 432 TYR A CE1 1 
ATOM   483  C  CE2 . TYR A 1 59  ? 5.615   -8.773  8.257   1.00 20.86 ? 432 TYR A CE2 1 
ATOM   484  C  CZ  . TYR A 1 59  ? 5.739   -7.974  7.141   1.00 20.80 ? 432 TYR A CZ  1 
ATOM   485  O  OH  . TYR A 1 59  ? 6.981   -7.535  6.733   1.00 21.38 ? 432 TYR A OH  1 
ATOM   486  N  N   . GLU A 1 60  ? 2.485   -12.137 9.439   1.00 31.18 ? 433 GLU A N   1 
ATOM   487  C  CA  . GLU A 1 60  ? 3.443   -13.172 9.804   1.00 33.17 ? 433 GLU A CA  1 
ATOM   488  C  C   . GLU A 1 60  ? 3.202   -14.475 9.052   1.00 27.08 ? 433 GLU A C   1 
ATOM   489  O  O   . GLU A 1 60  ? 4.174   -15.207 8.811   1.00 32.90 ? 433 GLU A O   1 
ATOM   490  C  CB  . GLU A 1 60  ? 3.509   -13.399 11.296  1.00 39.43 ? 433 GLU A CB  1 
ATOM   491  C  CG  . GLU A 1 60  ? 4.032   -12.210 12.099  1.00 50.20 ? 433 GLU A CG  1 
ATOM   492  C  CD  . GLU A 1 60  ? 3.594   -12.287 13.555  1.00 59.94 ? 433 GLU A CD  1 
ATOM   493  O  OE1 . GLU A 1 60  ? 2.996   -13.320 13.940  1.00 74.21 ? 433 GLU A OE1 1 
ATOM   494  O  OE2 . GLU A 1 60  ? 3.843   -11.318 14.304  1.00 63.08 ? 433 GLU A OE2 1 
ATOM   495  N  N   . GLY A 1 61  ? 1.975   -14.769 8.703   1.00 24.61 ? 434 GLY A N   1 
ATOM   496  C  CA  . GLY A 1 61  ? 1.526   -15.937 8.001   1.00 25.26 ? 434 GLY A CA  1 
ATOM   497  C  C   . GLY A 1 61  ? 1.972   -16.013 6.560   1.00 24.80 ? 434 GLY A C   1 
ATOM   498  O  O   . GLY A 1 61  ? 1.961   -17.063 5.926   1.00 29.71 ? 434 GLY A O   1 
ATOM   499  N  N   . GLY A 1 62  ? 2.409   -14.881 6.016   1.00 22.71 ? 435 GLY A N   1 
ATOM   500  C  CA  . GLY A 1 62  ? 2.879   -14.849 4.635   1.00 20.82 ? 435 GLY A CA  1 
ATOM   501  C  C   . GLY A 1 62  ? 2.537   -13.476 4.050   1.00 22.28 ? 435 GLY A C   1 
ATOM   502  O  O   . GLY A 1 62  ? 1.372   -13.083 4.105   1.00 20.16 ? 435 GLY A O   1 
ATOM   503  N  N   . HIS A 1 63  ? 3.551   -12.786 3.547   1.00 20.03 ? 436 HIS A N   1 
ATOM   504  C  CA  . HIS A 1 63  ? 3.322   -11.456 2.952   1.00 19.03 ? 436 HIS A CA  1 
ATOM   505  C  C   . HIS A 1 63  ? 4.174   -11.311 1.696   1.00 17.15 ? 436 HIS A C   1 
ATOM   506  O  O   . HIS A 1 63  ? 5.025   -12.155 1.424   1.00 23.44 ? 436 HIS A O   1 
ATOM   507  C  CB  . HIS A 1 63  ? 3.750   -10.407 4.008   1.00 19.61 ? 436 HIS A CB  1 
ATOM   508  C  CG  . HIS A 1 63  ? 5.162   -10.572 4.448   1.00 19.17 ? 436 HIS A CG  1 
ATOM   509  N  ND1 . HIS A 1 63  ? 5.497   -11.266 5.600   1.00 21.19 ? 436 HIS A ND1 1 
ATOM   510  C  CD2 . HIS A 1 63  ? 6.328   -10.152 3.895   1.00 21.39 ? 436 HIS A CD2 1 
ATOM   511  C  CE1 . HIS A 1 63  ? 6.818   -11.264 5.731   1.00 19.35 ? 436 HIS A CE1 1 
ATOM   512  N  NE2 . HIS A 1 63  ? 7.341   -10.605 4.718   1.00 21.05 ? 436 HIS A NE2 1 
ATOM   513  N  N   . ILE A 1 64  ? 3.997   -10.257 0.939   1.00 14.69 ? 437 ILE A N   1 
ATOM   514  C  CA  . ILE A 1 64  ? 4.830   -10.043 -0.275  1.00 12.99 ? 437 ILE A CA  1 
ATOM   515  C  C   . ILE A 1 64  ? 6.210   -9.598  0.136   1.00 13.16 ? 437 ILE A C   1 
ATOM   516  O  O   . ILE A 1 64  ? 6.380   -8.781  1.057   1.00 11.96 ? 437 ILE A O   1 
ATOM   517  C  CB  . ILE A 1 64  ? 4.128   -8.937  -1.103  1.00 16.90 ? 437 ILE A CB  1 
ATOM   518  C  CG1 . ILE A 1 64  ? 2.635   -9.295  -1.336  1.00 16.80 ? 437 ILE A CG1 1 
ATOM   519  C  CG2 . ILE A 1 64  ? 4.825   -8.622  -2.385  1.00 16.85 ? 437 ILE A CG2 1 
ATOM   520  C  CD1 . ILE A 1 64  ? 1.925   -8.287  -2.225  1.00 16.94 ? 437 ILE A CD1 1 
ATOM   521  N  N   . LYS A 1 65  ? 7.241   -10.180 -0.464  1.00 14.97 ? 438 LYS A N   1 
ATOM   522  C  CA  . LYS A 1 65  ? 8.632   -9.791  -0.122  1.00 15.99 ? 438 LYS A CA  1 
ATOM   523  C  C   . LYS A 1 65  ? 8.813   -8.271  -0.218  1.00 17.91 ? 438 LYS A C   1 
ATOM   524  O  O   . LYS A 1 65  ? 8.401   -7.634  -1.194  1.00 23.29 ? 438 LYS A O   1 
ATOM   525  C  CB  . LYS A 1 65  ? 9.545   -10.431 -1.216  1.00 15.27 ? 438 LYS A CB  1 
ATOM   526  C  CG  . LYS A 1 65  ? 9.687   -11.934 -1.024  1.00 19.24 ? 438 LYS A CG  1 
ATOM   527  C  CD  . LYS A 1 65  ? 10.413  -12.563 -2.197  1.00 26.33 ? 438 LYS A CD  1 
ATOM   528  C  CE  . LYS A 1 65  ? 11.078  -13.886 -1.795  1.00 30.73 ? 438 LYS A CE  1 
ATOM   529  N  NZ  . LYS A 1 65  ? 11.174  -14.780 -3.011  1.00 42.96 ? 438 LYS A NZ  1 
ATOM   530  N  N   . THR A 1 66  ? 9.465   -7.691  0.773   1.00 16.40 ? 439 THR A N   1 
ATOM   531  C  CA  . THR A 1 66  ? 9.778   -6.315  0.892   1.00 17.92 ? 439 THR A CA  1 
ATOM   532  C  C   . THR A 1 66  ? 8.726   -5.471  1.560   1.00 17.22 ? 439 THR A C   1 
ATOM   533  O  O   . THR A 1 66  ? 8.978   -4.336  1.957   1.00 18.32 ? 439 THR A O   1 
ATOM   534  C  CB  . THR A 1 66  ? 10.321  -5.600  -0.335  1.00 18.33 ? 439 THR A CB  1 
ATOM   535  O  OG1 . THR A 1 66  ? 9.278   -5.271  -1.236  1.00 16.67 ? 439 THR A OG1 1 
ATOM   536  C  CG2 . THR A 1 66  ? 11.372  -6.386  -1.080  1.00 21.21 ? 439 THR A CG2 1 
ATOM   537  N  N   . ALA A 1 67  ? 7.501   -5.991  1.699   1.00 18.20 ? 440 ALA A N   1 
ATOM   538  C  CA  . ALA A 1 67  ? 6.446   -5.193  2.312   1.00 16.67 ? 440 ALA A CA  1 
ATOM   539  C  C   . ALA A 1 67  ? 6.698   -4.901  3.782   1.00 14.04 ? 440 ALA A C   1 
ATOM   540  O  O   . ALA A 1 67  ? 7.343   -5.677  4.490   1.00 20.13 ? 440 ALA A O   1 
ATOM   541  C  CB  . ALA A 1 67  ? 5.092   -5.850  2.106   1.00 13.14 ? 440 ALA A CB  1 
ATOM   542  N  N   . VAL A 1 68  ? 6.174   -3.773  4.248   1.00 12.09 ? 441 VAL A N   1 
ATOM   543  C  CA  . VAL A 1 68  ? 6.254   -3.372  5.657   1.00 12.91 ? 441 VAL A CA  1 
ATOM   544  C  C   . VAL A 1 68  ? 4.876   -3.492  6.284   1.00 12.08 ? 441 VAL A C   1 
ATOM   545  O  O   . VAL A 1 68  ? 3.849   -3.221  5.624   1.00 16.31 ? 441 VAL A O   1 
ATOM   546  C  CB  . VAL A 1 68  ? 6.790   -1.930  5.769   1.00 15.90 ? 441 VAL A CB  1 
ATOM   547  C  CG1 . VAL A 1 68  ? 5.842   -0.940  5.111   1.00 18.10 ? 441 VAL A CG1 1 
ATOM   548  C  CG2 . VAL A 1 68  ? 6.953   -1.549  7.242   1.00 20.11 ? 441 VAL A CG2 1 
ATOM   549  N  N   . ASN A 1 69  ? 4.763   -3.965  7.515   1.00 13.91 ? 442 ASN A N   1 
ATOM   550  C  CA  . ASN A 1 69  ? 3.399   -4.105  8.097   1.00 13.29 ? 442 ASN A CA  1 
ATOM   551  C  C   . ASN A 1 69  ? 3.087   -2.863  8.941   1.00 14.65 ? 442 ASN A C   1 
ATOM   552  O  O   . ASN A 1 69  ? 3.812   -2.645  9.928   1.00 19.12 ? 442 ASN A O   1 
ATOM   553  C  CB  . ASN A 1 69  ? 3.446   -5.338  9.039   1.00 14.81 ? 442 ASN A CB  1 
ATOM   554  C  CG  . ASN A 1 69  ? 2.061   -5.774  9.484   1.00 16.56 ? 442 ASN A CG  1 
ATOM   555  O  OD1 . ASN A 1 69  ? 1.888   -6.344  10.558  1.00 17.15 ? 442 ASN A OD1 1 
ATOM   556  N  ND2 . ASN A 1 69  ? 1.047   -5.535  8.659   1.00 13.89 ? 442 ASN A ND2 1 
ATOM   557  N  N   . LEU A 1 70  ? 2.079   -2.106  8.587   1.00 17.90 ? 443 LEU A N   1 
ATOM   558  C  CA  . LEU A 1 70  ? 1.667   -0.881  9.278   1.00 19.70 ? 443 LEU A CA  1 
ATOM   559  C  C   . LEU A 1 70  ? 0.145   -0.849  9.427   1.00 20.66 ? 443 LEU A C   1 
ATOM   560  O  O   . LEU A 1 70  ? -0.582  -0.163  8.709   1.00 21.47 ? 443 LEU A O   1 
ATOM   561  C  CB  . LEU A 1 70  ? 2.142   0.371   8.529   1.00 16.37 ? 443 LEU A CB  1 
ATOM   562  C  CG  . LEU A 1 70  ? 3.630   0.509   8.260   1.00 20.76 ? 443 LEU A CG  1 
ATOM   563  C  CD1 . LEU A 1 70  ? 3.916   1.630   7.271   1.00 19.10 ? 443 LEU A CD1 1 
ATOM   564  C  CD2 . LEU A 1 70  ? 4.425   0.755   9.544   1.00 17.67 ? 443 LEU A CD2 1 
ATOM   565  N  N   . PRO A 1 71  ? -0.343  -1.633  10.366  1.00 19.07 ? 444 PRO A N   1 
ATOM   566  C  CA  . PRO A 1 71  ? -1.751  -1.786  10.627  1.00 19.74 ? 444 PRO A CA  1 
ATOM   567  C  C   . PRO A 1 71  ? -2.415  -0.621  11.324  1.00 21.79 ? 444 PRO A C   1 
ATOM   568  O  O   . PRO A 1 71  ? -3.612  -0.357  11.081  1.00 19.87 ? 444 PRO A O   1 
ATOM   569  C  CB  . PRO A 1 71  ? -1.820  -3.062  11.457  1.00 17.72 ? 444 PRO A CB  1 
ATOM   570  C  CG  . PRO A 1 71  ? -0.477  -3.196  12.093  1.00 19.84 ? 444 PRO A CG  1 
ATOM   571  C  CD  . PRO A 1 71  ? 0.507   -2.458  11.241  1.00 21.57 ? 444 PRO A CD  1 
ATOM   572  N  N   . LEU A 1 72  ? -1.703  0.091   12.187  1.00 21.49 ? 445 LEU A N   1 
ATOM   573  C  CA  . LEU A 1 72  ? -2.280  1.201   12.944  1.00 21.88 ? 445 LEU A CA  1 
ATOM   574  C  C   . LEU A 1 72  ? -1.953  2.553   12.308  1.00 21.28 ? 445 LEU A C   1 
ATOM   575  O  O   . LEU A 1 72  ? -0.838  2.795   11.851  1.00 22.13 ? 445 LEU A O   1 
ATOM   576  C  CB  . LEU A 1 72  ? -1.801  1.196   14.408  1.00 21.58 ? 445 LEU A CB  1 
ATOM   577  C  CG  . LEU A 1 72  ? -2.083  -0.067  15.225  1.00 18.97 ? 445 LEU A CG  1 
ATOM   578  C  CD1 . LEU A 1 72  ? -1.371  -0.024  16.564  1.00 16.25 ? 445 LEU A CD1 1 
ATOM   579  C  CD2 . LEU A 1 72  ? -3.584  -0.235  15.444  1.00 26.37 ? 445 LEU A CD2 1 
ATOM   580  N  N   . GLU A 1 73  ? -2.956  3.411   12.310  1.00 22.03 ? 446 GLU A N   1 
ATOM   581  C  CA  . GLU A 1 73  ? -2.874  4.759   11.777  1.00 25.76 ? 446 GLU A CA  1 
ATOM   582  C  C   . GLU A 1 73  ? -1.597  5.439   12.295  1.00 27.74 ? 446 GLU A C   1 
ATOM   583  O  O   . GLU A 1 73  ? -0.858  6.063   11.558  1.00 28.72 ? 446 GLU A O   1 
ATOM   584  C  CB  . GLU A 1 73  ? -4.075  5.565   12.313  1.00 28.23 ? 446 GLU A CB  1 
ATOM   585  C  CG  . GLU A 1 73  ? -5.257  5.644   11.401  1.00 33.12 ? 446 GLU A CG  1 
ATOM   586  C  CD  . GLU A 1 73  ? -6.263  6.718   11.793  1.00 37.71 ? 446 GLU A CD  1 
ATOM   587  O  OE1 . GLU A 1 73  ? -5.964  7.572   12.656  1.00 36.88 ? 446 GLU A OE1 1 
ATOM   588  O  OE2 . GLU A 1 73  ? -7.367  6.704   11.214  1.00 46.27 ? 446 GLU A OE2 1 
ATOM   589  N  N   . ARG A 1 74  ? -1.386  5.285   13.603  1.00 30.39 ? 447 ARG A N   1 
ATOM   590  C  CA  . ARG A 1 74  ? -0.259  5.909   14.249  1.00 34.49 ? 447 ARG A CA  1 
ATOM   591  C  C   . ARG A 1 74  ? 1.077   5.438   13.739  1.00 34.28 ? 447 ARG A C   1 
ATOM   592  O  O   . ARG A 1 74  ? 1.975   6.249   13.455  1.00 31.38 ? 447 ARG A O   1 
ATOM   593  C  CB  . ARG A 1 74  ? -0.369  5.930   15.750  1.00 37.70 ? 447 ARG A CB  1 
ATOM   594  C  CG  . ARG A 1 74  ? -0.988  4.701   16.390  1.00 39.35 ? 447 ARG A CG  1 
ATOM   595  C  CD  . ARG A 1 74  ? -1.330  4.956   17.853  1.00 37.80 ? 447 ARG A CD  1 
ATOM   596  N  NE  . ARG A 1 74  ? -1.245  3.714   18.627  1.00 36.97 ? 447 ARG A NE  1 
ATOM   597  C  CZ  . ARG A 1 74  ? -2.277  2.888   18.780  1.00 36.50 ? 447 ARG A CZ  1 
ATOM   598  N  NH1 . ARG A 1 74  ? -3.442  3.178   18.222  1.00 36.34 ? 447 ARG A NH1 1 
ATOM   599  N  NH2 . ARG A 1 74  ? -2.128  1.783   19.499  1.00 26.97 ? 447 ARG A NH2 1 
ATOM   600  N  N   . ASP A 1 75  ? 1.244   4.120   13.597  1.00 33.89 ? 448 ASP A N   1 
ATOM   601  C  CA  . ASP A 1 75  ? 2.500   3.578   13.092  1.00 36.37 ? 448 ASP A CA  1 
ATOM   602  C  C   . ASP A 1 75  ? 2.783   4.123   11.674  1.00 29.91 ? 448 ASP A C   1 
ATOM   603  O  O   . ASP A 1 75  ? 3.913   4.493   11.375  1.00 25.13 ? 448 ASP A O   1 
ATOM   604  C  CB  . ASP A 1 75  ? 2.474   2.058   13.031  1.00 43.61 ? 448 ASP A CB  1 
ATOM   605  C  CG  . ASP A 1 75  ? 1.985   1.363   14.273  1.00 48.15 ? 448 ASP A CG  1 
ATOM   606  O  OD1 . ASP A 1 75  ? 2.255   1.855   15.390  1.00 40.18 ? 448 ASP A OD1 1 
ATOM   607  O  OD2 . ASP A 1 75  ? 1.321   0.291   14.135  1.00 51.13 ? 448 ASP A OD2 1 
ATOM   608  N  N   . ALA A 1 76  ? 1.758   4.099   10.837  1.00 24.56 ? 449 ALA A N   1 
ATOM   609  C  CA  . ALA A 1 76  ? 1.880   4.561   9.451   1.00 22.84 ? 449 ALA A CA  1 
ATOM   610  C  C   . ALA A 1 76  ? 2.334   6.023   9.414   1.00 23.98 ? 449 ALA A C   1 
ATOM   611  O  O   . ALA A 1 76  ? 3.250   6.379   8.677   1.00 19.14 ? 449 ALA A O   1 
ATOM   612  C  CB  . ALA A 1 76  ? 0.554   4.409   8.732   1.00 19.50 ? 449 ALA A CB  1 
ATOM   613  N  N   . GLU A 1 77  ? 1.688   6.837   10.227  1.00 28.20 ? 450 GLU A N   1 
ATOM   614  C  CA  . GLU A 1 77  ? 2.022   8.255   10.339  1.00 33.28 ? 450 GLU A CA  1 
ATOM   615  C  C   . GLU A 1 77  ? 3.505   8.406   10.716  1.00 33.62 ? 450 GLU A C   1 
ATOM   616  O  O   . GLU A 1 77  ? 4.228   9.236   10.169  1.00 36.86 ? 450 GLU A O   1 
ATOM   617  C  CB  . GLU A 1 77  ? 1.158   8.883   11.449  1.00 37.51 ? 450 GLU A CB  1 
ATOM   618  C  CG  . GLU A 1 77  ? 1.347   10.374  11.609  1.00 44.12 ? 450 GLU A CG  1 
ATOM   619  C  CD  . GLU A 1 77  ? 0.113   11.117  12.074  1.00 48.49 ? 450 GLU A CD  1 
ATOM   620  O  OE1 . GLU A 1 77  ? -0.671  10.565  12.880  1.00 57.71 ? 450 GLU A OE1 1 
ATOM   621  O  OE2 . GLU A 1 77  ? -0.076  12.282  11.640  1.00 48.60 ? 450 GLU A OE2 1 
ATOM   622  N  N   . SER A 1 78  ? 3.937   7.578   11.650  1.00 30.81 ? 451 SER A N   1 
ATOM   623  C  CA  . SER A 1 78  ? 5.302   7.606   12.141  1.00 32.20 ? 451 SER A CA  1 
ATOM   624  C  C   . SER A 1 78  ? 6.310   7.163   11.104  1.00 28.98 ? 451 SER A C   1 
ATOM   625  O  O   . SER A 1 78  ? 7.301   7.861   10.845  1.00 32.79 ? 451 SER A O   1 
ATOM   626  C  CB  . SER A 1 78  ? 5.401   6.767   13.422  1.00 37.33 ? 451 SER A CB  1 
ATOM   627  O  OG  . SER A 1 78  ? 6.715   6.243   13.569  1.00 57.56 ? 451 SER A OG  1 
ATOM   628  N  N   . PHE A 1 79  ? 6.071   6.020   10.468  1.00 21.93 ? 452 PHE A N   1 
ATOM   629  C  CA  . PHE A 1 79  ? 6.938   5.498   9.436   1.00 21.25 ? 452 PHE A CA  1 
ATOM   630  C  C   . PHE A 1 79  ? 7.059   6.379   8.207   1.00 21.13 ? 452 PHE A C   1 
ATOM   631  O  O   . PHE A 1 79  ? 8.155   6.539   7.648   1.00 18.70 ? 452 PHE A O   1 
ATOM   632  C  CB  . PHE A 1 79  ? 6.491   4.087   9.058   1.00 21.24 ? 452 PHE A CB  1 
ATOM   633  C  CG  . PHE A 1 79  ? 7.423   3.309   8.168   1.00 23.87 ? 452 PHE A CG  1 
ATOM   634  C  CD1 . PHE A 1 79  ? 7.303   3.375   6.780   1.00 26.07 ? 452 PHE A CD1 1 
ATOM   635  C  CD2 . PHE A 1 79  ? 8.417   2.506   8.695   1.00 27.10 ? 452 PHE A CD2 1 
ATOM   636  C  CE1 . PHE A 1 79  ? 8.151   2.660   5.966   1.00 26.41 ? 452 PHE A CE1 1 
ATOM   637  C  CE2 . PHE A 1 79  ? 9.255   1.759   7.889   1.00 27.90 ? 452 PHE A CE2 1 
ATOM   638  C  CZ  . PHE A 1 79  ? 9.101   1.809   6.510   1.00 26.26 ? 452 PHE A CZ  1 
ATOM   639  N  N   . LEU A 1 80  ? 5.959   6.918   7.700   1.00 19.81 ? 453 LEU A N   1 
ATOM   640  C  CA  . LEU A 1 80  ? 5.894   7.667   6.485   1.00 21.50 ? 453 LEU A CA  1 
ATOM   641  C  C   . LEU A 1 80  ? 6.030   9.161   6.592   1.00 21.85 ? 453 LEU A C   1 
ATOM   642  O  O   . LEU A 1 80  ? 6.587   9.822   5.704   1.00 16.17 ? 453 LEU A O   1 
ATOM   643  C  CB  . LEU A 1 80  ? 4.585   7.343   5.713   1.00 22.42 ? 453 LEU A CB  1 
ATOM   644  C  CG  . LEU A 1 80  ? 4.320   5.885   5.399   1.00 24.16 ? 453 LEU A CG  1 
ATOM   645  C  CD1 . LEU A 1 80  ? 2.927   5.690   4.802   1.00 16.32 ? 453 LEU A CD1 1 
ATOM   646  C  CD2 . LEU A 1 80  ? 5.391   5.291   4.506   1.00 24.13 ? 453 LEU A CD2 1 
ATOM   647  N  N   . LEU A 1 81  ? 5.448   9.787   7.619   1.00 22.52 ? 454 LEU A N   1 
ATOM   648  C  CA  . LEU A 1 81  ? 5.423   11.224  7.682   1.00 25.66 ? 454 LEU A CA  1 
ATOM   649  C  C   . LEU A 1 81  ? 6.376   11.878  8.624   1.00 33.36 ? 454 LEU A C   1 
ATOM   650  O  O   . LEU A 1 81  ? 6.607   13.107  8.561   1.00 32.13 ? 454 LEU A O   1 
ATOM   651  C  CB  . LEU A 1 81  ? 4.009   11.767  7.820   1.00 23.17 ? 454 LEU A CB  1 
ATOM   652  C  CG  . LEU A 1 81  ? 3.009   11.419  6.729   1.00 23.36 ? 454 LEU A CG  1 
ATOM   653  C  CD1 . LEU A 1 81  ? 1.589   11.745  7.153   1.00 21.25 ? 454 LEU A CD1 1 
ATOM   654  C  CD2 . LEU A 1 81  ? 3.351   12.100  5.422   1.00 25.45 ? 454 LEU A CD2 1 
ATOM   655  N  N   . LYS A 1 82  ? 6.956   11.141  9.580   1.00 40.44 ? 455 LYS A N   1 
ATOM   656  C  CA  . LYS A 1 82  ? 7.873   11.855  10.513  1.00 46.67 ? 455 LYS A CA  1 
ATOM   657  C  C   . LYS A 1 82  ? 9.135   12.218  9.716   1.00 46.82 ? 455 LYS A C   1 
ATOM   658  O  O   . LYS A 1 82  ? 9.519   13.374  9.666   1.00 49.60 ? 455 LYS A O   1 
ATOM   659  C  CB  . LYS A 1 82  ? 8.209   10.982  11.693  1.00 55.43 ? 455 LYS A CB  1 
ATOM   660  C  CG  . LYS A 1 82  ? 7.789   11.519  13.054  1.00 64.40 ? 455 LYS A CG  1 
ATOM   661  C  CD  . LYS A 1 82  ? 8.643   10.880  14.156  1.00 73.08 ? 455 LYS A CD  1 
ATOM   662  C  CE  . LYS A 1 82  ? 7.795   10.019  15.081  1.00 77.62 ? 455 LYS A CE  1 
ATOM   663  N  NZ  . LYS A 1 82  ? 8.633   9.121   15.941  1.00 82.28 ? 455 LYS A NZ  1 
ATOM   664  N  N   . SER A 1 83  ? 9.696   11.209  9.069   1.00 46.65 ? 456 SER A N   1 
ATOM   665  C  CA  . SER A 1 83  ? 10.816  11.348  8.175   1.00 47.52 ? 456 SER A CA  1 
ATOM   666  C  C   . SER A 1 83  ? 10.505  10.709  6.824   1.00 42.81 ? 456 SER A C   1 
ATOM   667  O  O   . SER A 1 83  ? 10.646  9.510   6.616   1.00 38.18 ? 456 SER A O   1 
ATOM   668  C  CB  . SER A 1 83  ? 12.141  10.942  8.732   1.00 54.43 ? 456 SER A CB  1 
ATOM   669  O  OG  . SER A 1 83  ? 13.194  11.784  8.244   1.00 69.59 ? 456 SER A OG  1 
ATOM   670  N  N   . PRO A 1 84  ? 10.014  11.565  5.921   1.00 37.76 ? 457 PRO A N   1 
ATOM   671  C  CA  . PRO A 1 84  ? 9.514   11.096  4.641   1.00 34.54 ? 457 PRO A CA  1 
ATOM   672  C  C   . PRO A 1 84  ? 10.607  10.359  3.856   1.00 34.18 ? 457 PRO A C   1 
ATOM   673  O  O   . PRO A 1 84  ? 11.773  10.713  3.983   1.00 41.30 ? 457 PRO A O   1 
ATOM   674  C  CB  . PRO A 1 84  ? 9.097   12.359  3.905   1.00 31.08 ? 457 PRO A CB  1 
ATOM   675  C  CG  . PRO A 1 84  ? 9.080   13.441  4.921   1.00 31.90 ? 457 PRO A CG  1 
ATOM   676  C  CD  . PRO A 1 84  ? 10.049  13.046  5.991   1.00 33.06 ? 457 PRO A CD  1 
ATOM   677  N  N   . ILE A 1 85  ? 10.180  9.395   3.073   1.00 30.92 ? 458 ILE A N   1 
ATOM   678  C  CA  . ILE A 1 85  ? 11.039  8.622   2.178   1.00 29.99 ? 458 ILE A CA  1 
ATOM   679  C  C   . ILE A 1 85  ? 11.146  9.357   0.832   1.00 34.55 ? 458 ILE A C   1 
ATOM   680  O  O   . ILE A 1 85  ? 10.147  9.538   0.137   1.00 34.63 ? 458 ILE A O   1 
ATOM   681  C  CB  . ILE A 1 85  ? 10.472  7.215   2.007   1.00 29.50 ? 458 ILE A CB  1 
ATOM   682  C  CG1 . ILE A 1 85  ? 10.458  6.417   3.323   1.00 30.16 ? 458 ILE A CG1 1 
ATOM   683  C  CG2 . ILE A 1 85  ? 11.134  6.439   0.902   1.00 26.95 ? 458 ILE A CG2 1 
ATOM   684  C  CD1 . ILE A 1 85  ? 9.325   5.423   3.412   1.00 31.17 ? 458 ILE A CD1 1 
ATOM   685  N  N   . ALA A 1 86  ? 12.338  9.864   0.545   1.00 36.77 ? 459 ALA A N   1 
ATOM   686  C  CA  . ALA A 1 86  ? 12.675  10.668  -0.598  1.00 33.41 ? 459 ALA A CA  1 
ATOM   687  C  C   . ALA A 1 86  ? 13.480  9.961   -1.654  1.00 31.44 ? 459 ALA A C   1 
ATOM   688  O  O   . ALA A 1 86  ? 14.285  9.063   -1.423  1.00 29.80 ? 459 ALA A O   1 
ATOM   689  C  CB  . ALA A 1 86  ? 13.383  11.953  -0.152  1.00 30.01 ? 459 ALA A CB  1 
ATOM   690  N  N   . PRO A 1 87  ? 13.299  10.366  -2.928  1.00 34.04 ? 460 PRO A N   1 
ATOM   691  C  CA  . PRO A 1 87  ? 14.109  9.646   -3.951  1.00 38.08 ? 460 PRO A CA  1 
ATOM   692  C  C   . PRO A 1 87  ? 15.566  10.112  -3.845  1.00 43.18 ? 460 PRO A C   1 
ATOM   693  O  O   . PRO A 1 87  ? 15.809  11.249  -3.446  1.00 46.21 ? 460 PRO A O   1 
ATOM   694  C  CB  . PRO A 1 87  ? 13.511  10.103  -5.268  1.00 34.76 ? 460 PRO A CB  1 
ATOM   695  C  CG  . PRO A 1 87  ? 12.234  10.791  -4.936  1.00 34.71 ? 460 PRO A CG  1 
ATOM   696  C  CD  . PRO A 1 87  ? 12.465  11.403  -3.571  1.00 34.12 ? 460 PRO A CD  1 
ATOM   697  N  N   . CYS A 1 88  ? 16.502  9.244   -4.199  1.00 47.21 ? 461 CYS A N   1 
ATOM   698  C  CA  . CYS A 1 88  ? 17.917  9.613   -4.190  1.00 50.61 ? 461 CYS A CA  1 
ATOM   699  C  C   . CYS A 1 88  ? 18.195  10.558  -5.381  1.00 53.25 ? 461 CYS A C   1 
ATOM   700  O  O   . CYS A 1 88  ? 19.208  11.238  -5.399  1.00 56.24 ? 461 CYS A O   1 
ATOM   701  C  CB  . CYS A 1 88  ? 18.813  8.391   -4.359  1.00 52.30 ? 461 CYS A CB  1 
ATOM   702  S  SG  . CYS A 1 88  ? 18.545  7.005   -3.276  1.00 88.92 ? 461 CYS A SG  1 
ATOM   703  N  N   . SER A 1 89  ? 17.309  10.541  -6.359  1.00 57.88 ? 462 SER A N   1 
ATOM   704  C  CA  . SER A 1 89  ? 17.478  11.363  -7.555  1.00 62.12 ? 462 SER A CA  1 
ATOM   705  C  C   . SER A 1 89  ? 16.338  12.321  -7.781  1.00 62.42 ? 462 SER A C   1 
ATOM   706  O  O   . SER A 1 89  ? 15.166  12.034  -7.535  1.00 58.22 ? 462 SER A O   1 
ATOM   707  C  CB  . SER A 1 89  ? 17.719  10.459  -8.765  1.00 65.39 ? 462 SER A CB  1 
ATOM   708  O  OG  . SER A 1 89  ? 17.500  11.147  -9.982  1.00 74.64 ? 462 SER A OG  1 
ATOM   709  N  N   . LEU A 1 90  ? 16.641  13.528  -8.269  1.00 66.51 ? 463 LEU A N   1 
ATOM   710  C  CA  . LEU A 1 90  ? 15.557  14.501  -8.506  1.00 72.07 ? 463 LEU A CA  1 
ATOM   711  C  C   . LEU A 1 90  ? 14.614  13.966  -9.600  1.00 69.89 ? 463 LEU A C   1 
ATOM   712  O  O   . LEU A 1 90  ? 13.414  14.219  -9.564  1.00 63.94 ? 463 LEU A O   1 
ATOM   713  C  CB  . LEU A 1 90  ? 16.207  15.804  -9.041  1.00 78.84 ? 463 LEU A CB  1 
ATOM   714  C  CG  . LEU A 1 90  ? 15.820  17.088  -8.314  1.00 82.75 ? 463 LEU A CG  1 
ATOM   715  C  CD1 . LEU A 1 90  ? 16.056  18.308  -9.196  1.00 84.02 ? 463 LEU A CD1 1 
ATOM   716  C  CD2 . LEU A 1 90  ? 14.379  17.031  -7.829  1.00 86.82 ? 463 LEU A CD2 1 
ATOM   717  N  N   . ASP A 1 91  ? 15.199  13.274  -10.558 1.00 68.90 ? 464 ASP A N   1 
ATOM   718  C  CA  . ASP A 1 91  ? 14.554  12.718  -11.714 1.00 66.41 ? 464 ASP A CA  1 
ATOM   719  C  C   . ASP A 1 91  ? 13.558  11.607  -11.398 1.00 56.19 ? 464 ASP A C   1 
ATOM   720  O  O   . ASP A 1 91  ? 12.486  11.560  -12.015 1.00 68.99 ? 464 ASP A O   1 
ATOM   721  C  CB  . ASP A 1 91  ? 15.593  12.185  -12.719 1.00 72.51 ? 464 ASP A CB  1 
ATOM   722  C  CG  . ASP A 1 91  ? 16.304  13.275  -13.481 1.00 78.79 ? 464 ASP A CG  1 
ATOM   723  O  OD1 . ASP A 1 91  ? 16.390  14.418  -12.978 1.00 87.08 ? 464 ASP A OD1 1 
ATOM   724  O  OD2 . ASP A 1 91  ? 16.805  12.999  -14.601 1.00 87.02 ? 464 ASP A OD2 1 
ATOM   725  N  N   . LYS A 1 92  ? 13.913  10.705  -10.503 1.00 42.15 ? 465 LYS A N   1 
ATOM   726  C  CA  . LYS A 1 92  ? 13.163  9.559   -10.119 1.00 29.30 ? 465 LYS A CA  1 
ATOM   727  C  C   . LYS A 1 92  ? 11.962  9.802   -9.259  1.00 24.55 ? 465 LYS A C   1 
ATOM   728  O  O   . LYS A 1 92  ? 11.788  10.863  -8.654  1.00 33.98 ? 465 LYS A O   1 
ATOM   729  C  CB  . LYS A 1 92  ? 14.020  8.408   -9.642  1.00 26.04 ? 465 LYS A CB  1 
ATOM   730  C  CG  . LYS A 1 92  ? 14.953  7.857   -10.735 1.00 28.76 ? 465 LYS A CG  1 
ATOM   731  C  CD  . LYS A 1 92  ? 15.930  6.855   -10.108 1.00 33.70 ? 465 LYS A CD  1 
ATOM   732  C  CE  . LYS A 1 92  ? 16.645  6.053   -11.174 1.00 35.65 ? 465 LYS A CE  1 
ATOM   733  N  NZ  . LYS A 1 92  ? 17.275  4.822   -10.608 1.00 41.22 ? 465 LYS A NZ  1 
ATOM   734  N  N   . ARG A 1 93  ? 11.071  8.816   -9.174  1.00 19.98 ? 466 ARG A N   1 
ATOM   735  C  CA  . ARG A 1 93  ? 9.870   8.939   -8.367  1.00 18.85 ? 466 ARG A CA  1 
ATOM   736  C  C   . ARG A 1 93  ? 9.928   7.961   -7.150  1.00 21.57 ? 466 ARG A C   1 
ATOM   737  O  O   . ARG A 1 93  ? 10.726  7.027   -7.138  1.00 25.11 ? 466 ARG A O   1 
ATOM   738  C  CB  . ARG A 1 93  ? 8.645   8.535   -9.178  1.00 18.94 ? 466 ARG A CB  1 
ATOM   739  C  CG  . ARG A 1 93  ? 8.403   9.257   -10.471 1.00 22.78 ? 466 ARG A CG  1 
ATOM   740  C  CD  . ARG A 1 93  ? 7.182   8.630   -11.182 1.00 22.35 ? 466 ARG A CD  1 
ATOM   741  N  NE  . ARG A 1 93  ? 6.958   9.248   -12.487 1.00 24.87 ? 466 ARG A NE  1 
ATOM   742  C  CZ  . ARG A 1 93  ? 5.755   9.449   -13.021 1.00 24.52 ? 466 ARG A CZ  1 
ATOM   743  N  NH1 . ARG A 1 93  ? 4.657   9.098   -12.351 1.00 22.09 ? 466 ARG A NH1 1 
ATOM   744  N  NH2 . ARG A 1 93  ? 5.629   10.002  -14.217 1.00 22.61 ? 466 ARG A NH2 1 
ATOM   745  N  N   . VAL A 1 94  ? 9.034   8.225   -6.240  1.00 19.92 ? 467 VAL A N   1 
ATOM   746  C  CA  . VAL A 1 94  ? 8.627   7.529   -5.087  1.00 19.27 ? 467 VAL A CA  1 
ATOM   747  C  C   . VAL A 1 94  ? 7.150   7.149   -5.160  1.00 20.10 ? 467 VAL A C   1 
ATOM   748  O  O   . VAL A 1 94  ? 6.305   7.977   -5.515  1.00 17.86 ? 467 VAL A O   1 
ATOM   749  C  CB  . VAL A 1 94  ? 9.073   7.936   -3.741  1.00 22.33 ? 467 VAL A CB  1 
ATOM   750  C  CG1 . VAL A 1 94  ? 9.293   9.386   -3.496  1.00 31.04 ? 467 VAL A CG1 1 
ATOM   751  C  CG2 . VAL A 1 94  ? 8.437   7.202   -2.591  1.00 20.23 ? 467 VAL A CG2 1 
ATOM   752  N  N   . ILE A 1 95  ? 6.846   5.881   -4.923  1.00 22.39 ? 468 ILE A N   1 
ATOM   753  C  CA  . ILE A 1 95  ? 5.420   5.462   -5.088  1.00 24.06 ? 468 ILE A CA  1 
ATOM   754  C  C   . ILE A 1 95  ? 5.033   4.603   -3.890  1.00 19.06 ? 468 ILE A C   1 
ATOM   755  O  O   . ILE A 1 95  ? 5.881   3.876   -3.354  1.00 18.83 ? 468 ILE A O   1 
ATOM   756  C  CB  . ILE A 1 95  ? 5.291   4.662   -6.391  1.00 25.06 ? 468 ILE A CB  1 
ATOM   757  C  CG1 . ILE A 1 95  ? 5.388   5.504   -7.662  1.00 26.99 ? 468 ILE A CG1 1 
ATOM   758  C  CG2 . ILE A 1 95  ? 4.161   3.691   -6.424  1.00 18.70 ? 468 ILE A CG2 1 
ATOM   759  C  CD1 . ILE A 1 95  ? 5.528   4.652   -8.915  1.00 37.80 ? 468 ILE A CD1 1 
ATOM   760  N  N   . LEU A 1 96  ? 3.786   4.726   -3.474  1.00 17.06 ? 469 LEU A N   1 
ATOM   761  C  CA  . LEU A 1 96  ? 3.280   3.959   -2.337  1.00 15.18 ? 469 LEU A CA  1 
ATOM   762  C  C   . LEU A 1 96  ? 2.185   3.004   -2.866  1.00 16.39 ? 469 LEU A C   1 
ATOM   763  O  O   . LEU A 1 96  ? 1.361   3.429   -3.664  1.00 18.79 ? 469 LEU A O   1 
ATOM   764  C  CB  . LEU A 1 96  ? 2.640   4.834   -1.287  1.00 16.87 ? 469 LEU A CB  1 
ATOM   765  C  CG  . LEU A 1 96  ? 3.415   5.871   -0.531  1.00 20.49 ? 469 LEU A CG  1 
ATOM   766  C  CD1 . LEU A 1 96  ? 2.594   6.352   0.690   1.00 14.42 ? 469 LEU A CD1 1 
ATOM   767  C  CD2 . LEU A 1 96  ? 4.755   5.337   -0.026  1.00 14.13 ? 469 LEU A CD2 1 
ATOM   768  N  N   . ILE A 1 97  ? 2.208   1.783   -2.364  1.00 15.69 ? 470 ILE A N   1 
ATOM   769  C  CA  . ILE A 1 97  ? 1.154   0.821   -2.710  1.00 15.88 ? 470 ILE A CA  1 
ATOM   770  C  C   . ILE A 1 97  ? 0.570   0.257   -1.409  1.00 17.28 ? 470 ILE A C   1 
ATOM   771  O  O   . ILE A 1 97  ? 1.310   -0.286  -0.609  1.00 20.32 ? 470 ILE A O   1 
ATOM   772  C  CB  . ILE A 1 97  ? 1.689   -0.325  -3.573  1.00 17.80 ? 470 ILE A CB  1 
ATOM   773  C  CG1 . ILE A 1 97  ? 2.061   0.153   -5.002  1.00 19.95 ? 470 ILE A CG1 1 
ATOM   774  C  CG2 . ILE A 1 97  ? 0.653   -1.439  -3.698  1.00 11.42 ? 470 ILE A CG2 1 
ATOM   775  C  CD1 . ILE A 1 97  ? 3.471   -0.173  -5.374  1.00 20.30 ? 470 ILE A CD1 1 
ATOM   776  N  N   . PHE A 1 98  ? -0.731  0.391   -1.255  1.00 19.07 ? 471 PHE A N   1 
ATOM   777  C  CA  . PHE A 1 98  ? -1.436  -0.112  -0.081  1.00 19.98 ? 471 PHE A CA  1 
ATOM   778  C  C   . PHE A 1 98  ? -2.234  -1.369  -0.428  1.00 18.74 ? 471 PHE A C   1 
ATOM   779  O  O   . PHE A 1 98  ? -2.838  -1.475  -1.476  1.00 18.86 ? 471 PHE A O   1 
ATOM   780  C  CB  . PHE A 1 98  ? -2.479  0.960   0.362   1.00 21.35 ? 471 PHE A CB  1 
ATOM   781  C  CG  . PHE A 1 98  ? -1.816  2.165   1.011   1.00 23.63 ? 471 PHE A CG  1 
ATOM   782  C  CD1 . PHE A 1 98  ? -1.432  3.253   0.230   1.00 24.84 ? 471 PHE A CD1 1 
ATOM   783  C  CD2 . PHE A 1 98  ? -1.592  2.194   2.377   1.00 19.90 ? 471 PHE A CD2 1 
ATOM   784  C  CE1 . PHE A 1 98  ? -0.803  4.342   0.817   1.00 24.08 ? 471 PHE A CE1 1 
ATOM   785  C  CE2 . PHE A 1 98  ? -0.946  3.266   2.962   1.00 18.72 ? 471 PHE A CE2 1 
ATOM   786  C  CZ  . PHE A 1 98  ? -0.552  4.340   2.177   1.00 22.47 ? 471 PHE A CZ  1 
ATOM   787  N  N   . HIS A 1 99  ? -2.279  -2.318  0.517   1.00 17.16 ? 472 HIS A N   1 
ATOM   788  C  CA  . HIS A 1 99  ? -3.128  -3.490  0.271   1.00 15.38 ? 472 HIS A CA  1 
ATOM   789  C  C   . HIS A 1 99  ? -3.485  -4.139  1.602   1.00 18.01 ? 472 HIS A C   1 
ATOM   790  O  O   . HIS A 1 99  ? -2.798  -3.974  2.595   1.00 16.22 ? 472 HIS A O   1 
ATOM   791  C  CB  . HIS A 1 99  ? -2.402  -4.489  -0.630  1.00 16.68 ? 472 HIS A CB  1 
ATOM   792  C  CG  . HIS A 1 99  ? -1.476  -5.419  0.102   1.00 18.89 ? 472 HIS A CG  1 
ATOM   793  N  ND1 . HIS A 1 99  ? -1.926  -6.554  0.757   1.00 17.92 ? 472 HIS A ND1 1 
ATOM   794  C  CD2 . HIS A 1 99  ? -0.134  -5.376  0.297   1.00 15.00 ? 472 HIS A CD2 1 
ATOM   795  C  CE1 . HIS A 1 99  ? -0.900  -7.175  1.310   1.00 15.66 ? 472 HIS A CE1 1 
ATOM   796  N  NE2 . HIS A 1 99  ? 0.190   -6.484  1.039   1.00 16.21 ? 472 HIS A NE2 1 
ATOM   797  N  N   . CYS A 1 100 ? -4.541  -4.940  1.599   1.00 20.22 ? 473 CYS A N   1 
ATOM   798  C  CA  . CYS A 1 100 ? -4.903  -5.678  2.803   1.00 20.88 ? 473 CYS A CA  1 
ATOM   799  C  C   . CYS A 1 100 ? -5.194  -7.121  2.409   1.00 21.71 ? 473 CYS A C   1 
ATOM   800  O  O   . CYS A 1 100 ? -4.460  -7.674  1.577   1.00 21.50 ? 473 CYS A O   1 
ATOM   801  C  CB  . CYS A 1 100 ? -6.004  -5.041  3.587   1.00 20.44 ? 473 CYS A CB  1 
ATOM   802  S  SG  . CYS A 1 100 ? -7.431  -4.431  2.686   1.00 22.30 ? 473 CYS A SG  1 
ATOM   803  N  N   . GLU A 1 101 ? -6.257  -7.696  2.949   1.00 20.54 ? 474 GLU A N   1 
ATOM   804  C  CA  . GLU A 1 101 ? -6.605  -9.066  2.615   1.00 24.43 ? 474 GLU A CA  1 
ATOM   805  C  C   . GLU A 1 101 ? -7.360  -9.138  1.290   1.00 23.21 ? 474 GLU A C   1 
ATOM   806  O  O   . GLU A 1 101 ? -7.024  -9.961  0.434   1.00 23.48 ? 474 GLU A O   1 
ATOM   807  C  CB  . GLU A 1 101 ? -7.424  -9.740  3.716   1.00 26.05 ? 474 GLU A CB  1 
ATOM   808  C  CG  . GLU A 1 101 ? -7.685  -11.212 3.424   1.00 26.27 ? 474 GLU A CG  1 
ATOM   809  C  CD  . GLU A 1 101 ? -8.311  -11.926 4.608   1.00 29.21 ? 474 GLU A CD  1 
ATOM   810  O  OE1 . GLU A 1 101 ? -8.748  -11.262 5.570   1.00 24.65 ? 474 GLU A OE1 1 
ATOM   811  O  OE2 . GLU A 1 101 ? -8.374  -13.176 4.552   1.00 31.37 ? 474 GLU A OE2 1 
ATOM   812  N  N   . PHE A 1 102 ? -8.374  -8.302  1.175   1.00 20.26 ? 475 PHE A N   1 
ATOM   813  C  CA  . PHE A 1 102 ? -9.177  -8.182  -0.016  1.00 21.52 ? 475 PHE A CA  1 
ATOM   814  C  C   . PHE A 1 102 ? -8.971  -6.782  -0.624  1.00 22.59 ? 475 PHE A C   1 
ATOM   815  O  O   . PHE A 1 102 ? -9.495  -6.503  -1.691  1.00 22.24 ? 475 PHE A O   1 
ATOM   816  C  CB  . PHE A 1 102 ? -10.673 -8.363  0.274   1.00 24.06 ? 475 PHE A CB  1 
ATOM   817  C  CG  . PHE A 1 102 ? -10.978 -9.594  1.104   1.00 30.48 ? 475 PHE A CG  1 
ATOM   818  C  CD1 . PHE A 1 102 ? -11.022 -10.844 0.509   1.00 36.28 ? 475 PHE A CD1 1 
ATOM   819  C  CD2 . PHE A 1 102 ? -11.175 -9.492  2.471   1.00 32.24 ? 475 PHE A CD2 1 
ATOM   820  C  CE1 . PHE A 1 102 ? -11.260 -11.986 1.261   1.00 36.11 ? 475 PHE A CE1 1 
ATOM   821  C  CE2 . PHE A 1 102 ? -11.434 -10.620 3.231   1.00 33.16 ? 475 PHE A CE2 1 
ATOM   822  C  CZ  . PHE A 1 102 ? -11.469 -11.867 2.627   1.00 34.99 ? 475 PHE A CZ  1 
ATOM   823  N  N   . SER A 1 103 ? -8.218  -5.947  0.092   1.00 20.90 ? 476 SER A N   1 
ATOM   824  C  CA  . SER A 1 103 ? -8.059  -4.561  -0.431  1.00 25.87 ? 476 SER A CA  1 
ATOM   825  C  C   . SER A 1 103 ? -9.452  -3.952  -0.567  1.00 25.83 ? 476 SER A C   1 
ATOM   826  O  O   . SER A 1 103 ? -9.780  -3.271  -1.525  1.00 24.23 ? 476 SER A O   1 
ATOM   827  C  CB  . SER A 1 103 ? -7.340  -4.567  -1.772  1.00 25.95 ? 476 SER A CB  1 
ATOM   828  O  OG  . SER A 1 103 ? -5.928  -4.407  -1.581  1.00 22.95 ? 476 SER A OG  1 
ATOM   829  N  N   . SER A 1 104 ? -10.305 -4.276  0.415   1.00 24.15 ? 477 SER A N   1 
ATOM   830  C  CA  . SER A 1 104 ? -11.645 -3.754  0.402   1.00 26.65 ? 477 SER A CA  1 
ATOM   831  C  C   . SER A 1 104 ? -11.905 -2.691  1.435   1.00 28.53 ? 477 SER A C   1 
ATOM   832  O  O   . SER A 1 104 ? -12.628 -1.715  1.186   1.00 28.90 ? 477 SER A O   1 
ATOM   833  C  CB  . SER A 1 104 ? -12.697 -4.824  0.347   1.00 29.24 ? 477 SER A CB  1 
ATOM   834  O  OG  . SER A 1 104 ? -14.000 -4.303  0.602   1.00 45.79 ? 477 SER A OG  1 
ATOM   835  N  N   . GLU A 1 105 ? -11.329 -2.814  2.634   1.00 30.23 ? 478 GLU A N   1 
ATOM   836  C  CA  . GLU A 1 105 ? -11.623 -1.829  3.671   1.00 31.90 ? 478 GLU A CA  1 
ATOM   837  C  C   . GLU A 1 105 ? -10.390 -1.179  4.266   1.00 27.99 ? 478 GLU A C   1 
ATOM   838  O  O   . GLU A 1 105 ? -10.239 0.045   4.228   1.00 28.11 ? 478 GLU A O   1 
ATOM   839  C  CB  . GLU A 1 105 ? -12.396 -2.548  4.808   1.00 40.84 ? 478 GLU A CB  1 
ATOM   840  C  CG  . GLU A 1 105 ? -13.787 -1.976  5.026   1.00 52.57 ? 478 GLU A CG  1 
ATOM   841  C  CD  . GLU A 1 105 ? -14.630 -2.041  3.761   1.00 63.06 ? 478 GLU A CD  1 
ATOM   842  O  OE1 . GLU A 1 105 ? -14.659 -1.028  3.028   1.00 79.02 ? 478 GLU A OE1 1 
ATOM   843  O  OE2 . GLU A 1 105 ? -15.245 -3.099  3.511   1.00 71.18 ? 478 GLU A OE2 1 
ATOM   844  N  N   . ARG A 1 106 ? -9.539  -1.980  4.887   1.00 26.10 ? 479 ARG A N   1 
ATOM   845  C  CA  . ARG A 1 106 ? -8.365  -1.580  5.592   1.00 27.48 ? 479 ARG A CA  1 
ATOM   846  C  C   . ARG A 1 106 ? -7.374  -0.768  4.783   1.00 24.95 ? 479 ARG A C   1 
ATOM   847  O  O   . ARG A 1 106 ? -6.972  0.320   5.220   1.00 24.91 ? 479 ARG A O   1 
ATOM   848  C  CB  . ARG A 1 106 ? -7.697  -2.727  6.358   1.00 26.23 ? 479 ARG A CB  1 
ATOM   849  C  CG  . ARG A 1 106 ? -8.515  -3.295  7.509   1.00 23.11 ? 479 ARG A CG  1 
ATOM   850  C  CD  . ARG A 1 106 ? -7.903  -4.520  8.147   1.00 23.05 ? 479 ARG A CD  1 
ATOM   851  N  NE  . ARG A 1 106 ? -8.046  -5.717  7.304   1.00 23.08 ? 479 ARG A NE  1 
ATOM   852  C  CZ  . ARG A 1 106 ? -7.559  -6.914  7.599   1.00 22.03 ? 479 ARG A CZ  1 
ATOM   853  N  NH1 . ARG A 1 106 ? -6.881  -7.103  8.730   1.00 13.05 ? 479 ARG A NH1 1 
ATOM   854  N  NH2 . ARG A 1 106 ? -7.730  -7.952  6.778   1.00 16.07 ? 479 ARG A NH2 1 
ATOM   855  N  N   . GLY A 1 107 ? -6.972  -1.259  3.625   1.00 23.32 ? 480 GLY A N   1 
ATOM   856  C  CA  . GLY A 1 107 ? -6.042  -0.657  2.708   1.00 22.90 ? 480 GLY A CA  1 
ATOM   857  C  C   . GLY A 1 107 ? -6.501  0.674   2.153   1.00 23.34 ? 480 GLY A C   1 
ATOM   858  O  O   . GLY A 1 107 ? -5.787  1.676   2.263   1.00 20.58 ? 480 GLY A O   1 
ATOM   859  N  N   . PRO A 1 108 ? -7.677  0.722   1.527   1.00 26.01 ? 481 PRO A N   1 
ATOM   860  C  CA  . PRO A 1 108 ? -8.226  1.990   1.055   1.00 26.19 ? 481 PRO A CA  1 
ATOM   861  C  C   . PRO A 1 108 ? -8.346  3.064   2.116   1.00 24.83 ? 481 PRO A C   1 
ATOM   862  O  O   . PRO A 1 108 ? -8.107  4.260   1.823   1.00 20.76 ? 481 PRO A O   1 
ATOM   863  C  CB  . PRO A 1 108 ? -9.608  1.594   0.517   1.00 26.09 ? 481 PRO A CB  1 
ATOM   864  C  CG  . PRO A 1 108 ? -9.405  0.195   0.021   1.00 23.90 ? 481 PRO A CG  1 
ATOM   865  C  CD  . PRO A 1 108 ? -8.495  -0.437  1.058   1.00 26.76 ? 481 PRO A CD  1 
ATOM   866  N  N   . ARG A 1 109 ? -8.723  2.709   3.339   1.00 26.63 ? 482 ARG A N   1 
ATOM   867  C  CA  . ARG A 1 109 ? -8.863  3.684   4.419   1.00 30.07 ? 482 ARG A CA  1 
ATOM   868  C  C   . ARG A 1 109 ? -7.499  4.290   4.769   1.00 26.55 ? 482 ARG A C   1 
ATOM   869  O  O   . ARG A 1 109 ? -7.373  5.498   4.927   1.00 25.84 ? 482 ARG A O   1 
ATOM   870  C  CB  . ARG A 1 109 ? -9.458  3.050   5.674   1.00 40.92 ? 482 ARG A CB  1 
ATOM   871  C  CG  . ARG A 1 109 ? -10.865 2.532   5.498   1.00 57.70 ? 482 ARG A CG  1 
ATOM   872  C  CD  . ARG A 1 109 ? -11.830 3.170   6.502   1.00 70.54 ? 482 ARG A CD  1 
ATOM   873  N  NE  . ARG A 1 109 ? -13.014 2.297   6.679   1.00 78.55 ? 482 ARG A NE  1 
ATOM   874  C  CZ  . ARG A 1 109 ? -12.930 1.120   7.303   1.00 83.52 ? 482 ARG A CZ  1 
ATOM   875  N  NH1 . ARG A 1 109 ? -14.004 0.358   7.445   1.00 88.43 ? 482 ARG A NH1 1 
ATOM   876  N  NH2 . ARG A 1 109 ? -11.761 0.712   7.789   1.00 87.12 ? 482 ARG A NH2 1 
ATOM   877  N  N   . MET A 1 110 ? -6.506  3.408   4.885   1.00 23.87 ? 483 MET A N   1 
ATOM   878  C  CA  . MET A 1 110 ? -5.145  3.840   5.176   1.00 20.71 ? 483 MET A CA  1 
ATOM   879  C  C   . MET A 1 110 ? -4.623  4.761   4.080   1.00 20.87 ? 483 MET A C   1 
ATOM   880  O  O   . MET A 1 110 ? -4.029  5.801   4.352   1.00 26.81 ? 483 MET A O   1 
ATOM   881  C  CB  . MET A 1 110 ? -4.243  2.638   5.393   1.00 18.10 ? 483 MET A CB  1 
ATOM   882  C  CG  . MET A 1 110 ? -2.923  2.933   6.058   1.00 19.62 ? 483 MET A CG  1 
ATOM   883  S  SD  . MET A 1 110 ? -3.064  3.524   7.753   1.00 33.33 ? 483 MET A SD  1 
ATOM   884  C  CE  . MET A 1 110 ? -3.390  1.962   8.615   1.00 29.07 ? 483 MET A CE  1 
ATOM   885  N  N   . CYS A 1 111 ? -4.884  4.402   2.817   1.00 20.48 ? 484 CYS A N   1 
ATOM   886  C  CA  . CYS A 1 111 ? -4.503  5.274   1.709   1.00 17.28 ? 484 CYS A CA  1 
ATOM   887  C  C   . CYS A 1 111 ? -5.129  6.650   1.924   1.00 18.90 ? 484 CYS A C   1 
ATOM   888  O  O   . CYS A 1 111 ? -4.459  7.681   1.867   1.00 18.32 ? 484 CYS A O   1 
ATOM   889  C  CB  . CYS A 1 111 ? -4.995  4.697   0.377   1.00 16.23 ? 484 CYS A CB  1 
ATOM   890  S  SG  . CYS A 1 111 ? -4.239  5.466   -1.092  1.00 21.54 ? 484 CYS A SG  1 
ATOM   891  N  N   . ARG A 1 112 ? -6.447  6.677   2.161   1.00 20.06 ? 485 ARG A N   1 
ATOM   892  C  CA  . ARG A 1 112 ? -7.106  7.970   2.325   1.00 21.77 ? 485 ARG A CA  1 
ATOM   893  C  C   . ARG A 1 112 ? -6.565  8.749   3.509   1.00 23.73 ? 485 ARG A C   1 
ATOM   894  O  O   . ARG A 1 112 ? -6.480  9.986   3.477   1.00 26.50 ? 485 ARG A O   1 
ATOM   895  C  CB  . ARG A 1 112 ? -8.607  7.879   2.351   1.00 23.52 ? 485 ARG A CB  1 
ATOM   896  C  CG  . ARG A 1 112 ? -9.322  7.417   1.104   1.00 27.25 ? 485 ARG A CG  1 
ATOM   897  C  CD  . ARG A 1 112 ? -10.813 7.266   1.375   1.00 33.18 ? 485 ARG A CD  1 
ATOM   898  N  NE  . ARG A 1 112 ? -11.526 6.500   0.353   1.00 35.66 ? 485 ARG A NE  1 
ATOM   899  C  CZ  . ARG A 1 112 ? -11.789 6.994   -0.864  1.00 38.95 ? 485 ARG A CZ  1 
ATOM   900  N  NH1 . ARG A 1 112 ? -11.383 8.220   -1.157  1.00 41.90 ? 485 ARG A NH1 1 
ATOM   901  N  NH2 . ARG A 1 112 ? -12.430 6.278   -1.764  1.00 43.76 ? 485 ARG A NH2 1 
ATOM   902  N  N   . PHE A 1 113 ? -6.181  8.049   4.585   1.00 23.02 ? 486 PHE A N   1 
ATOM   903  C  CA  . PHE A 1 113 ? -5.674  8.739   5.775   1.00 20.64 ? 486 PHE A CA  1 
ATOM   904  C  C   . PHE A 1 113 ? -4.338  9.409   5.531   1.00 19.21 ? 486 PHE A C   1 
ATOM   905  O  O   . PHE A 1 113 ? -4.091  10.564  5.857   1.00 18.53 ? 486 PHE A O   1 
ATOM   906  C  CB  . PHE A 1 113 ? -5.538  7.725   6.922   1.00 23.79 ? 486 PHE A CB  1 
ATOM   907  C  CG  . PHE A 1 113 ? -4.864  8.319   8.152   1.00 26.96 ? 486 PHE A CG  1 
ATOM   908  C  CD1 . PHE A 1 113 ? -5.513  9.295   8.895   1.00 27.50 ? 486 PHE A CD1 1 
ATOM   909  C  CD2 . PHE A 1 113 ? -3.597  7.914   8.526   1.00 27.21 ? 486 PHE A CD2 1 
ATOM   910  C  CE1 . PHE A 1 113 ? -4.904  9.846   10.005  1.00 27.36 ? 486 PHE A CE1 1 
ATOM   911  C  CE2 . PHE A 1 113 ? -2.996  8.443   9.661   1.00 27.41 ? 486 PHE A CE2 1 
ATOM   912  C  CZ  . PHE A 1 113 ? -3.647  9.405   10.393  1.00 25.91 ? 486 PHE A CZ  1 
ATOM   913  N  N   . ILE A 1 114 ? -3.402  8.638   4.971   1.00 16.11 ? 487 ILE A N   1 
ATOM   914  C  CA  . ILE A 1 114 ? -2.083  9.199   4.695   1.00 12.86 ? 487 ILE A CA  1 
ATOM   915  C  C   . ILE A 1 114 ? -2.208  10.384  3.768   1.00 15.21 ? 487 ILE A C   1 
ATOM   916  O  O   . ILE A 1 114 ? -1.517  11.397  3.904   1.00 18.74 ? 487 ILE A O   1 
ATOM   917  C  CB  . ILE A 1 114 ? -1.105  8.157   4.210   1.00 11.71 ? 487 ILE A CB  1 
ATOM   918  C  CG1 . ILE A 1 114 ? -0.740  7.065   5.209   1.00 14.38 ? 487 ILE A CG1 1 
ATOM   919  C  CG2 . ILE A 1 114 ? 0.110   8.746   3.539   1.00 16.05 ? 487 ILE A CG2 1 
ATOM   920  C  CD1 . ILE A 1 114 ? 0.103   7.517   6.377   1.00 17.08 ? 487 ILE A CD1 1 
ATOM   921  N  N   . ARG A 1 115 ? -3.166  10.331  2.821   1.00 16.85 ? 488 ARG A N   1 
ATOM   922  C  CA  . ARG A 1 115 ? -3.344  11.498  1.956   1.00 18.92 ? 488 ARG A CA  1 
ATOM   923  C  C   . ARG A 1 115 ? -3.805  12.705  2.748   1.00 23.96 ? 488 ARG A C   1 
ATOM   924  O  O   . ARG A 1 115 ? -3.296  13.820  2.573   1.00 21.62 ? 488 ARG A O   1 
ATOM   925  C  CB  . ARG A 1 115 ? -4.122  11.247  0.711   1.00 14.52 ? 488 ARG A CB  1 
ATOM   926  C  CG  . ARG A 1 115 ? -4.655  12.463  -0.028  1.00 19.49 ? 488 ARG A CG  1 
ATOM   927  C  CD  . ARG A 1 115 ? -3.591  13.284  -0.716  1.00 20.33 ? 488 ARG A CD  1 
ATOM   928  N  NE  . ARG A 1 115 ? -2.673  12.552  -1.541  1.00 19.67 ? 488 ARG A NE  1 
ATOM   929  C  CZ  . ARG A 1 115 ? -2.643  12.324  -2.830  1.00 16.88 ? 488 ARG A CZ  1 
ATOM   930  N  NH1 . ARG A 1 115 ? -3.565  12.798  -3.646  1.00 16.54 ? 488 ARG A NH1 1 
ATOM   931  N  NH2 . ARG A 1 115 ? -1.657  11.589  -3.371  1.00 13.38 ? 488 ARG A NH2 1 
ATOM   932  N  N   . GLU A 1 116 ? -4.761  12.501  3.675   1.00 25.49 ? 489 GLU A N   1 
ATOM   933  C  CA  . GLU A 1 116 ? -5.207  13.585  4.503   1.00 27.34 ? 489 GLU A CA  1 
ATOM   934  C  C   . GLU A 1 116 ? -4.108  14.260  5.275   1.00 20.66 ? 489 GLU A C   1 
ATOM   935  O  O   . GLU A 1 116 ? -4.008  15.491  5.343   1.00 20.60 ? 489 GLU A O   1 
ATOM   936  C  CB  . GLU A 1 116 ? -6.533  13.546  5.105   1.00 39.05 ? 489 GLU A CB  1 
ATOM   937  C  CG  . GLU A 1 116 ? -7.087  12.312  5.739   1.00 53.20 ? 489 GLU A CG  1 
ATOM   938  C  CD  . GLU A 1 116 ? -8.201  12.539  6.740   1.00 62.58 ? 489 GLU A CD  1 
ATOM   939  O  OE1 . GLU A 1 116 ? -9.279  11.910  6.579   1.00 78.31 ? 489 GLU A OE1 1 
ATOM   940  O  OE2 . GLU A 1 116 ? -8.014  13.310  7.708   1.00 63.80 ? 489 GLU A OE2 1 
ATOM   941  N  N   . ARG A 1 117 ? -3.208  13.472  5.868   1.00 17.59 ? 490 ARG A N   1 
ATOM   942  C  CA  . ARG A 1 117 ? -2.104  14.038  6.614   1.00 22.12 ? 490 ARG A CA  1 
ATOM   943  C  C   . ARG A 1 117 ? -1.066  14.654  5.692   1.00 23.04 ? 490 ARG A C   1 
ATOM   944  O  O   . ARG A 1 117 ? -0.406  15.628  6.064   1.00 25.39 ? 490 ARG A O   1 
ATOM   945  C  CB  . ARG A 1 117 ? -1.435  12.997  7.516   1.00 27.76 ? 490 ARG A CB  1 
ATOM   946  C  CG  . ARG A 1 117 ? -2.409  12.072  8.229   1.00 36.30 ? 490 ARG A CG  1 
ATOM   947  C  CD  . ARG A 1 117 ? -3.003  12.756  9.466   1.00 43.11 ? 490 ARG A CD  1 
ATOM   948  N  NE  . ARG A 1 117 ? -2.035  13.690  10.046  1.00 50.48 ? 490 ARG A NE  1 
ATOM   949  C  CZ  . ARG A 1 117 ? -2.296  14.947  10.377  1.00 54.05 ? 490 ARG A CZ  1 
ATOM   950  N  NH1 . ARG A 1 117 ? -3.510  15.460  10.204  1.00 49.34 ? 490 ARG A NH1 1 
ATOM   951  N  NH2 . ARG A 1 117 ? -1.323  15.702  10.890  1.00 57.64 ? 490 ARG A NH2 1 
ATOM   952  N  N   . ASP A 1 118 ? -0.855  14.067  4.505   1.00 23.28 ? 491 ASP A N   1 
ATOM   953  C  CA  . ASP A 1 118 ? 0.163   14.679  3.606   1.00 19.51 ? 491 ASP A CA  1 
ATOM   954  C  C   . ASP A 1 118 ? -0.310  16.101  3.245   1.00 23.11 ? 491 ASP A C   1 
ATOM   955  O  O   . ASP A 1 118 ? 0.476   17.040  3.247   1.00 23.52 ? 491 ASP A O   1 
ATOM   956  C  CB  . ASP A 1 118 ? 0.322   13.835  2.350   1.00 15.92 ? 491 ASP A CB  1 
ATOM   957  C  CG  . ASP A 1 118 ? 1.649   13.942  1.663   1.00 18.60 ? 491 ASP A CG  1 
ATOM   958  O  OD1 . ASP A 1 118 ? 2.522   14.742  2.089   1.00 21.55 ? 491 ASP A OD1 1 
ATOM   959  O  OD2 . ASP A 1 118 ? 1.898   13.238  0.646   1.00 15.47 ? 491 ASP A OD2 1 
ATOM   960  N  N   . ARG A 1 119 ? -1.606  16.238  2.935   1.00 22.41 ? 492 ARG A N   1 
ATOM   961  C  CA  . ARG A 1 119 ? -2.163  17.550  2.575   1.00 22.81 ? 492 ARG A CA  1 
ATOM   962  C  C   . ARG A 1 119 ? -2.007  18.506  3.769   1.00 28.35 ? 492 ARG A C   1 
ATOM   963  O  O   . ARG A 1 119 ? -1.527  19.613  3.661   1.00 31.73 ? 492 ARG A O   1 
ATOM   964  C  CB  . ARG A 1 119 ? -3.654  17.448  2.235   1.00 22.67 ? 492 ARG A CB  1 
ATOM   965  C  CG  . ARG A 1 119 ? -3.998  16.901  0.867   1.00 23.67 ? 492 ARG A CG  1 
ATOM   966  C  CD  . ARG A 1 119 ? -3.698  17.899  -0.249  1.00 22.66 ? 492 ARG A CD  1 
ATOM   967  N  NE  . ARG A 1 119 ? -4.038  17.371  -1.568  1.00 22.22 ? 492 ARG A NE  1 
ATOM   968  C  CZ  . ARG A 1 119 ? -3.347  17.560  -2.685  1.00 20.73 ? 492 ARG A CZ  1 
ATOM   969  N  NH1 . ARG A 1 119 ? -2.234  18.285  -2.684  1.00 17.57 ? 492 ARG A NH1 1 
ATOM   970  N  NH2 . ARG A 1 119 ? -3.762  17.025  -3.837  1.00 14.48 ? 492 ARG A NH2 1 
ATOM   971  N  N   . ALA A 1 120 ? -2.434  18.020  4.936   1.00 29.46 ? 493 ALA A N   1 
ATOM   972  C  CA  . ALA A 1 120 ? -2.394  18.789  6.139   1.00 28.59 ? 493 ALA A CA  1 
ATOM   973  C  C   . ALA A 1 120 ? -1.069  19.359  6.510   1.00 28.41 ? 493 ALA A C   1 
ATOM   974  O  O   . ALA A 1 120 ? -0.991  20.418  7.147   1.00 37.10 ? 493 ALA A O   1 
ATOM   975  C  CB  . ALA A 1 120 ? -3.088  18.097  7.295   1.00 23.20 ? 493 ALA A CB  1 
ATOM   976  N  N   . VAL A 1 121 ? 0.052   18.693  6.198   1.00 29.36 ? 494 VAL A N   1 
ATOM   977  C  CA  . VAL A 1 121 ? 1.330   19.203  6.667   1.00 30.18 ? 494 VAL A CA  1 
ATOM   978  C  C   . VAL A 1 121 ? 2.156   19.878  5.601   1.00 32.29 ? 494 VAL A C   1 
ATOM   979  O  O   . VAL A 1 121 ? 3.342   20.169  5.848   1.00 38.00 ? 494 VAL A O   1 
ATOM   980  C  CB  . VAL A 1 121 ? 2.189   18.085  7.318   1.00 31.50 ? 494 VAL A CB  1 
ATOM   981  C  CG1 . VAL A 1 121 ? 1.308   17.213  8.201   1.00 41.40 ? 494 VAL A CG1 1 
ATOM   982  C  CG2 . VAL A 1 121 ? 2.874   17.266  6.241   1.00 29.71 ? 494 VAL A CG2 1 
ATOM   983  N  N   . ASN A 1 122 ? 1.586   20.116  4.423   1.00 30.35 ? 495 ASN A N   1 
ATOM   984  C  CA  . ASN A 1 122 ? 2.391   20.744  3.341   1.00 27.09 ? 495 ASN A CA  1 
ATOM   985  C  C   . ASN A 1 122 ? 1.664   21.976  2.804   1.00 25.68 ? 495 ASN A C   1 
ATOM   986  O  O   . ASN A 1 122 ? 0.469   22.145  3.027   1.00 25.96 ? 495 ASN A O   1 
ATOM   987  C  CB  . ASN A 1 122 ? 2.448   19.706  2.185   1.00 27.82 ? 495 ASN A CB  1 
ATOM   988  C  CG  . ASN A 1 122 ? 3.612   18.762  2.322   1.00 28.44 ? 495 ASN A CG  1 
ATOM   989  O  OD1 . ASN A 1 122 ? 4.768   19.161  2.128   1.00 30.12 ? 495 ASN A OD1 1 
ATOM   990  N  ND2 . ASN A 1 122 ? 3.328   17.496  2.623   1.00 25.98 ? 495 ASN A ND2 1 
ATOM   991  N  N   . ASP A 1 123 ? 2.376   22.801  2.042   1.00 26.06 ? 496 ASP A N   1 
ATOM   992  C  CA  . ASP A 1 123 ? 1.715   23.938  1.386   1.00 27.97 ? 496 ASP A CA  1 
ATOM   993  C  C   . ASP A 1 123 ? 1.156   23.462  0.046   1.00 27.49 ? 496 ASP A C   1 
ATOM   994  O  O   . ASP A 1 123 ? 1.881   22.792  -0.701  1.00 28.33 ? 496 ASP A O   1 
ATOM   995  C  CB  . ASP A 1 123 ? 2.704   25.076  1.165   1.00 35.41 ? 496 ASP A CB  1 
ATOM   996  C  CG  . ASP A 1 123 ? 2.648   26.060  2.334   1.00 43.96 ? 496 ASP A CG  1 
ATOM   997  O  OD1 . ASP A 1 123 ? 1.794   26.971  2.293   1.00 58.57 ? 496 ASP A OD1 1 
ATOM   998  O  OD2 . ASP A 1 123 ? 3.394   25.823  3.299   1.00 54.21 ? 496 ASP A OD2 1 
ATOM   999  N  N   . TYR A 1 124 ? -0.085  23.699  -0.135  1.00 23.68 ? 497 TYR A N   1 
ATOM   1000 C  CA  . TYR A 1 124 ? -0.804  23.273  -1.342  1.00 23.38 ? 497 TYR A CA  1 
ATOM   1001 C  C   . TYR A 1 124 ? -0.142  23.785  -2.593  1.00 27.92 ? 497 TYR A C   1 
ATOM   1002 O  O   . TYR A 1 124 ? 0.247   24.966  -2.673  1.00 35.67 ? 497 TYR A O   1 
ATOM   1003 C  CB  . TYR A 1 124 ? -2.263  23.632  -1.215  1.00 18.91 ? 497 TYR A CB  1 
ATOM   1004 C  CG  . TYR A 1 124 ? -3.141  23.250  -2.365  1.00 21.74 ? 497 TYR A CG  1 
ATOM   1005 C  CD1 . TYR A 1 124 ? -3.805  22.034  -2.410  1.00 19.79 ? 497 TYR A CD1 1 
ATOM   1006 C  CD2 . TYR A 1 124 ? -3.309  24.131  -3.436  1.00 26.03 ? 497 TYR A CD2 1 
ATOM   1007 C  CE1 . TYR A 1 124 ? -4.607  21.701  -3.488  1.00 21.65 ? 497 TYR A CE1 1 
ATOM   1008 C  CE2 . TYR A 1 124 ? -4.111  23.809  -4.509  1.00 26.66 ? 497 TYR A CE2 1 
ATOM   1009 C  CZ  . TYR A 1 124 ? -4.763  22.593  -4.522  1.00 28.10 ? 497 TYR A CZ  1 
ATOM   1010 O  OH  . TYR A 1 124 ? -5.565  22.278  -5.603  1.00 49.94 ? 497 TYR A OH  1 
ATOM   1011 N  N   . PRO A 1 125 ? 0.045   22.950  -3.611  1.00 27.67 ? 498 PRO A N   1 
ATOM   1012 C  CA  . PRO A 1 125 ? -0.384  21.561  -3.590  1.00 24.97 ? 498 PRO A CA  1 
ATOM   1013 C  C   . PRO A 1 125 ? 0.739   20.554  -3.467  1.00 21.28 ? 498 PRO A C   1 
ATOM   1014 O  O   . PRO A 1 125 ? 0.573   19.418  -3.940  1.00 23.13 ? 498 PRO A O   1 
ATOM   1015 C  CB  . PRO A 1 125 ? -0.980  21.436  -5.029  1.00 24.14 ? 498 PRO A CB  1 
ATOM   1016 C  CG  . PRO A 1 125 ? -0.103  22.298  -5.851  1.00 23.90 ? 498 PRO A CG  1 
ATOM   1017 C  CD  . PRO A 1 125 ? 0.568   23.295  -4.958  1.00 26.09 ? 498 PRO A CD  1 
ATOM   1018 N  N   . SER A 1 126 ? 1.851   20.887  -2.850  1.00 19.35 ? 499 SER A N   1 
ATOM   1019 C  CA  . SER A 1 126 ? 2.940   19.916  -2.673  1.00 20.70 ? 499 SER A CA  1 
ATOM   1020 C  C   . SER A 1 126 ? 2.451   18.783  -1.725  1.00 20.73 ? 499 SER A C   1 
ATOM   1021 O  O   . SER A 1 126 ? 1.616   19.074  -0.868  1.00 19.31 ? 499 SER A O   1 
ATOM   1022 C  CB  . SER A 1 126 ? 4.094   20.622  -1.899  1.00 23.82 ? 499 SER A CB  1 
ATOM   1023 O  OG  . SER A 1 126 ? 4.528   21.754  -2.622  1.00 40.26 ? 499 SER A OG  1 
ATOM   1024 N  N   . LEU A 1 127 ? 3.078   17.572  -1.888  1.00 21.39 ? 500 LEU A N   1 
ATOM   1025 C  CA  . LEU A 1 127 ? 2.894   16.338  -1.192  1.00 20.11 ? 500 LEU A CA  1 
ATOM   1026 C  C   . LEU A 1 127 ? 4.187   15.547  -1.079  1.00 17.68 ? 500 LEU A C   1 
ATOM   1027 O  O   . LEU A 1 127 ? 5.017   15.530  -1.990  1.00 23.70 ? 500 LEU A O   1 
ATOM   1028 C  CB  . LEU A 1 127 ? 1.843   15.423  -1.826  1.00 20.32 ? 500 LEU A CB  1 
ATOM   1029 C  CG  . LEU A 1 127 ? 0.403   15.918  -1.909  1.00 17.07 ? 500 LEU A CG  1 
ATOM   1030 C  CD1 . LEU A 1 127 ? -0.412  15.015  -2.830  1.00 16.17 ? 500 LEU A CD1 1 
ATOM   1031 C  CD2 . LEU A 1 127 ? -0.232  15.978  -0.526  1.00 13.46 ? 500 LEU A CD2 1 
ATOM   1032 N  N   . TYR A 1 128 ? 4.337   14.805  0.036   1.00 16.22 ? 501 TYR A N   1 
ATOM   1033 C  CA  . TYR A 1 128 ? 5.566   13.938  0.018   1.00 20.77 ? 501 TYR A CA  1 
ATOM   1034 C  C   . TYR A 1 128 ? 5.214   12.708  -0.853  1.00 21.60 ? 501 TYR A C   1 
ATOM   1035 O  O   . TYR A 1 128 ? 6.073   12.048  -1.373  1.00 20.03 ? 501 TYR A O   1 
ATOM   1036 C  CB  . TYR A 1 128 ? 5.844   13.426  1.423   1.00 26.14 ? 501 TYR A CB  1 
ATOM   1037 C  CG  . TYR A 1 128 ? 6.204   14.449  2.458   1.00 32.87 ? 501 TYR A CG  1 
ATOM   1038 C  CD1 . TYR A 1 128 ? 7.390   15.174  2.388   1.00 36.98 ? 501 TYR A CD1 1 
ATOM   1039 C  CD2 . TYR A 1 128 ? 5.364   14.680  3.545   1.00 37.37 ? 501 TYR A CD2 1 
ATOM   1040 C  CE1 . TYR A 1 128 ? 7.720   16.109  3.358   1.00 39.36 ? 501 TYR A CE1 1 
ATOM   1041 C  CE2 . TYR A 1 128 ? 5.684   15.600  4.522   1.00 41.66 ? 501 TYR A CE2 1 
ATOM   1042 C  CZ  . TYR A 1 128 ? 6.867   16.311  4.421   1.00 43.64 ? 501 TYR A CZ  1 
ATOM   1043 O  OH  . TYR A 1 128 ? 7.179   17.235  5.392   1.00 61.46 ? 501 TYR A OH  1 
ATOM   1044 N  N   . TYR A 1 129 ? 3.906   12.407  -0.908  1.00 21.84 ? 502 TYR A N   1 
ATOM   1045 C  CA  . TYR A 1 129 ? 3.473   11.210  -1.623  1.00 22.02 ? 502 TYR A CA  1 
ATOM   1046 C  C   . TYR A 1 129 ? 2.402   11.453  -2.631  1.00 20.82 ? 502 TYR A C   1 
ATOM   1047 O  O   . TYR A 1 129 ? 1.216   11.127  -2.531  1.00 18.48 ? 502 TYR A O   1 
ATOM   1048 C  CB  . TYR A 1 129 ? 3.207   10.061  -0.670  1.00 21.77 ? 502 TYR A CB  1 
ATOM   1049 C  CG  . TYR A 1 129 ? 4.272   9.756   0.348   1.00 22.85 ? 502 TYR A CG  1 
ATOM   1050 C  CD1 . TYR A 1 129 ? 5.459   9.120   0.002   1.00 24.64 ? 502 TYR A CD1 1 
ATOM   1051 C  CD2 . TYR A 1 129 ? 4.110   10.111  1.689   1.00 21.87 ? 502 TYR A CD2 1 
ATOM   1052 C  CE1 . TYR A 1 129 ? 6.447   8.847   0.927   1.00 24.89 ? 502 TYR A CE1 1 
ATOM   1053 C  CE2 . TYR A 1 129 ? 5.087   9.844   2.624   1.00 22.89 ? 502 TYR A CE2 1 
ATOM   1054 C  CZ  . TYR A 1 129 ? 6.258   9.213   2.243   1.00 25.79 ? 502 TYR A CZ  1 
ATOM   1055 O  OH  . TYR A 1 129 ? 7.222   8.925   3.185   1.00 24.30 ? 502 TYR A OH  1 
ATOM   1056 N  N   . PRO A 1 130 ? 2.775   12.107  -3.765  1.00 18.80 ? 503 PRO A N   1 
ATOM   1057 C  CA  . PRO A 1 130 ? 1.729   12.406  -4.740  1.00 17.67 ? 503 PRO A CA  1 
ATOM   1058 C  C   . PRO A 1 130 ? 1.152   11.211  -5.457  1.00 20.77 ? 503 PRO A C   1 
ATOM   1059 O  O   . PRO A 1 130 ? 0.054   11.322  -6.051  1.00 15.22 ? 503 PRO A O   1 
ATOM   1060 C  CB  . PRO A 1 130 ? 2.441   13.341  -5.740  1.00 12.46 ? 503 PRO A CB  1 
ATOM   1061 C  CG  . PRO A 1 130 ? 3.879   12.927  -5.656  1.00 11.91 ? 503 PRO A CG  1 
ATOM   1062 C  CD  . PRO A 1 130 ? 4.113   12.549  -4.218  1.00 11.97 ? 503 PRO A CD  1 
ATOM   1063 N  N   . GLU A 1 131 ? 1.839   10.065  -5.499  1.00 17.12 ? 504 GLU A N   1 
ATOM   1064 C  CA  . GLU A 1 131 ? 1.301   8.948   -6.334  1.00 17.06 ? 504 GLU A CA  1 
ATOM   1065 C  C   . GLU A 1 131 ? 1.004   7.743   -5.486  1.00 16.08 ? 504 GLU A C   1 
ATOM   1066 O  O   . GLU A 1 131 ? 1.884   7.093   -4.927  1.00 10.56 ? 504 GLU A O   1 
ATOM   1067 C  CB  . GLU A 1 131 ? 2.398   8.629   -7.380  1.00 16.76 ? 504 GLU A CB  1 
ATOM   1068 C  CG  . GLU A 1 131 ? 1.889   7.950   -8.639  1.00 14.03 ? 504 GLU A CG  1 
ATOM   1069 C  CD  . GLU A 1 131 ? 2.979   7.704   -9.671  1.00 17.74 ? 504 GLU A CD  1 
ATOM   1070 O  OE1 . GLU A 1 131 ? 4.063   8.304   -9.596  1.00 22.08 ? 504 GLU A OE1 1 
ATOM   1071 O  OE2 . GLU A 1 131 ? 2.751   6.888   -10.600 1.00 19.27 ? 504 GLU A OE2 1 
ATOM   1072 N  N   . MET A 1 132 ? -0.284  7.384   -5.292  1.00 20.71 ? 505 MET A N   1 
ATOM   1073 C  CA  . MET A 1 132 ? -0.501  6.191   -4.401  1.00 21.34 ? 505 MET A CA  1 
ATOM   1074 C  C   . MET A 1 132 ? -1.473  5.236   -5.107  1.00 21.65 ? 505 MET A C   1 
ATOM   1075 O  O   . MET A 1 132 ? -2.405  5.668   -5.760  1.00 21.88 ? 505 MET A O   1 
ATOM   1076 C  CB  . MET A 1 132 ? -1.147  6.670   -3.094  1.00 22.64 ? 505 MET A CB  1 
ATOM   1077 C  CG  . MET A 1 132 ? -0.696  8.041   -2.633  1.00 28.68 ? 505 MET A CG  1 
ATOM   1078 S  SD  . MET A 1 132 ? -1.701  8.626   -1.185  1.00 33.20 ? 505 MET A SD  1 
ATOM   1079 C  CE  . MET A 1 132 ? -0.582  7.991   0.092   1.00 14.90 ? 505 MET A CE  1 
ATOM   1080 N  N   . TYR A 1 133 ? -1.261  3.931   -4.941  1.00 19.81 ? 506 TYR A N   1 
ATOM   1081 C  CA  . TYR A 1 133 ? -2.120  2.942   -5.557  1.00 14.87 ? 506 TYR A CA  1 
ATOM   1082 C  C   . TYR A 1 133 ? -2.587  1.896   -4.511  1.00 15.53 ? 506 TYR A C   1 
ATOM   1083 O  O   . TYR A 1 133 ? -1.928  1.723   -3.497  1.00 16.26 ? 506 TYR A O   1 
ATOM   1084 C  CB  . TYR A 1 133 ? -1.338  2.142   -6.628  1.00 11.85 ? 506 TYR A CB  1 
ATOM   1085 C  CG  . TYR A 1 133 ? -0.753  2.987   -7.726  1.00 12.24 ? 506 TYR A CG  1 
ATOM   1086 C  CD1 . TYR A 1 133 ? -1.535  3.344   -8.824  1.00 17.12 ? 506 TYR A CD1 1 
ATOM   1087 C  CD2 . TYR A 1 133 ? 0.564   3.424   -7.702  1.00 12.13 ? 506 TYR A CD2 1 
ATOM   1088 C  CE1 . TYR A 1 133 ? -1.023  4.116   -9.853  1.00 19.71 ? 506 TYR A CE1 1 
ATOM   1089 C  CE2 . TYR A 1 133 ? 1.087   4.185   -8.742  1.00 14.67 ? 506 TYR A CE2 1 
ATOM   1090 C  CZ  . TYR A 1 133 ? 0.295   4.535   -9.805  1.00 18.08 ? 506 TYR A CZ  1 
ATOM   1091 O  OH  . TYR A 1 133 ? 0.795   5.287   -10.850 1.00 16.69 ? 506 TYR A OH  1 
ATOM   1092 N  N   . ILE A 1 134 ? -3.630  1.192   -4.888  1.00 15.41 ? 507 ILE A N   1 
ATOM   1093 C  CA  . ILE A 1 134 ? -4.125  0.028   -4.127  1.00 16.69 ? 507 ILE A CA  1 
ATOM   1094 C  C   . ILE A 1 134 ? -3.825  -1.231  -4.933  1.00 16.83 ? 507 ILE A C   1 
ATOM   1095 O  O   . ILE A 1 134 ? -4.010  -1.243  -6.159  1.00 18.95 ? 507 ILE A O   1 
ATOM   1096 C  CB  . ILE A 1 134 ? -5.652  0.142   -3.935  1.00 18.15 ? 507 ILE A CB  1 
ATOM   1097 C  CG1 . ILE A 1 134 ? -6.112  1.483   -3.352  1.00 20.21 ? 507 ILE A CG1 1 
ATOM   1098 C  CG2 . ILE A 1 134 ? -6.200  -1.010  -3.111  1.00 20.90 ? 507 ILE A CG2 1 
ATOM   1099 C  CD1 . ILE A 1 134 ? -5.444  1.877   -2.059  1.00 16.01 ? 507 ILE A CD1 1 
ATOM   1100 N  N   . LEU A 1 135 ? -3.374  -2.321  -4.287  1.00 11.79 ? 508 LEU A N   1 
ATOM   1101 C  CA  . LEU A 1 135 ? -3.202  -3.547  -5.128  1.00 11.76 ? 508 LEU A CA  1 
ATOM   1102 C  C   . LEU A 1 135 ? -4.568  -4.243  -5.199  1.00 16.30 ? 508 LEU A C   1 
ATOM   1103 O  O   . LEU A 1 135 ? -5.079  -4.704  -4.178  1.00 21.17 ? 508 LEU A O   1 
ATOM   1104 C  CB  . LEU A 1 135 ? -2.182  -4.479  -4.517  1.00 10.71 ? 508 LEU A CB  1 
ATOM   1105 C  CG  . LEU A 1 135 ? -2.165  -5.923  -5.058  1.00 12.06 ? 508 LEU A CG  1 
ATOM   1106 C  CD1 . LEU A 1 135 ? -1.613  -5.928  -6.497  1.00 12.96 ? 508 LEU A CD1 1 
ATOM   1107 C  CD2 . LEU A 1 135 ? -1.211  -6.759  -4.193  1.00 24.39 ? 508 LEU A CD2 1 
ATOM   1108 N  N   . LYS A 1 136 ? -5.195  -4.248  -6.372  1.00 19.28 ? 509 LYS A N   1 
ATOM   1109 C  CA  . LYS A 1 136 ? -6.525  -4.830  -6.482  1.00 19.96 ? 509 LYS A CA  1 
ATOM   1110 C  C   . LYS A 1 136 ? -6.545  -6.320  -6.160  1.00 20.09 ? 509 LYS A C   1 
ATOM   1111 O  O   . LYS A 1 136 ? -5.756  -7.096  -6.713  1.00 23.13 ? 509 LYS A O   1 
ATOM   1112 C  CB  . LYS A 1 136 ? -7.112  -4.587  -7.882  1.00 19.23 ? 509 LYS A CB  1 
ATOM   1113 C  CG  . LYS A 1 136 ? -8.512  -5.199  -8.009  1.00 23.98 ? 509 LYS A CG  1 
ATOM   1114 C  CD  . LYS A 1 136 ? -9.305  -4.573  -9.137  1.00 26.80 ? 509 LYS A CD  1 
ATOM   1115 C  CE  . LYS A 1 136 ? -10.674 -5.248  -9.285  1.00 25.44 ? 509 LYS A CE  1 
ATOM   1116 N  NZ  . LYS A 1 136 ? -10.987 -5.463  -10.731 1.00 36.45 ? 509 LYS A NZ  1 
ATOM   1117 N  N   . GLY A 1 137 ? -7.467  -6.743  -5.302  1.00 17.94 ? 510 GLY A N   1 
ATOM   1118 C  CA  . GLY A 1 137 ? -7.609  -8.125  -4.901  1.00 18.42 ? 510 GLY A CA  1 
ATOM   1119 C  C   . GLY A 1 137 ? -6.908  -8.484  -3.607  1.00 17.68 ? 510 GLY A C   1 
ATOM   1120 O  O   . GLY A 1 137 ? -7.144  -9.533  -3.002  1.00 17.61 ? 510 GLY A O   1 
ATOM   1121 N  N   . GLY A 1 138 ? -5.987  -7.623  -3.155  1.00 18.80 ? 511 GLY A N   1 
ATOM   1122 C  CA  . GLY A 1 138 ? -5.253  -7.840  -1.941  1.00 18.12 ? 511 GLY A CA  1 
ATOM   1123 C  C   . GLY A 1 138 ? -4.386  -9.070  -1.946  1.00 20.32 ? 511 GLY A C   1 
ATOM   1124 O  O   . GLY A 1 138 ? -4.232  -9.761  -2.956  1.00 28.30 ? 511 GLY A O   1 
ATOM   1125 N  N   . TYR A 1 139 ? -3.826  -9.407  -0.767  1.00 20.19 ? 512 TYR A N   1 
ATOM   1126 C  CA  . TYR A 1 139 ? -3.012  -10.591 -0.633  1.00 21.41 ? 512 TYR A CA  1 
ATOM   1127 C  C   . TYR A 1 139 ? -3.715  -11.846 -1.123  1.00 22.32 ? 512 TYR A C   1 
ATOM   1128 O  O   . TYR A 1 139 ? -3.100  -12.694 -1.761  1.00 24.23 ? 512 TYR A O   1 
ATOM   1129 C  CB  . TYR A 1 139 ? -2.462  -10.754 0.775   1.00 21.77 ? 512 TYR A CB  1 
ATOM   1130 C  CG  . TYR A 1 139 ? -1.375  -11.816 0.874   1.00 19.51 ? 512 TYR A CG  1 
ATOM   1131 C  CD1 . TYR A 1 139 ? -0.066  -11.509 0.555   1.00 15.40 ? 512 TYR A CD1 1 
ATOM   1132 C  CD2 . TYR A 1 139 ? -1.688  -13.108 1.300   1.00 16.12 ? 512 TYR A CD2 1 
ATOM   1133 C  CE1 . TYR A 1 139 ? 0.934   -12.471 0.648   1.00 14.34 ? 512 TYR A CE1 1 
ATOM   1134 C  CE2 . TYR A 1 139 ? -0.690  -14.068 1.387   1.00 14.96 ? 512 TYR A CE2 1 
ATOM   1135 C  CZ  . TYR A 1 139 ? 0.606   -13.749 1.060   1.00 13.52 ? 512 TYR A CZ  1 
ATOM   1136 O  OH  . TYR A 1 139 ? 1.601   -14.699 1.144   1.00 14.00 ? 512 TYR A OH  1 
ATOM   1137 N  N   . LYS A 1 140 ? -5.011  -11.952 -0.855  1.00 23.84 ? 513 LYS A N   1 
ATOM   1138 C  CA  . LYS A 1 140 ? -5.842  -13.063 -1.268  1.00 27.22 ? 513 LYS A CA  1 
ATOM   1139 C  C   . LYS A 1 140 ? -5.750  -13.364 -2.751  1.00 23.75 ? 513 LYS A C   1 
ATOM   1140 O  O   . LYS A 1 140 ? -5.655  -14.513 -3.168  1.00 23.02 ? 513 LYS A O   1 
ATOM   1141 C  CB  . LYS A 1 140 ? -7.311  -12.791 -0.892  1.00 33.65 ? 513 LYS A CB  1 
ATOM   1142 C  CG  . LYS A 1 140 ? -8.086  -14.051 -0.559  1.00 37.26 ? 513 LYS A CG  1 
ATOM   1143 C  CD  . LYS A 1 140 ? -8.950  -14.491 -1.719  1.00 42.10 ? 513 LYS A CD  1 
ATOM   1144 C  CE  . LYS A 1 140 ? -10.426 -14.500 -1.340  1.00 47.44 ? 513 LYS A CE  1 
ATOM   1145 N  NZ  . LYS A 1 140 ? -11.268 -13.909 -2.433  1.00 62.19 ? 513 LYS A NZ  1 
ATOM   1146 N  N   . GLU A 1 141 ? -5.768  -12.328 -3.579  1.00 25.32 ? 514 GLU A N   1 
ATOM   1147 C  CA  . GLU A 1 141 ? -5.667  -12.539 -5.024  1.00 28.37 ? 514 GLU A CA  1 
ATOM   1148 C  C   . GLU A 1 141 ? -4.200  -12.737 -5.430  1.00 27.92 ? 514 GLU A C   1 
ATOM   1149 O  O   . GLU A 1 141 ? -3.926  -13.327 -6.469  1.00 28.23 ? 514 GLU A O   1 
ATOM   1150 C  CB  . GLU A 1 141 ? -6.140  -11.260 -5.747  1.00 36.86 ? 514 GLU A CB  1 
ATOM   1151 C  CG  . GLU A 1 141 ? -7.591  -11.196 -6.094  1.00 46.63 ? 514 GLU A CG  1 
ATOM   1152 C  CD  . GLU A 1 141 ? -8.266  -12.545 -6.181  1.00 54.77 ? 514 GLU A CD  1 
ATOM   1153 O  OE1 . GLU A 1 141 ? -7.844  -13.359 -7.033  1.00 64.25 ? 514 GLU A OE1 1 
ATOM   1154 O  OE2 . GLU A 1 141 ? -9.213  -12.770 -5.401  1.00 63.65 ? 514 GLU A OE2 1 
ATOM   1155 N  N   . PHE A 1 142 ? -3.281  -12.138 -4.685  1.00 25.69 ? 515 PHE A N   1 
ATOM   1156 C  CA  . PHE A 1 142 ? -1.869  -12.190 -5.067  1.00 21.29 ? 515 PHE A CA  1 
ATOM   1157 C  C   . PHE A 1 142 ? -1.201  -13.504 -4.814  1.00 17.80 ? 515 PHE A C   1 
ATOM   1158 O  O   . PHE A 1 142 ? -0.498  -14.052 -5.678  1.00 12.27 ? 515 PHE A O   1 
ATOM   1159 C  CB  . PHE A 1 142 ? -1.111  -10.999 -4.521  1.00 20.10 ? 515 PHE A CB  1 
ATOM   1160 C  CG  . PHE A 1 142 ? 0.243   -10.725 -5.145  1.00 20.01 ? 515 PHE A CG  1 
ATOM   1161 C  CD1 . PHE A 1 142 ? 0.373   -9.898  -6.243  1.00 17.18 ? 515 PHE A CD1 1 
ATOM   1162 C  CD2 . PHE A 1 142 ? 1.388   -11.311 -4.606  1.00 22.34 ? 515 PHE A CD2 1 
ATOM   1163 C  CE1 . PHE A 1 142 ? 1.600   -9.655  -6.818  1.00 19.92 ? 515 PHE A CE1 1 
ATOM   1164 C  CE2 . PHE A 1 142 ? 2.637   -11.058 -5.160  1.00 24.02 ? 515 PHE A CE2 1 
ATOM   1165 C  CZ  . PHE A 1 142 ? 2.746   -10.220 -6.259  1.00 22.76 ? 515 PHE A CZ  1 
ATOM   1166 N  N   . PHE A 1 143 ? -1.370  -14.099 -3.630  1.00 17.16 ? 516 PHE A N   1 
ATOM   1167 C  CA  . PHE A 1 143 ? -0.715  -15.343 -3.307  1.00 17.61 ? 516 PHE A CA  1 
ATOM   1168 C  C   . PHE A 1 143 ? -0.869  -16.452 -4.291  1.00 19.08 ? 516 PHE A C   1 
ATOM   1169 O  O   . PHE A 1 143 ? 0.115   -16.997 -4.846  1.00 25.49 ? 516 PHE A O   1 
ATOM   1170 C  CB  . PHE A 1 143 ? -1.012  -15.760 -1.867  1.00 19.49 ? 516 PHE A CB  1 
ATOM   1171 C  CG  . PHE A 1 143 ? -0.478  -17.127 -1.482  1.00 21.36 ? 516 PHE A CG  1 
ATOM   1172 C  CD1 . PHE A 1 143 ? 0.878   -17.381 -1.437  1.00 21.74 ? 516 PHE A CD1 1 
ATOM   1173 C  CD2 . PHE A 1 143 ? -1.355  -18.174 -1.209  1.00 23.44 ? 516 PHE A CD2 1 
ATOM   1174 C  CE1 . PHE A 1 143 ? 1.372   -18.639 -1.135  1.00 20.32 ? 516 PHE A CE1 1 
ATOM   1175 C  CE2 . PHE A 1 143 ? -0.874  -19.413 -0.843  1.00 25.37 ? 516 PHE A CE2 1 
ATOM   1176 C  CZ  . PHE A 1 143 ? 0.493   -19.650 -0.781  1.00 21.43 ? 516 PHE A CZ  1 
ATOM   1177 N  N   . PRO A 1 144 ? -2.091  -16.899 -4.591  1.00 21.35 ? 517 PRO A N   1 
ATOM   1178 C  CA  . PRO A 1 144 ? -2.270  -18.000 -5.533  1.00 23.43 ? 517 PRO A CA  1 
ATOM   1179 C  C   . PRO A 1 144 ? -1.706  -17.771 -6.909  1.00 25.40 ? 517 PRO A C   1 
ATOM   1180 O  O   . PRO A 1 144 ? -1.565  -18.683 -7.748  1.00 27.94 ? 517 PRO A O   1 
ATOM   1181 C  CB  . PRO A 1 144 ? -3.784  -18.197 -5.565  1.00 25.06 ? 517 PRO A CB  1 
ATOM   1182 C  CG  . PRO A 1 144 ? -4.358  -16.888 -5.103  1.00 25.70 ? 517 PRO A CG  1 
ATOM   1183 C  CD  . PRO A 1 144 ? -3.371  -16.367 -4.087  1.00 24.05 ? 517 PRO A CD  1 
ATOM   1184 N  N   . GLN A 1 145 ? -1.342  -16.538 -7.268  1.00 26.91 ? 518 GLN A N   1 
ATOM   1185 C  CA  . GLN A 1 145 ? -0.819  -16.299 -8.609  1.00 28.75 ? 518 GLN A CA  1 
ATOM   1186 C  C   . GLN A 1 145 ? 0.694   -16.179 -8.646  1.00 26.85 ? 518 GLN A C   1 
ATOM   1187 O  O   . GLN A 1 145 ? 1.332   -16.562 -9.629  1.00 29.62 ? 518 GLN A O   1 
ATOM   1188 C  CB  . GLN A 1 145 ? -1.451  -15.010 -9.176  1.00 34.94 ? 518 GLN A CB  1 
ATOM   1189 C  CG  . GLN A 1 145 ? -2.964  -15.153 -9.337  1.00 47.34 ? 518 GLN A CG  1 
ATOM   1190 C  CD  . GLN A 1 145 ? -3.512  -14.446 -10.547 1.00 57.51 ? 518 GLN A CD  1 
ATOM   1191 O  OE1 . GLN A 1 145 ? -4.710  -14.153 -10.619 1.00 75.84 ? 518 GLN A OE1 1 
ATOM   1192 N  NE2 . GLN A 1 145 ? -2.661  -14.150 -11.530 1.00 71.77 ? 518 GLN A NE2 1 
ATOM   1193 N  N   . HIS A 1 146 ? 1.279   -15.607 -7.593  1.00 21.01 ? 519 HIS A N   1 
ATOM   1194 C  CA  . HIS A 1 146 ? 2.736   -15.398 -7.585  1.00 18.22 ? 519 HIS A CA  1 
ATOM   1195 C  C   . HIS A 1 146 ? 3.329   -15.808 -6.262  1.00 18.70 ? 519 HIS A C   1 
ATOM   1196 O  O   . HIS A 1 146 ? 3.932   -15.020 -5.544  1.00 22.37 ? 519 HIS A O   1 
ATOM   1197 C  CB  . HIS A 1 146 ? 2.991   -13.885 -7.826  1.00 16.28 ? 519 HIS A CB  1 
ATOM   1198 C  CG  . HIS A 1 146 ? 2.579   -13.490 -9.214  1.00 18.98 ? 519 HIS A CG  1 
ATOM   1199 N  ND1 . HIS A 1 146 ? 3.333   -13.858 -10.329 1.00 22.14 ? 519 HIS A ND1 1 
ATOM   1200 C  CD2 . HIS A 1 146 ? 1.465   -12.888 -9.681  1.00 19.83 ? 519 HIS A CD2 1 
ATOM   1201 C  CE1 . HIS A 1 146 ? 2.714   -13.431 -11.410 1.00 17.45 ? 519 HIS A CE1 1 
ATOM   1202 N  NE2 . HIS A 1 146 ? 1.593   -12.840 -11.055 1.00 20.53 ? 519 HIS A NE2 1 
ATOM   1203 N  N   . PRO A 1 147 ? 3.172   -17.089 -5.913  1.00 19.75 ? 520 PRO A N   1 
ATOM   1204 C  CA  . PRO A 1 147 ? 3.651   -17.549 -4.623  1.00 22.11 ? 520 PRO A CA  1 
ATOM   1205 C  C   . PRO A 1 147 ? 5.099   -17.341 -4.344  1.00 22.20 ? 520 PRO A C   1 
ATOM   1206 O  O   . PRO A 1 147 ? 5.515   -17.133 -3.187  1.00 22.05 ? 520 PRO A O   1 
ATOM   1207 C  CB  . PRO A 1 147 ? 3.214   -18.995 -4.552  1.00 24.47 ? 520 PRO A CB  1 
ATOM   1208 C  CG  . PRO A 1 147 ? 2.897   -19.405 -5.949  1.00 22.45 ? 520 PRO A CG  1 
ATOM   1209 C  CD  . PRO A 1 147 ? 2.557   -18.165 -6.708  1.00 22.07 ? 520 PRO A CD  1 
ATOM   1210 N  N   . ASN A 1 148 ? 5.972   -17.391 -5.356  1.00 23.82 ? 521 ASN A N   1 
ATOM   1211 C  CA  . ASN A 1 148 ? 7.397   -17.248 -5.077  1.00 23.85 ? 521 ASN A CA  1 
ATOM   1212 C  C   . ASN A 1 148 ? 7.801   -15.826 -4.755  1.00 22.97 ? 521 ASN A C   1 
ATOM   1213 O  O   . ASN A 1 148 ? 8.960   -15.541 -4.402  1.00 23.90 ? 521 ASN A O   1 
ATOM   1214 C  CB  . ASN A 1 148 ? 8.273   -17.923 -6.088  1.00 24.90 ? 521 ASN A CB  1 
ATOM   1215 C  CG  . ASN A 1 148 ? 9.586   -18.425 -5.515  1.00 29.12 ? 521 ASN A CG  1 
ATOM   1216 O  OD1 . ASN A 1 148 ? 9.757   -18.482 -4.295  1.00 35.30 ? 521 ASN A OD1 1 
ATOM   1217 N  ND2 . ASN A 1 148 ? 10.525  -18.773 -6.386  1.00 31.80 ? 521 ASN A ND2 1 
ATOM   1218 N  N   . PHE A 1 149 ? 6.849   -14.910 -4.824  1.00 21.29 ? 522 PHE A N   1 
ATOM   1219 C  CA  . PHE A 1 149 ? 7.069   -13.516 -4.450  1.00 21.22 ? 522 PHE A CA  1 
ATOM   1220 C  C   . PHE A 1 149 ? 6.574   -13.247 -3.032  1.00 18.86 ? 522 PHE A C   1 
ATOM   1221 O  O   . PHE A 1 149 ? 6.535   -12.111 -2.566  1.00 20.71 ? 522 PHE A O   1 
ATOM   1222 C  CB  . PHE A 1 149 ? 6.348   -12.592 -5.471  1.00 19.42 ? 522 PHE A CB  1 
ATOM   1223 C  CG  . PHE A 1 149 ? 7.167   -12.524 -6.767  1.00 21.47 ? 522 PHE A CG  1 
ATOM   1224 C  CD1 . PHE A 1 149 ? 6.877   -13.334 -7.840  1.00 24.65 ? 522 PHE A CD1 1 
ATOM   1225 C  CD2 . PHE A 1 149 ? 8.253   -11.663 -6.849  1.00 23.25 ? 522 PHE A CD2 1 
ATOM   1226 C  CE1 . PHE A 1 149 ? 7.649   -13.302 -9.001  1.00 23.09 ? 522 PHE A CE1 1 
ATOM   1227 C  CE2 . PHE A 1 149 ? 9.037   -11.638 -7.986  1.00 22.45 ? 522 PHE A CE2 1 
ATOM   1228 C  CZ  . PHE A 1 149 ? 8.758   -12.478 -9.056  1.00 20.03 ? 522 PHE A CZ  1 
ATOM   1229 N  N   . CYS A 1 150 ? 6.189   -14.308 -2.331  1.00 16.78 ? 523 CYS A N   1 
ATOM   1230 C  CA  . CYS A 1 150 ? 5.694   -14.263 -0.984  1.00 13.69 ? 523 CYS A CA  1 
ATOM   1231 C  C   . CYS A 1 150 ? 6.581   -15.026 -0.004  1.00 22.93 ? 523 CYS A C   1 
ATOM   1232 O  O   . CYS A 1 150 ? 7.207   -16.025 -0.336  1.00 28.34 ? 523 CYS A O   1 
ATOM   1233 C  CB  . CYS A 1 150 ? 4.260   -14.774 -0.882  1.00 15.28 ? 523 CYS A CB  1 
ATOM   1234 S  SG  . CYS A 1 150 ? 3.103   -13.962 -2.036  1.00 23.21 ? 523 CYS A SG  1 
ATOM   1235 N  N   . GLU A 1 151 ? 6.609   -14.495 1.202   1.00 30.71 ? 524 GLU A N   1 
ATOM   1236 C  CA  . GLU A 1 151 ? 7.446   -15.062 2.260   1.00 36.99 ? 524 GLU A CA  1 
ATOM   1237 C  C   . GLU A 1 151 ? 6.754   -14.906 3.608   1.00 34.09 ? 524 GLU A C   1 
ATOM   1238 O  O   . GLU A 1 151 ? 6.490   -13.753 4.028   1.00 34.72 ? 524 GLU A O   1 
ATOM   1239 C  CB  . GLU A 1 151 ? 8.829   -14.460 2.226   1.00 47.36 ? 524 GLU A CB  1 
ATOM   1240 C  CG  . GLU A 1 151 ? 9.529   -14.191 3.520   1.00 60.96 ? 524 GLU A CG  1 
ATOM   1241 C  CD  . GLU A 1 151 ? 10.122  -15.412 4.189   1.00 72.63 ? 524 GLU A CD  1 
ATOM   1242 O  OE1 . GLU A 1 151 ? 9.666   -16.545 3.895   1.00 86.49 ? 524 GLU A OE1 1 
ATOM   1243 O  OE2 . GLU A 1 151 ? 11.041  -15.252 5.035   1.00 85.89 ? 524 GLU A OE2 1 
ATOM   1244 N  N   . PRO A 1 152 ? 6.428   -15.970 4.285   1.00 29.31 ? 525 PRO A N   1 
ATOM   1245 C  CA  . PRO A 1 152 ? 6.568   -17.359 3.893   1.00 26.54 ? 525 PRO A CA  1 
ATOM   1246 C  C   . PRO A 1 152 ? 5.541   -17.686 2.780   1.00 26.98 ? 525 PRO A C   1 
ATOM   1247 O  O   . PRO A 1 152 ? 4.592   -16.899 2.647   1.00 27.89 ? 525 PRO A O   1 
ATOM   1248 C  CB  . PRO A 1 152 ? 6.107   -18.128 5.148   1.00 26.71 ? 525 PRO A CB  1 
ATOM   1249 C  CG  . PRO A 1 152 ? 5.986   -17.153 6.236   1.00 26.75 ? 525 PRO A CG  1 
ATOM   1250 C  CD  . PRO A 1 152 ? 5.922   -15.786 5.646   1.00 27.76 ? 525 PRO A CD  1 
ATOM   1251 N  N   . GLN A 1 153 ? 5.728   -18.756 2.052   1.00 25.50 ? 526 GLN A N   1 
ATOM   1252 C  CA  . GLN A 1 153 ? 4.775   -19.129 0.997   1.00 28.48 ? 526 GLN A CA  1 
ATOM   1253 C  C   . GLN A 1 153 ? 3.517   -19.736 1.587   1.00 31.16 ? 526 GLN A C   1 
ATOM   1254 O  O   . GLN A 1 153 ? 3.228   -20.930 1.496   1.00 39.14 ? 526 GLN A O   1 
ATOM   1255 C  CB  . GLN A 1 153 ? 5.409   -20.042 -0.029  1.00 32.53 ? 526 GLN A CB  1 
ATOM   1256 C  CG  . GLN A 1 153 ? 5.916   -19.358 -1.283  1.00 39.44 ? 526 GLN A CG  1 
ATOM   1257 C  CD  . GLN A 1 153 ? 6.545   -20.325 -2.273  1.00 42.43 ? 526 GLN A CD  1 
ATOM   1258 O  OE1 . GLN A 1 153 ? 5.933   -21.323 -2.663  1.00 44.47 ? 526 GLN A OE1 1 
ATOM   1259 N  NE2 . GLN A 1 153 ? 7.771   -20.027 -2.683  1.00 41.97 ? 526 GLN A NE2 1 
ATOM   1260 N  N   . ASP A 1 154 ? 2.700   -18.914 2.225   1.00 30.54 ? 527 ASP A N   1 
ATOM   1261 C  CA  . ASP A 1 154 ? 1.493   -19.393 2.876   1.00 27.34 ? 527 ASP A CA  1 
ATOM   1262 C  C   . ASP A 1 154 ? 0.484   -18.257 3.017   1.00 26.64 ? 527 ASP A C   1 
ATOM   1263 O  O   . ASP A 1 154 ? 0.817   -17.108 2.674   1.00 25.24 ? 527 ASP A O   1 
ATOM   1264 C  CB  . ASP A 1 154 ? 1.826   -19.994 4.246   1.00 27.45 ? 527 ASP A CB  1 
ATOM   1265 C  CG  . ASP A 1 154 ? 0.648   -20.891 4.672   1.00 31.01 ? 527 ASP A CG  1 
ATOM   1266 O  OD1 . ASP A 1 154 ? -0.217  -21.129 3.799   1.00 28.52 ? 527 ASP A OD1 1 
ATOM   1267 O  OD2 . ASP A 1 154 ? 0.575   -21.247 5.841   1.00 42.47 ? 527 ASP A OD2 1 
ATOM   1268 N  N   . TYR A 1 155 ? -0.723  -18.531 3.450   1.00 26.04 ? 528 TYR A N   1 
ATOM   1269 C  CA  . TYR A 1 155 ? -1.749  -17.508 3.576   1.00 26.10 ? 528 TYR A CA  1 
ATOM   1270 C  C   . TYR A 1 155 ? -2.629  -17.755 4.802   1.00 29.83 ? 528 TYR A C   1 
ATOM   1271 O  O   . TYR A 1 155 ? -3.285  -18.781 4.918   1.00 42.26 ? 528 TYR A O   1 
ATOM   1272 C  CB  . TYR A 1 155 ? -2.573  -17.343 2.339   1.00 25.45 ? 528 TYR A CB  1 
ATOM   1273 C  CG  . TYR A 1 155 ? -3.879  -16.614 2.425   1.00 27.48 ? 528 TYR A CG  1 
ATOM   1274 C  CD1 . TYR A 1 155 ? -4.038  -15.378 3.031   1.00 25.05 ? 528 TYR A CD1 1 
ATOM   1275 C  CD2 . TYR A 1 155 ? -5.015  -17.170 1.806   1.00 29.66 ? 528 TYR A CD2 1 
ATOM   1276 C  CE1 . TYR A 1 155 ? -5.270  -14.738 3.066   1.00 23.62 ? 528 TYR A CE1 1 
ATOM   1277 C  CE2 . TYR A 1 155 ? -6.228  -16.545 1.845   1.00 29.53 ? 528 TYR A CE2 1 
ATOM   1278 C  CZ  . TYR A 1 155 ? -6.359  -15.324 2.482   1.00 26.75 ? 528 TYR A CZ  1 
ATOM   1279 O  OH  . TYR A 1 155 ? -7.595  -14.709 2.488   1.00 29.24 ? 528 TYR A OH  1 
ATOM   1280 N  N   . ARG A 1 156 ? -2.667  -16.738 5.650   1.00 28.45 ? 529 ARG A N   1 
ATOM   1281 C  CA  . ARG A 1 156 ? -3.457  -16.748 6.859   1.00 24.16 ? 529 ARG A CA  1 
ATOM   1282 C  C   . ARG A 1 156 ? -4.531  -15.659 6.823   1.00 23.99 ? 529 ARG A C   1 
ATOM   1283 O  O   . ARG A 1 156 ? -4.228  -14.466 6.896   1.00 30.35 ? 529 ARG A O   1 
ATOM   1284 C  CB  . ARG A 1 156 ? -2.550  -16.565 8.075   1.00 21.67 ? 529 ARG A CB  1 
ATOM   1285 C  CG  . ARG A 1 156 ? -3.316  -16.675 9.398   1.00 24.11 ? 529 ARG A CG  1 
ATOM   1286 C  CD  . ARG A 1 156 ? -2.369  -16.431 10.557  1.00 25.21 ? 529 ARG A CD  1 
ATOM   1287 N  NE  . ARG A 1 156 ? -1.356  -17.467 10.671  1.00 25.83 ? 529 ARG A NE  1 
ATOM   1288 C  CZ  . ARG A 1 156 ? -0.174  -17.301 11.249  1.00 27.95 ? 529 ARG A CZ  1 
ATOM   1289 N  NH1 . ARG A 1 156 ? 0.158   -16.119 11.772  1.00 40.17 ? 529 ARG A NH1 1 
ATOM   1290 N  NH2 . ARG A 1 156 ? 0.674   -18.307 11.325  1.00 37.61 ? 529 ARG A NH2 1 
ATOM   1291 N  N   . PRO A 1 157 ? -5.761  -16.082 6.662   1.00 20.46 ? 530 PRO A N   1 
ATOM   1292 C  CA  . PRO A 1 157 ? -6.936  -15.247 6.645   1.00 22.30 ? 530 PRO A CA  1 
ATOM   1293 C  C   . PRO A 1 157 ? -7.236  -14.625 8.010   1.00 24.88 ? 530 PRO A C   1 
ATOM   1294 O  O   . PRO A 1 157 ? -7.055  -15.265 9.038   1.00 30.50 ? 530 PRO A O   1 
ATOM   1295 C  CB  . PRO A 1 157 ? -8.056  -16.216 6.256   1.00 23.24 ? 530 PRO A CB  1 
ATOM   1296 C  CG  . PRO A 1 157 ? -7.330  -17.323 5.535   1.00 25.56 ? 530 PRO A CG  1 
ATOM   1297 C  CD  . PRO A 1 157 ? -6.051  -17.487 6.340   1.00 22.77 ? 530 PRO A CD  1 
ATOM   1298 N  N   . MET A 1 158 ? -7.676  -13.369 7.983   1.00 25.24 ? 531 MET A N   1 
ATOM   1299 C  CA  . MET A 1 158 ? -7.956  -12.619 9.188   1.00 25.30 ? 531 MET A CA  1 
ATOM   1300 C  C   . MET A 1 158 ? -8.917  -13.405 10.110  1.00 26.84 ? 531 MET A C   1 
ATOM   1301 O  O   . MET A 1 158 ? -8.766  -13.358 11.327  1.00 22.97 ? 531 MET A O   1 
ATOM   1302 C  CB  . MET A 1 158 ? -8.648  -11.278 8.837   1.00 19.88 ? 531 MET A CB  1 
ATOM   1303 C  CG  . MET A 1 158 ? -8.910  -10.448 10.097  1.00 18.56 ? 531 MET A CG  1 
ATOM   1304 S  SD  . MET A 1 158 ? -9.812  -8.935  9.719   1.00 29.34 ? 531 MET A SD  1 
ATOM   1305 C  CE  . MET A 1 158 ? -11.460 -9.398  10.261  1.00 23.92 ? 531 MET A CE  1 
ATOM   1306 N  N   . ASN A 1 159 ? -9.867  -14.064 9.488   1.00 26.84 ? 532 ASN A N   1 
ATOM   1307 C  CA  . ASN A 1 159 ? -10.883 -14.845 10.150  1.00 31.85 ? 532 ASN A CA  1 
ATOM   1308 C  C   . ASN A 1 159 ? -10.402 -16.227 10.533  1.00 33.49 ? 532 ASN A C   1 
ATOM   1309 O  O   . ASN A 1 159 ? -11.188 -17.085 10.939  1.00 39.53 ? 532 ASN A O   1 
ATOM   1310 C  CB  . ASN A 1 159 ? -12.158 -14.904 9.314   1.00 38.66 ? 532 ASN A CB  1 
ATOM   1311 C  CG  . ASN A 1 159 ? -13.015 -13.659 9.487   1.00 49.72 ? 532 ASN A CG  1 
ATOM   1312 O  OD1 . ASN A 1 159 ? -13.293 -13.225 10.611  1.00 63.96 ? 532 ASN A OD1 1 
ATOM   1313 N  ND2 . ASN A 1 159 ? -13.468 -13.080 8.373   1.00 58.99 ? 532 ASN A ND2 1 
ATOM   1314 N  N   . HIS A 1 160 ? -9.096  -16.465 10.439  1.00 33.77 ? 533 HIS A N   1 
ATOM   1315 C  CA  . HIS A 1 160 ? -8.545  -17.760 10.805  1.00 39.01 ? 533 HIS A CA  1 
ATOM   1316 C  C   . HIS A 1 160 ? -8.953  -18.153 12.241  1.00 42.74 ? 533 HIS A C   1 
ATOM   1317 O  O   . HIS A 1 160 ? -8.532  -17.475 13.186  1.00 33.97 ? 533 HIS A O   1 
ATOM   1318 C  CB  . HIS A 1 160 ? -7.020  -17.769 10.688  1.00 40.02 ? 533 HIS A CB  1 
ATOM   1319 C  CG  . HIS A 1 160 ? -6.455  -19.158 10.733  1.00 45.69 ? 533 HIS A CG  1 
ATOM   1320 N  ND1 . HIS A 1 160 ? -6.603  -19.977 11.833  1.00 47.12 ? 533 HIS A ND1 1 
ATOM   1321 C  CD2 . HIS A 1 160 ? -5.804  -19.891 9.807   1.00 47.72 ? 533 HIS A CD2 1 
ATOM   1322 C  CE1 . HIS A 1 160 ? -6.028  -21.138 11.593  1.00 47.95 ? 533 HIS A CE1 1 
ATOM   1323 N  NE2 . HIS A 1 160 ? -5.531  -21.116 10.369  1.00 47.69 ? 533 HIS A NE2 1 
ATOM   1324 N  N   . GLU A 1 161 ? -9.736  -19.193 12.329  1.00 48.07 ? 534 GLU A N   1 
ATOM   1325 C  CA  . GLU A 1 161 ? -10.372 -19.837 13.402  1.00 51.47 ? 534 GLU A CA  1 
ATOM   1326 C  C   . GLU A 1 161 ? -9.535  -20.093 14.637  1.00 46.91 ? 534 GLU A C   1 
ATOM   1327 O  O   . GLU A 1 161 ? -10.070 -20.216 15.744  1.00 47.79 ? 534 GLU A O   1 
ATOM   1328 C  CB  . GLU A 1 161 ? -11.108 -21.114 12.996  1.00 60.56 ? 534 GLU A CB  1 
ATOM   1329 C  CG  . GLU A 1 161 ? -12.585 -21.092 13.364  1.00 71.41 ? 534 GLU A CG  1 
ATOM   1330 C  CD  . GLU A 1 161 ? -12.983 -22.256 14.250  1.00 81.50 ? 534 GLU A CD  1 
ATOM   1331 O  OE1 . GLU A 1 161 ? -13.023 -22.076 15.489  1.00 95.33 ? 534 GLU A OE1 1 
ATOM   1332 O  OE2 . GLU A 1 161 ? -13.268 -23.351 13.714  1.00 89.81 ? 534 GLU A OE2 1 
ATOM   1333 N  N   . ALA A 1 162 ? -8.226  -20.167 14.463  1.00 41.76 ? 535 ALA A N   1 
ATOM   1334 C  CA  . ALA A 1 162 ? -7.285  -20.371 15.527  1.00 37.35 ? 535 ALA A CA  1 
ATOM   1335 C  C   . ALA A 1 162 ? -6.640  -19.074 16.010  1.00 36.27 ? 535 ALA A C   1 
ATOM   1336 O  O   . ALA A 1 162 ? -5.771  -19.131 16.878  1.00 28.24 ? 535 ALA A O   1 
ATOM   1337 C  CB  . ALA A 1 162 ? -6.194  -21.347 15.117  1.00 32.02 ? 535 ALA A CB  1 
ATOM   1338 N  N   . PHE A 1 163 ? -7.035  -17.938 15.442  1.00 37.36 ? 536 PHE A N   1 
ATOM   1339 C  CA  . PHE A 1 163 ? -6.431  -16.656 15.855  1.00 35.58 ? 536 PHE A CA  1 
ATOM   1340 C  C   . PHE A 1 163 ? -7.519  -15.687 16.308  1.00 33.96 ? 536 PHE A C   1 
ATOM   1341 O  O   . PHE A 1 163 ? -7.347  -14.476 16.281  1.00 29.31 ? 536 PHE A O   1 
ATOM   1342 C  CB  . PHE A 1 163 ? -5.644  -16.041 14.690  1.00 33.73 ? 536 PHE A CB  1 
ATOM   1343 C  CG  . PHE A 1 163 ? -4.350  -16.773 14.368  1.00 33.44 ? 536 PHE A CG  1 
ATOM   1344 C  CD1 . PHE A 1 163 ? -4.355  -17.871 13.517  1.00 35.31 ? 536 PHE A CD1 1 
ATOM   1345 C  CD2 . PHE A 1 163 ? -3.151  -16.390 14.929  1.00 31.97 ? 536 PHE A CD2 1 
ATOM   1346 C  CE1 . PHE A 1 163 ? -3.195  -18.580 13.267  1.00 33.70 ? 536 PHE A CE1 1 
ATOM   1347 C  CE2 . PHE A 1 163 ? -1.989  -17.106 14.699  1.00 29.24 ? 536 PHE A CE2 1 
ATOM   1348 C  CZ  . PHE A 1 163 ? -2.018  -18.230 13.900  1.00 29.75 ? 536 PHE A CZ  1 
ATOM   1349 N  N   . LYS A 1 164 ? -8.653  -16.244 16.721  1.00 35.41 ? 537 LYS A N   1 
ATOM   1350 C  CA  . LYS A 1 164 ? -9.767  -15.441 17.176  1.00 42.17 ? 537 LYS A CA  1 
ATOM   1351 C  C   . LYS A 1 164 ? -9.395  -14.511 18.306  1.00 41.88 ? 537 LYS A C   1 
ATOM   1352 O  O   . LYS A 1 164 ? -9.740  -13.315 18.313  1.00 40.04 ? 537 LYS A O   1 
ATOM   1353 C  CB  . LYS A 1 164 ? -10.967 -16.310 17.548  1.00 50.11 ? 537 LYS A CB  1 
ATOM   1354 C  CG  . LYS A 1 164 ? -11.689 -16.926 16.354  1.00 57.75 ? 537 LYS A CG  1 
ATOM   1355 C  CD  . LYS A 1 164 ? -12.821 -17.838 16.811  1.00 63.31 ? 537 LYS A CD  1 
ATOM   1356 C  CE  . LYS A 1 164 ? -12.646 -19.253 16.260  1.00 65.68 ? 537 LYS A CE  1 
ATOM   1357 N  NZ  . LYS A 1 164 ? -13.180 -20.276 17.211  1.00 64.74 ? 537 LYS A NZ  1 
ATOM   1358 N  N   . ASP A 1 165 ? -8.677  -15.013 19.315  1.00 40.65 ? 538 ASP A N   1 
ATOM   1359 C  CA  . ASP A 1 165 ? -8.328  -14.145 20.436  1.00 42.40 ? 538 ASP A CA  1 
ATOM   1360 C  C   . ASP A 1 165 ? -7.413  -13.010 20.029  1.00 39.32 ? 538 ASP A C   1 
ATOM   1361 O  O   . ASP A 1 165 ? -7.593  -11.872 20.487  1.00 34.58 ? 538 ASP A O   1 
ATOM   1362 C  CB  . ASP A 1 165 ? -7.847  -14.899 21.639  1.00 48.65 ? 538 ASP A CB  1 
ATOM   1363 C  CG  . ASP A 1 165 ? -8.938  -15.608 22.418  1.00 56.04 ? 538 ASP A CG  1 
ATOM   1364 O  OD1 . ASP A 1 165 ? -10.131 -15.486 22.071  1.00 53.39 ? 538 ASP A OD1 1 
ATOM   1365 O  OD2 . ASP A 1 165 ? -8.596  -16.303 23.408  1.00 74.69 ? 538 ASP A OD2 1 
ATOM   1366 N  N   . GLU A 1 166 ? -6.444  -13.301 19.171  1.00 36.53 ? 539 GLU A N   1 
ATOM   1367 C  CA  . GLU A 1 166 ? -5.506  -12.303 18.676  1.00 36.89 ? 539 GLU A CA  1 
ATOM   1368 C  C   . GLU A 1 166 ? -6.222  -11.229 17.893  1.00 31.56 ? 539 GLU A C   1 
ATOM   1369 O  O   . GLU A 1 166 ? -5.849  -10.058 17.841  1.00 26.50 ? 539 GLU A O   1 
ATOM   1370 C  CB  . GLU A 1 166 ? -4.421  -12.968 17.822  1.00 44.17 ? 539 GLU A CB  1 
ATOM   1371 C  CG  . GLU A 1 166 ? -3.158  -13.304 18.589  1.00 53.32 ? 539 GLU A CG  1 
ATOM   1372 C  CD  . GLU A 1 166 ? -3.069  -14.740 19.042  1.00 62.31 ? 539 GLU A CD  1 
ATOM   1373 O  OE1 . GLU A 1 166 ? -2.442  -15.005 20.107  1.00 77.31 ? 539 GLU A OE1 1 
ATOM   1374 O  OE2 . GLU A 1 166 ? -3.602  -15.639 18.355  1.00 70.15 ? 539 GLU A OE2 1 
ATOM   1375 N  N   . LEU A 1 167 ? -7.343  -11.621 17.250  1.00 30.21 ? 540 LEU A N   1 
ATOM   1376 C  CA  . LEU A 1 167 ? -8.067  -10.578 16.503  1.00 26.84 ? 540 LEU A CA  1 
ATOM   1377 C  C   . LEU A 1 167 ? -8.690  -9.589  17.487  1.00 30.09 ? 540 LEU A C   1 
ATOM   1378 O  O   . LEU A 1 167 ? -8.626  -8.378  17.290  1.00 26.76 ? 540 LEU A O   1 
ATOM   1379 C  CB  . LEU A 1 167 ? -9.151  -11.192 15.629  1.00 25.24 ? 540 LEU A CB  1 
ATOM   1380 C  CG  . LEU A 1 167 ? -10.028 -10.196 14.863  1.00 30.60 ? 540 LEU A CG  1 
ATOM   1381 C  CD1 . LEU A 1 167 ? -10.257 -10.659 13.439  1.00 35.70 ? 540 LEU A CD1 1 
ATOM   1382 C  CD2 . LEU A 1 167 ? -11.351 -9.982  15.589  1.00 44.27 ? 540 LEU A CD2 1 
ATOM   1383 N  N   . LYS A 1 168 ? -9.326  -10.129 18.523  1.00 30.89 ? 541 LYS A N   1 
ATOM   1384 C  CA  . LYS A 1 168 ? -9.980  -9.267  19.521  1.00 32.62 ? 541 LYS A CA  1 
ATOM   1385 C  C   . LYS A 1 168 ? -8.938  -8.360  20.183  1.00 33.88 ? 541 LYS A C   1 
ATOM   1386 O  O   . LYS A 1 168 ? -9.111  -7.154  20.298  1.00 27.62 ? 541 LYS A O   1 
ATOM   1387 C  CB  . LYS A 1 168 ? -10.617 -10.178 20.595  1.00 34.59 ? 541 LYS A CB  1 
ATOM   1388 C  CG  . LYS A 1 168 ? -12.111 -10.318 20.444  1.00 37.96 ? 541 LYS A CG  1 
ATOM   1389 C  CD  . LYS A 1 168 ? -12.619 -11.681 20.865  1.00 44.24 ? 541 LYS A CD  1 
ATOM   1390 C  CE  . LYS A 1 168 ? -13.127 -12.464 19.656  1.00 52.19 ? 541 LYS A CE  1 
ATOM   1391 N  NZ  . LYS A 1 168 ? -14.232 -13.402 20.009  1.00 64.74 ? 541 LYS A NZ  1 
ATOM   1392 N  N   . THR A 1 169 ? -7.843  -8.966  20.621  1.00 37.84 ? 542 THR A N   1 
ATOM   1393 C  CA  . THR A 1 169 ? -6.753  -8.231  21.279  1.00 38.33 ? 542 THR A CA  1 
ATOM   1394 C  C   . THR A 1 169 ? -6.316  -7.056  20.413  1.00 34.68 ? 542 THR A C   1 
ATOM   1395 O  O   . THR A 1 169 ? -6.151  -5.932  20.844  1.00 33.95 ? 542 THR A O   1 
ATOM   1396 C  CB  . THR A 1 169 ? -5.516  -9.170  21.408  1.00 41.45 ? 542 THR A CB  1 
ATOM   1397 O  OG1 . THR A 1 169 ? -5.512  -9.805  22.668  1.00 47.50 ? 542 THR A OG1 1 
ATOM   1398 C  CG2 . THR A 1 169 ? -4.244  -8.364  21.254  1.00 52.88 ? 542 THR A CG2 1 
ATOM   1399 N  N   . PHE A 1 170 ? -6.097  -7.368  19.120  1.00 30.55 ? 543 PHE A N   1 
ATOM   1400 C  CA  . PHE A 1 170 ? -5.650  -6.354  18.225  1.00 28.81 ? 543 PHE A CA  1 
ATOM   1401 C  C   . PHE A 1 170 ? -6.571  -5.183  18.067  1.00 29.94 ? 543 PHE A C   1 
ATOM   1402 O  O   . PHE A 1 170 ? -6.151  -4.013  18.071  1.00 25.06 ? 543 PHE A O   1 
ATOM   1403 C  CB  . PHE A 1 170 ? -5.128  -6.883  16.902  1.00 30.26 ? 543 PHE A CB  1 
ATOM   1404 C  CG  . PHE A 1 170 ? -4.216  -5.837  16.236  1.00 31.85 ? 543 PHE A CG  1 
ATOM   1405 C  CD1 . PHE A 1 170 ? -2.890  -5.748  16.621  1.00 32.18 ? 543 PHE A CD1 1 
ATOM   1406 C  CD2 . PHE A 1 170 ? -4.746  -4.958  15.316  1.00 31.20 ? 543 PHE A CD2 1 
ATOM   1407 C  CE1 . PHE A 1 170 ? -2.084  -4.772  16.048  1.00 34.69 ? 543 PHE A CE1 1 
ATOM   1408 C  CE2 . PHE A 1 170 ? -3.935  -4.003  14.713  1.00 31.35 ? 543 PHE A CE2 1 
ATOM   1409 C  CZ  . PHE A 1 170 ? -2.611  -3.910  15.099  1.00 33.69 ? 543 PHE A CZ  1 
ATOM   1410 N  N   . ARG A 1 171 ? -7.870  -5.448  17.916  1.00 31.37 ? 544 ARG A N   1 
ATOM   1411 C  CA  . ARG A 1 171 ? -8.842  -4.386  17.770  1.00 33.26 ? 544 ARG A CA  1 
ATOM   1412 C  C   . ARG A 1 171 ? -8.881  -3.462  18.979  1.00 33.34 ? 544 ARG A C   1 
ATOM   1413 O  O   . ARG A 1 171 ? -9.300  -2.309  18.868  1.00 28.77 ? 544 ARG A O   1 
ATOM   1414 C  CB  . ARG A 1 171 ? -10.240 -4.965  17.526  1.00 34.26 ? 544 ARG A CB  1 
ATOM   1415 C  CG  . ARG A 1 171 ? -10.349 -5.770  16.240  1.00 38.54 ? 544 ARG A CG  1 
ATOM   1416 C  CD  . ARG A 1 171 ? -11.557 -5.344  15.428  1.00 41.58 ? 544 ARG A CD  1 
ATOM   1417 N  NE  . ARG A 1 171 ? -11.501 -5.848  14.061  1.00 46.86 ? 544 ARG A NE  1 
ATOM   1418 C  CZ  . ARG A 1 171 ? -12.421 -6.605  13.486  1.00 52.27 ? 544 ARG A CZ  1 
ATOM   1419 N  NH1 . ARG A 1 171 ? -13.508 -6.978  14.156  1.00 57.12 ? 544 ARG A NH1 1 
ATOM   1420 N  NH2 . ARG A 1 171 ? -12.258 -7.000  12.226  1.00 58.21 ? 544 ARG A NH2 1 
ATOM   1421 N  N   . LEU A 1 172 ? -8.469  -3.940  20.153  1.00 35.53 ? 545 LEU A N   1 
ATOM   1422 C  CA  . LEU A 1 172 ? -8.543  -3.069  21.349  1.00 35.45 ? 545 LEU A CA  1 
ATOM   1423 C  C   . LEU A 1 172 ? -7.359  -2.103  21.377  1.00 38.46 ? 545 LEU A C   1 
ATOM   1424 O  O   . LEU A 1 172 ? -7.199  -1.355  22.354  1.00 40.20 ? 545 LEU A O   1 
ATOM   1425 C  CB  . LEU A 1 172 ? -8.499  -3.941  22.616  1.00 32.57 ? 545 LEU A CB  1 
ATOM   1426 C  CG  . LEU A 1 172 ? -9.651  -4.901  22.812  1.00 30.39 ? 545 LEU A CG  1 
ATOM   1427 C  CD1 . LEU A 1 172 ? -9.519  -5.743  24.046  1.00 31.01 ? 545 LEU A CD1 1 
ATOM   1428 C  CD2 . LEU A 1 172 ? -10.993 -4.278  22.622  1.00 20.97 ? 545 LEU A CD2 1 
ATOM   1429 N  N   . LYS A 1 173 ? -6.549  -2.150  20.332  1.00 37.92 ? 546 LYS A N   1 
ATOM   1430 C  CA  . LYS A 1 173 ? -5.372  -1.318  20.181  1.00 36.48 ? 546 LYS A CA  1 
ATOM   1431 C  C   . LYS A 1 173 ? -5.620  -0.125  19.244  1.00 34.62 ? 546 LYS A C   1 
ATOM   1432 O  O   . LYS A 1 173 ? -4.808  0.805   19.215  1.00 23.94 ? 546 LYS A O   1 
ATOM   1433 C  CB  . LYS A 1 173 ? -4.211  -2.140  19.613  1.00 36.55 ? 546 LYS A CB  1 
ATOM   1434 C  CG  . LYS A 1 173 ? -2.949  -2.058  20.458  1.00 42.68 ? 546 LYS A CG  1 
ATOM   1435 C  CD  . LYS A 1 173 ? -1.990  -3.190  20.046  1.00 48.52 ? 546 LYS A CD  1 
ATOM   1436 C  CE  . LYS A 1 173 ? -2.468  -4.490  20.698  1.00 53.77 ? 546 LYS A CE  1 
ATOM   1437 N  NZ  . LYS A 1 173 ? -3.554  -4.182  21.698  1.00 60.54 ? 546 LYS A NZ  1 
ATOM   1438 N  N   . THR A 1 174 ? -6.695  -0.197  18.488  1.00 33.73 ? 547 THR A N   1 
ATOM   1439 C  CA  . THR A 1 174 ? -7.089  0.762   17.506  1.00 38.30 ? 547 THR A CA  1 
ATOM   1440 C  C   . THR A 1 174 ? -7.600  2.084   18.105  1.00 42.13 ? 547 THR A C   1 
ATOM   1441 O  O   . THR A 1 174 ? -8.290  2.065   19.126  1.00 49.47 ? 547 THR A O   1 
ATOM   1442 C  CB  . THR A 1 174 ? -8.067  0.260   16.453  1.00 35.08 ? 547 THR A CB  1 
ATOM   1443 O  OG1 . THR A 1 174 ? -9.342  -0.039  17.022  1.00 33.90 ? 547 THR A OG1 1 
ATOM   1444 C  CG2 . THR A 1 174 ? -7.581  -0.991  15.736  1.00 21.97 ? 547 THR A CG2 1 
ATOM   1445 N  N   . ARG A 1 175 ? -7.280  3.157   17.445  1.00 44.00 ? 548 ARG A N   1 
ATOM   1446 C  CA  . ARG A 1 175 ? -7.629  4.543   17.702  1.00 47.94 ? 548 ARG A CA  1 
ATOM   1447 C  C   . ARG A 1 175 ? -9.141  4.682   17.928  1.00 47.01 ? 548 ARG A C   1 
ATOM   1448 O  O   . ARG A 1 175 ? -9.612  5.554   18.643  1.00 50.49 ? 548 ARG A O   1 
ATOM   1449 C  CB  . ARG A 1 175 ? -7.297  5.323   16.396  1.00 53.97 ? 548 ARG A CB  1 
ATOM   1450 C  CG  . ARG A 1 175 ? -6.588  6.631   16.591  1.00 60.09 ? 548 ARG A CG  1 
ATOM   1451 C  CD  . ARG A 1 175 ? -6.737  7.506   15.336  1.00 66.53 ? 548 ARG A CD  1 
ATOM   1452 N  NE  . ARG A 1 175 ? -8.103  7.982   15.176  1.00 71.15 ? 548 ARG A NE  1 
ATOM   1453 C  CZ  . ARG A 1 175 ? -9.093  7.374   14.550  1.00 74.74 ? 548 ARG A CZ  1 
ATOM   1454 N  NH1 . ARG A 1 175 ? -10.298 7.943   14.491  1.00 75.01 ? 548 ARG A NH1 1 
ATOM   1455 N  NH2 . ARG A 1 175 ? -8.916  6.187   13.978  1.00 80.20 ? 548 ARG A NH2 1 
ATOM   1456 N  N   . SER A 1 176 ? -9.896  3.807   17.255  1.00 44.61 ? 549 SER A N   1 
ATOM   1457 C  CA  . SER A 1 176 ? -11.331 3.839   17.348  1.00 44.83 ? 549 SER A CA  1 
ATOM   1458 C  C   . SER A 1 176 ? -12.015 2.673   16.642  1.00 45.45 ? 549 SER A C   1 
ATOM   1459 O  O   . SER A 1 176 ? -11.504 2.083   15.697  1.00 44.01 ? 549 SER A O   1 
ATOM   1460 C  CB  . SER A 1 176 ? -11.861 5.161   16.752  1.00 46.38 ? 549 SER A CB  1 
ATOM   1461 O  OG  . SER A 1 176 ? -13.171 4.946   16.226  1.00 60.48 ? 549 SER A OG  1 
ATOM   1462 N  N   . TRP A 1 177 ? -13.218 2.377   17.114  1.00 46.08 ? 550 TRP A N   1 
ATOM   1463 C  CA  . TRP A 1 177 ? -14.069 1.357   16.548  1.00 49.46 ? 550 TRP A CA  1 
ATOM   1464 C  C   . TRP A 1 177 ? -15.432 1.949   16.183  1.00 56.23 ? 550 TRP A C   1 
ATOM   1465 O  O   . TRP A 1 177 ? -15.633 2.430   15.065  1.00 63.60 ? 550 TRP A O   1 
ATOM   1466 C  CB  . TRP A 1 177 ? -14.176 0.134   17.401  1.00 48.09 ? 550 TRP A CB  1 
ATOM   1467 C  CG  . TRP A 1 177 ? -14.260 0.315   18.880  1.00 46.58 ? 550 TRP A CG  1 
ATOM   1468 C  CD1 . TRP A 1 177 ? -15.402 0.535   19.606  1.00 47.61 ? 550 TRP A CD1 1 
ATOM   1469 C  CD2 . TRP A 1 177 ? -13.186 0.273   19.832  1.00 42.44 ? 550 TRP A CD2 1 
ATOM   1470 N  NE1 . TRP A 1 177 ? -15.097 0.647   20.945  1.00 46.28 ? 550 TRP A NE1 1 
ATOM   1471 C  CE2 . TRP A 1 177 ? -13.745 0.487   21.111  1.00 42.05 ? 550 TRP A CE2 1 
ATOM   1472 C  CE3 . TRP A 1 177 ? -11.806 0.086   19.734  1.00 39.64 ? 550 TRP A CE3 1 
ATOM   1473 C  CZ2 . TRP A 1 177 ? -12.977 0.517   22.275  1.00 38.63 ? 550 TRP A CZ2 1 
ATOM   1474 C  CZ3 . TRP A 1 177 ? -11.049 0.113   20.890  1.00 38.24 ? 550 TRP A CZ3 1 
ATOM   1475 C  CH2 . TRP A 1 177 ? -11.630 0.327   22.149  1.00 37.49 ? 550 TRP A CH2 1 
ATOM   1476 N  N   . ALA A 1 178 ? -16.345 1.977   17.150  1.00 64.42 ? 551 ALA A N   1 
HETATM 1477 S  S   . SO4 B 2 .   ? -10.217 -6.251  4.109   1.00 23.69 ? 552 SO4 A S   1 
HETATM 1478 O  O1  . SO4 B 2 .   ? -10.558 -5.708  2.636   1.00 30.39 ? 552 SO4 A O1  1 
HETATM 1479 O  O2  . SO4 B 2 .   ? -9.936  -4.988  5.072   1.00 30.40 ? 552 SO4 A O2  1 
HETATM 1480 O  O3  . SO4 B 2 .   ? -8.943  -7.209  4.090   1.00 30.87 ? 552 SO4 A O3  1 
HETATM 1481 O  O4  . SO4 B 2 .   ? -11.491 -7.064  4.684   1.00 33.14 ? 552 SO4 A O4  1 
HETATM 1482 S  S   . SO4 C 2 .   ? -6.620  15.028  -2.702  1.00 78.06 ? 553 SO4 A S   1 
HETATM 1483 O  O1  . SO4 C 2 .   ? -7.446  13.664  -2.479  1.00 71.97 ? 553 SO4 A O1  1 
HETATM 1484 O  O2  . SO4 C 2 .   ? -6.783  15.989  -1.424  1.00 70.53 ? 553 SO4 A O2  1 
HETATM 1485 O  O3  . SO4 C 2 .   ? -7.160  15.796  -4.017  1.00 80.41 ? 553 SO4 A O3  1 
HETATM 1486 O  O4  . SO4 C 2 .   ? -5.061  14.670  -2.913  1.00 86.59 ? 553 SO4 A O4  1 
HETATM 1487 CL CL  . CL  D 3 .   ? -5.496  3.063   14.678  1.00 48.56 ? 554 CL  A CL  1 
HETATM 1488 HG HG  . MMC E 4 .   ? -5.224  7.527   -1.342  1.00 25.55 ? 4   MMC A HG  1 
HETATM 1489 C  C   . MMC E 4 .   ? -6.248  8.770   -1.790  1.00 18.20 ? 4   MMC A C   1 
HETATM 1490 O  O   . HOH F 5 .   ? 10.912  -1.588  -10.745 1.00 12.70 ? 555 HOH A O   1 
HETATM 1491 O  O   . HOH F 5 .   ? -0.841  19.771  -0.872  1.00 12.99 ? 556 HOH A O   1 
HETATM 1492 O  O   . HOH F 5 .   ? -0.861  -14.166 5.091   1.00 16.25 ? 557 HOH A O   1 
HETATM 1493 O  O   . HOH F 5 .   ? 20.702  8.254   -1.604  1.00 17.10 ? 558 HOH A O   1 
HETATM 1494 O  O   . HOH F 5 .   ? -3.690  11.810  -6.507  1.00 17.42 ? 559 HOH A O   1 
HETATM 1495 O  O   . HOH F 5 .   ? 3.964   8.847   -4.014  1.00 17.53 ? 560 HOH A O   1 
HETATM 1496 O  O   . HOH F 5 .   ? -7.140  1.280   22.094  1.00 18.23 ? 561 HOH A O   1 
HETATM 1497 O  O   . HOH F 5 .   ? 5.271   17.668  -4.173  1.00 19.04 ? 562 HOH A O   1 
HETATM 1498 O  O   . HOH F 5 .   ? -4.433  13.061  -8.503  1.00 19.13 ? 563 HOH A O   1 
HETATM 1499 O  O   . HOH F 5 .   ? -12.383 -3.971  -5.891  1.00 19.50 ? 564 HOH A O   1 
HETATM 1500 O  O   . HOH F 5 .   ? 2.196   -8.169  2.020   1.00 19.64 ? 565 HOH A O   1 
HETATM 1501 O  O   . HOH F 5 .   ? -11.532 -1.601  -3.203  1.00 20.66 ? 566 HOH A O   1 
HETATM 1502 O  O   . HOH F 5 .   ? -2.284  9.490   -5.926  1.00 21.11 ? 567 HOH A O   1 
HETATM 1503 O  O   . HOH F 5 .   ? 5.564   9.777   -7.955  1.00 21.25 ? 568 HOH A O   1 
HETATM 1504 O  O   . HOH F 5 .   ? -2.200  10.708  -15.504 1.00 21.28 ? 569 HOH A O   1 
HETATM 1505 O  O   . HOH F 5 .   ? 8.430   -1.524  0.879   1.00 22.75 ? 570 HOH A O   1 
HETATM 1506 O  O   . HOH F 5 .   ? -0.335  11.605  0.084   1.00 23.46 ? 571 HOH A O   1 
HETATM 1507 O  O   . HOH F 5 .   ? -2.408  -9.522  -13.365 1.00 23.85 ? 572 HOH A O   1 
HETATM 1508 O  O   . HOH F 5 .   ? -9.528  -4.963  -4.226  1.00 24.90 ? 573 HOH A O   1 
HETATM 1509 O  O   . HOH F 5 .   ? -2.154  -2.456  -13.286 1.00 25.07 ? 574 HOH A O   1 
HETATM 1510 O  O   . HOH F 5 .   ? -11.271 2.928   -9.042  1.00 25.09 ? 575 HOH A O   1 
HETATM 1511 O  O   . HOH F 5 .   ? -3.795  -8.950  -5.907  1.00 26.06 ? 576 HOH A O   1 
HETATM 1512 O  O   . HOH F 5 .   ? 12.367  0.290   -9.014  1.00 26.75 ? 577 HOH A O   1 
HETATM 1513 O  O   . HOH F 5 .   ? -5.042  -12.143 5.572   1.00 27.64 ? 578 HOH A O   1 
HETATM 1514 O  O   . HOH F 5 .   ? -3.688  4.658   15.673  1.00 27.89 ? 579 HOH A O   1 
HETATM 1515 O  O   . HOH F 5 .   ? 6.744   -4.778  8.792   1.00 28.15 ? 580 HOH A O   1 
HETATM 1516 O  O   . HOH F 5 .   ? -2.030  21.129  1.473   1.00 28.47 ? 581 HOH A O   1 
HETATM 1517 O  O   . HOH F 5 .   ? -8.043  2.374   -10.670 1.00 28.94 ? 582 HOH A O   1 
HETATM 1518 O  O   . HOH F 5 .   ? 4.711   21.999  1.861   1.00 29.00 ? 583 HOH A O   1 
HETATM 1519 O  O   . HOH F 5 .   ? -1.472  -10.191 16.123  1.00 29.64 ? 584 HOH A O   1 
HETATM 1520 O  O   . HOH F 5 .   ? -10.882 -9.307  5.828   1.00 30.27 ? 585 HOH A O   1 
HETATM 1521 O  O   . HOH F 5 .   ? -9.872  -15.112 13.807  1.00 31.79 ? 586 HOH A O   1 
HETATM 1522 O  O   . HOH F 5 .   ? -6.957  11.338  -8.903  1.00 32.16 ? 587 HOH A O   1 
HETATM 1523 O  O   . HOH F 5 .   ? -5.125  5.516   -4.546  1.00 32.23 ? 588 HOH A O   1 
HETATM 1524 O  O   . HOH F 5 .   ? -5.458  13.440  -20.076 1.00 32.81 ? 589 HOH A O   1 
HETATM 1525 O  O   . HOH F 5 .   ? 8.859   -17.697 -1.358  1.00 34.74 ? 590 HOH A O   1 
HETATM 1526 O  O   . HOH F 5 .   ? -4.221  6.703   -20.211 1.00 35.16 ? 591 HOH A O   1 
HETATM 1527 O  O   . HOH F 5 .   ? -7.860  11.530  1.519   1.00 35.49 ? 592 HOH A O   1 
HETATM 1528 O  O   . HOH F 5 .   ? -5.422  -1.795  9.381   1.00 36.53 ? 593 HOH A O   1 
HETATM 1529 O  O   . HOH F 5 .   ? -9.103  8.646   -14.551 1.00 37.33 ? 594 HOH A O   1 
HETATM 1530 O  O   . HOH F 5 .   ? -12.637 -14.769 13.982  1.00 38.49 ? 595 HOH A O   1 
HETATM 1531 O  O   . HOH F 5 .   ? -10.996 -13.921 6.081   1.00 38.92 ? 596 HOH A O   1 
HETATM 1532 O  O   . HOH F 5 .   ? -8.510  12.813  -7.656  1.00 39.97 ? 597 HOH A O   1 
HETATM 1533 O  O   . HOH F 5 .   ? -6.006  15.510  -6.692  1.00 40.74 ? 598 HOH A O   1 
HETATM 1534 O  O   . HOH F 5 .   ? 8.117   11.013  -5.872  1.00 40.76 ? 599 HOH A O   1 
HETATM 1535 O  O   . HOH F 5 .   ? 6.611   12.197  -8.544  1.00 40.81 ? 600 HOH A O   1 
HETATM 1536 O  O   . HOH F 5 .   ? -9.223  -12.794 23.856  1.00 42.93 ? 601 HOH A O   1 
HETATM 1537 O  O   . HOH F 5 .   ? -14.594 -8.304  0.139   1.00 43.33 ? 602 HOH A O   1 
HETATM 1538 O  O   . HOH F 5 .   ? -2.530  -9.344  18.056  1.00 43.37 ? 603 HOH A O   1 
HETATM 1539 O  O   . HOH F 5 .   ? -6.268  -14.768 -8.090  1.00 44.62 ? 604 HOH A O   1 
HETATM 1540 O  O   . HOH F 5 .   ? -4.571  3.054   -17.492 1.00 44.74 ? 605 HOH A O   1 
HETATM 1541 O  O   . HOH F 5 .   ? -6.008  0.698   7.390   1.00 44.74 ? 606 HOH A O   1 
HETATM 1542 O  O   . HOH F 5 .   ? -15.625 -9.098  14.459  1.00 44.77 ? 607 HOH A O   1 
HETATM 1543 O  O   . HOH F 5 .   ? 19.267  6.641   -6.476  1.00 44.94 ? 608 HOH A O   1 
HETATM 1544 O  O   . HOH F 5 .   ? -14.733 4.041   19.280  1.00 45.40 ? 609 HOH A O   1 
HETATM 1545 O  O   . HOH F 5 .   ? -5.969  17.630  5.410   1.00 45.70 ? 610 HOH A O   1 
HETATM 1546 O  O   . HOH F 5 .   ? 8.254   11.737  -0.023  1.00 46.80 ? 611 HOH A O   1 
HETATM 1547 O  O   . HOH F 5 .   ? 6.750   15.331  -7.653  1.00 47.22 ? 612 HOH A O   1 
HETATM 1548 O  O   . HOH F 5 .   ? 8.985   8.489   9.144   1.00 47.66 ? 613 HOH A O   1 
HETATM 1549 O  O   . HOH F 5 .   ? -7.538  18.728  -3.134  1.00 47.89 ? 614 HOH A O   1 
HETATM 1550 O  O   . HOH F 5 .   ? -3.353  -18.839 17.944  1.00 47.93 ? 615 HOH A O   1 
HETATM 1551 O  O   . HOH F 5 .   ? 5.071   15.265  9.533   1.00 48.01 ? 616 HOH A O   1 
HETATM 1552 O  O   . HOH F 5 .   ? -5.500  -5.508  22.999  1.00 48.20 ? 617 HOH A O   1 
HETATM 1553 O  O   . HOH F 5 .   ? -11.618 -8.512  -3.245  1.00 48.30 ? 618 HOH A O   1 
HETATM 1554 O  O   . HOH F 5 .   ? -11.012 -8.069  -6.800  1.00 48.44 ? 619 HOH A O   1 
HETATM 1555 O  O   . HOH F 5 .   ? 1.110   -3.244  15.445  1.00 48.60 ? 620 HOH A O   1 
HETATM 1556 O  O   . HOH F 5 .   ? -3.135  -3.113  -16.092 1.00 48.91 ? 621 HOH A O   1 
HETATM 1557 O  O   . HOH F 5 .   ? 8.972   -7.564  4.238   1.00 48.93 ? 622 HOH A O   1 
HETATM 1558 O  O   . HOH F 5 .   ? -9.735  6.401   -10.485 1.00 50.00 ? 623 HOH A O   1 
HETATM 1559 O  O   . HOH F 5 .   ? -13.671 -7.252  3.602   1.00 50.63 ? 624 HOH A O   1 
HETATM 1560 O  O   . HOH F 5 .   ? 9.800   -8.690  8.122   1.00 50.67 ? 625 HOH A O   1 
HETATM 1561 O  O   . HOH F 5 .   ? 8.888   10.380  -13.824 1.00 50.88 ? 626 HOH A O   1 
HETATM 1562 O  O   . HOH F 5 .   ? -10.147 -10.760 -3.311  1.00 51.02 ? 627 HOH A O   1 
HETATM 1563 O  O   . HOH F 5 .   ? -4.182  8.558   14.433  1.00 51.23 ? 628 HOH A O   1 
HETATM 1564 O  O   . HOH F 5 .   ? -1.779  22.712  4.886   1.00 51.49 ? 629 HOH A O   1 
HETATM 1565 O  O   . HOH F 5 .   ? 10.689  5.421   7.469   1.00 51.80 ? 630 HOH A O   1 
HETATM 1566 O  O   . HOH F 5 .   ? -1.846  -6.066  -15.971 1.00 53.93 ? 631 HOH A O   1 
HETATM 1567 O  O   . HOH F 5 .   ? -18.642 1.317   18.561  1.00 53.99 ? 632 HOH A O   1 
HETATM 1568 O  O   . HOH F 5 .   ? 1.362   -11.930 16.604  1.00 54.00 ? 633 HOH A O   1 
HETATM 1569 O  O   . HOH F 5 .   ? 9.390   14.144  -0.692  1.00 54.13 ? 634 HOH A O   1 
HETATM 1570 O  O   . HOH F 5 .   ? -12.795 1.596   3.502   1.00 54.35 ? 635 HOH A O   1 
HETATM 1571 O  O   . HOH F 5 .   ? 3.715   13.798  -17.259 1.00 54.49 ? 636 HOH A O   1 
HETATM 1572 O  O   . HOH F 5 .   ? 8.345   -20.068 2.727   1.00 54.58 ? 637 HOH A O   1 
HETATM 1573 O  O   . HOH F 5 .   ? -1.478  -11.741 -12.570 1.00 55.30 ? 638 HOH A O   1 
HETATM 1574 O  O   . HOH F 5 .   ? -0.634  -22.042 1.745   1.00 55.92 ? 639 HOH A O   1 
HETATM 1575 O  O   . HOH F 5 .   ? 1.896   -0.776  -15.690 1.00 56.18 ? 640 HOH A O   1 
HETATM 1576 O  O   . HOH F 5 .   ? -9.388  -6.334  -12.966 1.00 56.80 ? 641 HOH A O   1 
HETATM 1577 O  O   . HOH F 5 .   ? 6.487   -5.828  11.472  1.00 56.97 ? 642 HOH A O   1 
HETATM 1578 O  O   . HOH F 5 .   ? -8.769  -2.475  11.357  1.00 58.46 ? 643 HOH A O   1 
HETATM 1579 O  O   . HOH F 5 .   ? 17.369  4.045   -3.778  1.00 59.17 ? 644 HOH A O   1 
HETATM 1580 O  O   . HOH F 5 .   ? -9.897  6.727   6.372   1.00 59.38 ? 645 HOH A O   1 
HETATM 1581 O  O   . HOH F 5 .   ? -6.252  9.225   -5.463  1.00 59.56 ? 646 HOH A O   1 
HETATM 1582 O  O   . HOH F 5 .   ? 9.865   -9.248  2.861   1.00 60.28 ? 647 HOH A O   1 
HETATM 1583 O  O   . HOH F 5 .   ? -4.115  5.752   -26.183 1.00 60.37 ? 648 HOH A O   1 
HETATM 1584 O  O   . HOH F 5 .   ? -2.653  -20.923 -9.313  1.00 60.86 ? 649 HOH A O   1 
HETATM 1585 O  O   . HOH F 5 .   ? -6.844  -11.533 -9.978  1.00 61.12 ? 650 HOH A O   1 
HETATM 1586 O  O   . HOH F 5 .   ? -9.231  -20.629 9.939   1.00 62.58 ? 651 HOH A O   1 
HETATM 1587 O  O   . HOH F 5 .   ? 13.486  -1.602  -18.932 1.00 63.85 ? 652 HOH A O   1 
HETATM 1588 O  O   . HOH F 5 .   ? -8.225  -15.948 -4.998  1.00 63.86 ? 653 HOH A O   1 
HETATM 1589 O  O   . HOH F 5 .   ? 3.035   -9.992  16.510  1.00 64.77 ? 654 HOH A O   1 
HETATM 1590 O  O   . HOH F 5 .   ? -7.781  -18.274 19.965  1.00 66.11 ? 655 HOH A O   1 
HETATM 1591 O  O   . HOH F 5 .   ? -11.663 8.673   -12.645 1.00 66.63 ? 656 HOH A O   1 
HETATM 1592 O  O   . HOH F 5 .   ? -6.913  -8.052  -9.794  1.00 66.69 ? 657 HOH A O   1 
HETATM 1593 O  O   . HOH F 5 .   ? 7.101   19.122  -0.310  1.00 67.98 ? 658 HOH A O   1 
HETATM 1594 O  O   . HOH F 5 .   ? -14.114 -2.941  7.714   1.00 68.35 ? 659 HOH A O   1 
HETATM 1595 O  O   . HOH F 5 .   ? -8.089  14.622  1.484   1.00 68.59 ? 660 HOH A O   1 
HETATM 1596 O  O   . HOH F 5 .   ? 4.470   -22.417 3.658   1.00 69.09 ? 661 HOH A O   1 
HETATM 1597 O  O   . HOH F 5 .   ? -9.352  -9.781  24.150  1.00 69.38 ? 662 HOH A O   1 
HETATM 1598 O  O   . HOH F 5 .   ? 7.887   13.641  15.973  1.00 69.90 ? 663 HOH A O   1 
HETATM 1599 O  O   . HOH F 5 .   ? -5.282  -17.343 18.481  1.00 70.70 ? 664 HOH A O   1 
HETATM 1600 O  O   . HOH F 5 .   ? 2.788   8.005   -17.598 1.00 71.00 ? 665 HOH A O   1 
HETATM 1601 O  O   . HOH F 5 .   ? -14.348 4.624   22.577  1.00 72.29 ? 666 HOH A O   1 
HETATM 1602 O  O   . HOH F 5 .   ? 5.751   20.063  6.342   1.00 73.17 ? 667 HOH A O   1 
HETATM 1603 O  O   . HOH F 5 .   ? -7.141  -16.849 -3.164  1.00 73.82 ? 668 HOH A O   1 
HETATM 1604 O  O   . HOH F 5 .   ? 17.621  6.340   -18.260 1.00 75.01 ? 669 HOH A O   1 
HETATM 1605 O  O   . HOH F 5 .   ? -11.457 -4.247  9.711   1.00 75.04 ? 670 HOH A O   1 
HETATM 1606 O  O   . HOH F 5 .   ? 0.781   -8.811  18.232  1.00 75.46 ? 671 HOH A O   1 
HETATM 1607 O  O   . HOH F 5 .   ? -5.769  -21.773 6.155   1.00 75.53 ? 672 HOH A O   1 
HETATM 1608 O  O   . HOH F 5 .   ? -11.942 -5.809  7.240   1.00 76.86 ? 673 HOH A O   1 
HETATM 1609 O  O   . HOH F 5 .   ? -0.037  -21.644 -3.633  1.00 76.91 ? 674 HOH A O   1 
HETATM 1610 O  O   . HOH F 5 .   ? 0.456   -15.034 16.703  1.00 80.32 ? 675 HOH A O   1 
HETATM 1611 O  O   . HOH F 5 .   ? -5.122  15.647  14.450  1.00 81.72 ? 676 HOH A O   1 
HETATM 1612 O  O   . HOH F 5 .   ? -5.643  11.833  12.936  1.00 82.83 ? 677 HOH A O   1 
HETATM 1613 O  O   . HOH F 5 .   ? -7.668  4.912   -12.803 1.00 83.21 ? 678 HOH A O   1 
HETATM 1614 O  O   . HOH F 5 .   ? -9.320  -19.399 3.382   1.00 83.90 ? 679 HOH A O   1 
HETATM 1615 O  O   . HOH F 5 .   ? 2.257   -5.066  -16.857 1.00 87.96 ? 680 HOH A O   1 
HETATM 1616 O  O   . HOH F 5 .   ? -1.767  -17.815 -11.029 1.00 91.00 ? 681 HOH A O   1 
HETATM 1617 O  O   . HOH F 5 .   ? -4.936  21.140  3.179   1.00 91.95 ? 682 HOH A O   1 
HETATM 1618 O  O   . HOH F 5 .   ? -2.936  -22.119 -3.355  1.00 92.43 ? 683 HOH A O   1 
HETATM 1619 O  O   . HOH F 5 .   ? -10.600 -16.048 2.413   1.00 99.75 ? 684 HOH A O   1 
# 
